data_1SBX
# 
_entry.id   1SBX 
# 
_audit_conform.dict_name       mmcif_pdbx.dic 
_audit_conform.dict_version    5.398 
_audit_conform.dict_location   http://mmcif.pdb.org/dictionaries/ascii/mmcif_pdbx.dic 
# 
loop_
_database_2.database_id 
_database_2.database_code 
_database_2.pdbx_database_accession 
_database_2.pdbx_DOI 
PDB   1SBX         pdb_00001sbx 10.2210/pdb1sbx/pdb 
RCSB  RCSB021585   ?            ?                   
WWPDB D_1000021585 ?            ?                   
# 
loop_
_pdbx_audit_revision_history.ordinal 
_pdbx_audit_revision_history.data_content_type 
_pdbx_audit_revision_history.major_revision 
_pdbx_audit_revision_history.minor_revision 
_pdbx_audit_revision_history.revision_date 
1 'Structure model' 1 0 2004-05-25 
2 'Structure model' 1 1 2008-04-29 
3 'Structure model' 1 2 2011-07-13 
4 'Structure model' 1 3 2024-10-30 
# 
_pdbx_audit_revision_details.ordinal             1 
_pdbx_audit_revision_details.revision_ordinal    1 
_pdbx_audit_revision_details.data_content_type   'Structure model' 
_pdbx_audit_revision_details.provider            repository 
_pdbx_audit_revision_details.type                'Initial release' 
_pdbx_audit_revision_details.description         ? 
_pdbx_audit_revision_details.details             ? 
# 
loop_
_pdbx_audit_revision_group.ordinal 
_pdbx_audit_revision_group.revision_ordinal 
_pdbx_audit_revision_group.data_content_type 
_pdbx_audit_revision_group.group 
1 2 'Structure model' 'Version format compliance' 
2 3 'Structure model' 'Version format compliance' 
3 4 'Structure model' 'Data collection'           
4 4 'Structure model' 'Database references'       
5 4 'Structure model' 'Derived calculations'      
6 4 'Structure model' 'Structure summary'         
# 
loop_
_pdbx_audit_revision_category.ordinal 
_pdbx_audit_revision_category.revision_ordinal 
_pdbx_audit_revision_category.data_content_type 
_pdbx_audit_revision_category.category 
1 4 'Structure model' chem_comp_atom            
2 4 'Structure model' chem_comp_bond            
3 4 'Structure model' database_2                
4 4 'Structure model' pdbx_entry_details        
5 4 'Structure model' pdbx_modification_feature 
6 4 'Structure model' struct_conn               
7 4 'Structure model' struct_ref_seq_dif        
# 
loop_
_pdbx_audit_revision_item.ordinal 
_pdbx_audit_revision_item.revision_ordinal 
_pdbx_audit_revision_item.data_content_type 
_pdbx_audit_revision_item.item 
1 4 'Structure model' '_database_2.pdbx_DOI'                
2 4 'Structure model' '_database_2.pdbx_database_accession' 
3 4 'Structure model' '_struct_conn.pdbx_leaving_atom_flag' 
4 4 'Structure model' '_struct_ref_seq_dif.details'         
# 
_pdbx_database_status.status_code                     REL 
_pdbx_database_status.entry_id                        1SBX 
_pdbx_database_status.recvd_initial_deposition_date   2004-02-11 
_pdbx_database_status.deposit_site                    RCSB 
_pdbx_database_status.process_site                    RCSB 
_pdbx_database_status.status_code_sf                  REL 
_pdbx_database_status.SG_entry                        . 
_pdbx_database_status.pdb_format_compatible           Y 
_pdbx_database_status.status_code_mr                  ? 
_pdbx_database_status.status_code_cs                  ? 
_pdbx_database_status.status_code_nmr_data            ? 
_pdbx_database_status.methods_development_category    ? 
# 
loop_
_audit_author.name 
_audit_author.pdbx_ordinal 
'Wilson, J.J.'   1 
'Malakhova, M.'  2 
'Zhang, R.'      3 
'Joachimiak, A.' 4 
'Hegde, R.S.'    5 
# 
_citation.id                        primary 
_citation.title                     'Crystal Structure of the Dachshund Homology Domain of human SKI' 
_citation.journal_abbrev            Structure 
_citation.journal_volume            12 
_citation.page_first                785 
_citation.page_last                 792 
_citation.year                      2004 
_citation.journal_id_ASTM           STRUE6 
_citation.country                   UK 
_citation.journal_id_ISSN           0969-2126 
_citation.journal_id_CSD            2005 
_citation.book_publisher            ? 
_citation.pdbx_database_id_PubMed   15130471 
_citation.pdbx_database_id_DOI      10.1016/j.str.2004.02.035 
# 
loop_
_citation_author.citation_id 
_citation_author.name 
_citation_author.ordinal 
_citation_author.identifier_ORCID 
primary 'Wilson, J.J.'   1 ? 
primary 'Malakhova, M.'  2 ? 
primary 'Zhang, R.'      3 ? 
primary 'Joachimiak, A.' 4 ? 
primary 'Hegde, R.S.'    5 ? 
# 
loop_
_entity.id 
_entity.type 
_entity.src_method 
_entity.pdbx_description 
_entity.formula_weight 
_entity.pdbx_number_of_molecules 
_entity.pdbx_ec 
_entity.pdbx_mutation 
_entity.pdbx_fragment 
_entity.details 
1 polymer man 'Ski oncogene' 11867.272 1  ? ? 'Dachshund-homology domain of human SKI' ? 
2 water   nat water          18.015    79 ? ? ?                                        ? 
# 
_entity_name_com.entity_id   1 
_entity_name_com.name        C-ski 
# 
_entity_poly.entity_id                      1 
_entity_poly.type                           'polypeptide(L)' 
_entity_poly.nstd_linkage                   no 
_entity_poly.nstd_monomer                   yes 
_entity_poly.pdbx_seq_one_letter_code       
;GSH(MSE)F(MSE)PSDRSTERCETVLEGETISCFVVGGEKRLCLPQILNSVLRDFSLQQINAVCDELHIYCSRCTADQL
EILKV(MSE)GILPFSAPSCGLITKTDAERLCNALLYG
;
_entity_poly.pdbx_seq_one_letter_code_can   
;GSHMFMPSDRSTERCETVLEGETISCFVVGGEKRLCLPQILNSVLRDFSLQQINAVCDELHIYCSRCTADQLEILKVMGI
LPFSAPSCGLITKTDAERLCNALLYG
;
_entity_poly.pdbx_strand_id                 A 
_entity_poly.pdbx_target_identifier         ? 
# 
_pdbx_entity_nonpoly.entity_id   2 
_pdbx_entity_nonpoly.name        water 
_pdbx_entity_nonpoly.comp_id     HOH 
# 
loop_
_entity_poly_seq.entity_id 
_entity_poly_seq.num 
_entity_poly_seq.mon_id 
_entity_poly_seq.hetero 
1 1   GLY n 
1 2   SER n 
1 3   HIS n 
1 4   MSE n 
1 5   PHE n 
1 6   MSE n 
1 7   PRO n 
1 8   SER n 
1 9   ASP n 
1 10  ARG n 
1 11  SER n 
1 12  THR n 
1 13  GLU n 
1 14  ARG n 
1 15  CYS n 
1 16  GLU n 
1 17  THR n 
1 18  VAL n 
1 19  LEU n 
1 20  GLU n 
1 21  GLY n 
1 22  GLU n 
1 23  THR n 
1 24  ILE n 
1 25  SER n 
1 26  CYS n 
1 27  PHE n 
1 28  VAL n 
1 29  VAL n 
1 30  GLY n 
1 31  GLY n 
1 32  GLU n 
1 33  LYS n 
1 34  ARG n 
1 35  LEU n 
1 36  CYS n 
1 37  LEU n 
1 38  PRO n 
1 39  GLN n 
1 40  ILE n 
1 41  LEU n 
1 42  ASN n 
1 43  SER n 
1 44  VAL n 
1 45  LEU n 
1 46  ARG n 
1 47  ASP n 
1 48  PHE n 
1 49  SER n 
1 50  LEU n 
1 51  GLN n 
1 52  GLN n 
1 53  ILE n 
1 54  ASN n 
1 55  ALA n 
1 56  VAL n 
1 57  CYS n 
1 58  ASP n 
1 59  GLU n 
1 60  LEU n 
1 61  HIS n 
1 62  ILE n 
1 63  TYR n 
1 64  CYS n 
1 65  SER n 
1 66  ARG n 
1 67  CYS n 
1 68  THR n 
1 69  ALA n 
1 70  ASP n 
1 71  GLN n 
1 72  LEU n 
1 73  GLU n 
1 74  ILE n 
1 75  LEU n 
1 76  LYS n 
1 77  VAL n 
1 78  MSE n 
1 79  GLY n 
1 80  ILE n 
1 81  LEU n 
1 82  PRO n 
1 83  PHE n 
1 84  SER n 
1 85  ALA n 
1 86  PRO n 
1 87  SER n 
1 88  CYS n 
1 89  GLY n 
1 90  LEU n 
1 91  ILE n 
1 92  THR n 
1 93  LYS n 
1 94  THR n 
1 95  ASP n 
1 96  ALA n 
1 97  GLU n 
1 98  ARG n 
1 99  LEU n 
1 100 CYS n 
1 101 ASN n 
1 102 ALA n 
1 103 LEU n 
1 104 LEU n 
1 105 TYR n 
1 106 GLY n 
# 
_entity_src_gen.entity_id                          1 
_entity_src_gen.pdbx_src_id                        1 
_entity_src_gen.pdbx_alt_source_flag               sample 
_entity_src_gen.pdbx_seq_type                      ? 
_entity_src_gen.pdbx_beg_seq_num                   ? 
_entity_src_gen.pdbx_end_seq_num                   ? 
_entity_src_gen.gene_src_common_name               human 
_entity_src_gen.gene_src_genus                     Homo 
_entity_src_gen.pdbx_gene_src_gene                 SKI 
_entity_src_gen.gene_src_species                   ? 
_entity_src_gen.gene_src_strain                    ? 
_entity_src_gen.gene_src_tissue                    ? 
_entity_src_gen.gene_src_tissue_fraction           ? 
_entity_src_gen.gene_src_details                   ? 
_entity_src_gen.pdbx_gene_src_fragment             ? 
_entity_src_gen.pdbx_gene_src_scientific_name      'Homo sapiens' 
_entity_src_gen.pdbx_gene_src_ncbi_taxonomy_id     9606 
_entity_src_gen.pdbx_gene_src_variant              ? 
_entity_src_gen.pdbx_gene_src_cell_line            ? 
_entity_src_gen.pdbx_gene_src_atcc                 ? 
_entity_src_gen.pdbx_gene_src_organ                ? 
_entity_src_gen.pdbx_gene_src_organelle            ? 
_entity_src_gen.pdbx_gene_src_cell                 ? 
_entity_src_gen.pdbx_gene_src_cellular_location    ? 
_entity_src_gen.host_org_common_name               ? 
_entity_src_gen.pdbx_host_org_scientific_name      'Escherichia coli' 
_entity_src_gen.pdbx_host_org_ncbi_taxonomy_id     562 
_entity_src_gen.host_org_genus                     Escherichia 
_entity_src_gen.pdbx_host_org_gene                 ? 
_entity_src_gen.pdbx_host_org_organ                ? 
_entity_src_gen.host_org_species                   ? 
_entity_src_gen.pdbx_host_org_tissue               ? 
_entity_src_gen.pdbx_host_org_tissue_fraction      ? 
_entity_src_gen.pdbx_host_org_strain               B834 
_entity_src_gen.pdbx_host_org_variant              ? 
_entity_src_gen.pdbx_host_org_cell_line            ? 
_entity_src_gen.pdbx_host_org_atcc                 ? 
_entity_src_gen.pdbx_host_org_culture_collection   ? 
_entity_src_gen.pdbx_host_org_cell                 ? 
_entity_src_gen.pdbx_host_org_organelle            ? 
_entity_src_gen.pdbx_host_org_cellular_location    ? 
_entity_src_gen.pdbx_host_org_vector_type          plasmid 
_entity_src_gen.pdbx_host_org_vector               ? 
_entity_src_gen.host_org_details                   ? 
_entity_src_gen.expression_system_id               ? 
_entity_src_gen.plasmid_name                       pET15b 
_entity_src_gen.plasmid_details                    ? 
_entity_src_gen.pdbx_description                   ? 
# 
loop_
_chem_comp.id 
_chem_comp.type 
_chem_comp.mon_nstd_flag 
_chem_comp.name 
_chem_comp.pdbx_synonyms 
_chem_comp.formula 
_chem_comp.formula_weight 
ALA 'L-peptide linking' y ALANINE          ? 'C3 H7 N O2'     89.093  
ARG 'L-peptide linking' y ARGININE         ? 'C6 H15 N4 O2 1' 175.209 
ASN 'L-peptide linking' y ASPARAGINE       ? 'C4 H8 N2 O3'    132.118 
ASP 'L-peptide linking' y 'ASPARTIC ACID'  ? 'C4 H7 N O4'     133.103 
CYS 'L-peptide linking' y CYSTEINE         ? 'C3 H7 N O2 S'   121.158 
GLN 'L-peptide linking' y GLUTAMINE        ? 'C5 H10 N2 O3'   146.144 
GLU 'L-peptide linking' y 'GLUTAMIC ACID'  ? 'C5 H9 N O4'     147.129 
GLY 'peptide linking'   y GLYCINE          ? 'C2 H5 N O2'     75.067  
HIS 'L-peptide linking' y HISTIDINE        ? 'C6 H10 N3 O2 1' 156.162 
HOH non-polymer         . WATER            ? 'H2 O'           18.015  
ILE 'L-peptide linking' y ISOLEUCINE       ? 'C6 H13 N O2'    131.173 
LEU 'L-peptide linking' y LEUCINE          ? 'C6 H13 N O2'    131.173 
LYS 'L-peptide linking' y LYSINE           ? 'C6 H15 N2 O2 1' 147.195 
MET 'L-peptide linking' y METHIONINE       ? 'C5 H11 N O2 S'  149.211 
MSE 'L-peptide linking' n SELENOMETHIONINE ? 'C5 H11 N O2 Se' 196.106 
PHE 'L-peptide linking' y PHENYLALANINE    ? 'C9 H11 N O2'    165.189 
PRO 'L-peptide linking' y PROLINE          ? 'C5 H9 N O2'     115.130 
SER 'L-peptide linking' y SERINE           ? 'C3 H7 N O3'     105.093 
THR 'L-peptide linking' y THREONINE        ? 'C4 H9 N O3'     119.119 
TYR 'L-peptide linking' y TYROSINE         ? 'C9 H11 N O3'    181.189 
VAL 'L-peptide linking' y VALINE           ? 'C5 H11 N O2'    117.146 
# 
loop_
_pdbx_poly_seq_scheme.asym_id 
_pdbx_poly_seq_scheme.entity_id 
_pdbx_poly_seq_scheme.seq_id 
_pdbx_poly_seq_scheme.mon_id 
_pdbx_poly_seq_scheme.ndb_seq_num 
_pdbx_poly_seq_scheme.pdb_seq_num 
_pdbx_poly_seq_scheme.auth_seq_num 
_pdbx_poly_seq_scheme.pdb_mon_id 
_pdbx_poly_seq_scheme.auth_mon_id 
_pdbx_poly_seq_scheme.pdb_strand_id 
_pdbx_poly_seq_scheme.pdb_ins_code 
_pdbx_poly_seq_scheme.hetero 
A 1 1   GLY 1   87  87  GLY GLY A . n 
A 1 2   SER 2   88  88  SER SER A . n 
A 1 3   HIS 3   89  89  HIS HIS A . n 
A 1 4   MSE 4   90  90  MSE MSE A . n 
A 1 5   PHE 5   91  91  PHE PHE A . n 
A 1 6   MSE 6   92  92  MSE MSE A . n 
A 1 7   PRO 7   93  93  PRO PRO A . n 
A 1 8   SER 8   94  94  SER SER A . n 
A 1 9   ASP 9   95  95  ASP ASP A . n 
A 1 10  ARG 10  96  96  ARG ARG A . n 
A 1 11  SER 11  97  97  SER SER A . n 
A 1 12  THR 12  98  98  THR THR A . n 
A 1 13  GLU 13  99  99  GLU GLU A . n 
A 1 14  ARG 14  100 100 ARG ARG A . n 
A 1 15  CYS 15  101 101 CYS CYS A . n 
A 1 16  GLU 16  102 102 GLU GLU A . n 
A 1 17  THR 17  103 103 THR THR A . n 
A 1 18  VAL 18  104 104 VAL VAL A . n 
A 1 19  LEU 19  105 105 LEU LEU A . n 
A 1 20  GLU 20  106 106 GLU GLU A . n 
A 1 21  GLY 21  107 107 GLY GLY A . n 
A 1 22  GLU 22  108 108 GLU GLU A . n 
A 1 23  THR 23  109 109 THR THR A . n 
A 1 24  ILE 24  110 110 ILE ILE A . n 
A 1 25  SER 25  111 111 SER SER A . n 
A 1 26  CYS 26  112 112 CYS CYS A . n 
A 1 27  PHE 27  113 113 PHE PHE A . n 
A 1 28  VAL 28  114 114 VAL VAL A . n 
A 1 29  VAL 29  115 115 VAL VAL A . n 
A 1 30  GLY 30  116 116 GLY GLY A . n 
A 1 31  GLY 31  117 117 GLY GLY A . n 
A 1 32  GLU 32  118 118 GLU GLU A . n 
A 1 33  LYS 33  119 119 LYS LYS A . n 
A 1 34  ARG 34  120 120 ARG ARG A . n 
A 1 35  LEU 35  121 121 LEU LEU A . n 
A 1 36  CYS 36  122 122 CYS CYS A . n 
A 1 37  LEU 37  123 123 LEU LEU A . n 
A 1 38  PRO 38  124 124 PRO PRO A . n 
A 1 39  GLN 39  125 125 GLN GLN A . n 
A 1 40  ILE 40  126 126 ILE ILE A . n 
A 1 41  LEU 41  127 127 LEU LEU A . n 
A 1 42  ASN 42  128 128 ASN ASN A . n 
A 1 43  SER 43  129 129 SER SER A . n 
A 1 44  VAL 44  130 130 VAL VAL A . n 
A 1 45  LEU 45  131 131 LEU LEU A . n 
A 1 46  ARG 46  132 132 ARG ARG A . n 
A 1 47  ASP 47  133 133 ASP ASP A . n 
A 1 48  PHE 48  134 134 PHE PHE A . n 
A 1 49  SER 49  135 135 SER SER A . n 
A 1 50  LEU 50  136 136 LEU LEU A . n 
A 1 51  GLN 51  137 137 GLN GLN A . n 
A 1 52  GLN 52  138 138 GLN GLN A . n 
A 1 53  ILE 53  139 139 ILE ILE A . n 
A 1 54  ASN 54  140 140 ASN ASN A . n 
A 1 55  ALA 55  141 141 ALA ALA A . n 
A 1 56  VAL 56  142 142 VAL VAL A . n 
A 1 57  CYS 57  143 143 CYS CYS A . n 
A 1 58  ASP 58  144 144 ASP ASP A . n 
A 1 59  GLU 59  145 145 GLU GLU A . n 
A 1 60  LEU 60  146 146 LEU LEU A . n 
A 1 61  HIS 61  147 147 HIS HIS A . n 
A 1 62  ILE 62  148 148 ILE ILE A . n 
A 1 63  TYR 63  149 149 TYR TYR A . n 
A 1 64  CYS 64  150 150 CYS CYS A . n 
A 1 65  SER 65  151 151 SER SER A . n 
A 1 66  ARG 66  152 152 ARG ARG A . n 
A 1 67  CYS 67  153 153 CYS CYS A . n 
A 1 68  THR 68  154 154 THR THR A . n 
A 1 69  ALA 69  155 155 ALA ALA A . n 
A 1 70  ASP 70  156 156 ASP ASP A . n 
A 1 71  GLN 71  157 157 GLN GLN A . n 
A 1 72  LEU 72  158 158 LEU LEU A . n 
A 1 73  GLU 73  159 159 GLU GLU A . n 
A 1 74  ILE 74  160 160 ILE ILE A . n 
A 1 75  LEU 75  161 161 LEU LEU A . n 
A 1 76  LYS 76  162 162 LYS LYS A . n 
A 1 77  VAL 77  163 163 VAL VAL A . n 
A 1 78  MSE 78  164 164 MSE MSE A . n 
A 1 79  GLY 79  165 165 GLY GLY A . n 
A 1 80  ILE 80  166 166 ILE ILE A . n 
A 1 81  LEU 81  167 167 LEU LEU A . n 
A 1 82  PRO 82  168 168 PRO PRO A . n 
A 1 83  PHE 83  169 169 PHE PHE A . n 
A 1 84  SER 84  170 170 SER SER A . n 
A 1 85  ALA 85  171 171 ALA ALA A . n 
A 1 86  PRO 86  172 172 PRO PRO A . n 
A 1 87  SER 87  173 173 SER SER A . n 
A 1 88  CYS 88  174 174 CYS CYS A . n 
A 1 89  GLY 89  175 175 GLY GLY A . n 
A 1 90  LEU 90  176 176 LEU LEU A . n 
A 1 91  ILE 91  177 177 ILE ILE A . n 
A 1 92  THR 92  178 178 THR THR A . n 
A 1 93  LYS 93  179 179 LYS LYS A . n 
A 1 94  THR 94  180 180 THR THR A . n 
A 1 95  ASP 95  181 181 ASP ASP A . n 
A 1 96  ALA 96  182 182 ALA ALA A . n 
A 1 97  GLU 97  183 183 GLU GLU A . n 
A 1 98  ARG 98  184 184 ARG ARG A . n 
A 1 99  LEU 99  185 185 LEU LEU A . n 
A 1 100 CYS 100 186 186 CYS CYS A . n 
A 1 101 ASN 101 187 187 ASN ASN A . n 
A 1 102 ALA 102 188 188 ALA ALA A . n 
A 1 103 LEU 103 189 189 LEU LEU A . n 
A 1 104 LEU 104 190 190 LEU LEU A . n 
A 1 105 TYR 105 191 191 TYR TYR A . n 
A 1 106 GLY 106 192 192 GLY GLY A . n 
# 
loop_
_pdbx_nonpoly_scheme.asym_id 
_pdbx_nonpoly_scheme.entity_id 
_pdbx_nonpoly_scheme.mon_id 
_pdbx_nonpoly_scheme.ndb_seq_num 
_pdbx_nonpoly_scheme.pdb_seq_num 
_pdbx_nonpoly_scheme.auth_seq_num 
_pdbx_nonpoly_scheme.pdb_mon_id 
_pdbx_nonpoly_scheme.auth_mon_id 
_pdbx_nonpoly_scheme.pdb_strand_id 
_pdbx_nonpoly_scheme.pdb_ins_code 
B 2 HOH 1  202 202 HOH HOH A . 
B 2 HOH 2  203 203 HOH HOH A . 
B 2 HOH 3  204 204 HOH HOH A . 
B 2 HOH 4  205 205 HOH HOH A . 
B 2 HOH 5  206 206 HOH HOH A . 
B 2 HOH 6  207 207 HOH HOH A . 
B 2 HOH 7  208 208 HOH HOH A . 
B 2 HOH 8  209 209 HOH HOH A . 
B 2 HOH 9  210 210 HOH HOH A . 
B 2 HOH 10 211 211 HOH HOH A . 
B 2 HOH 11 212 212 HOH HOH A . 
B 2 HOH 12 213 213 HOH HOH A . 
B 2 HOH 13 214 214 HOH HOH A . 
B 2 HOH 14 215 215 HOH HOH A . 
B 2 HOH 15 216 216 HOH HOH A . 
B 2 HOH 16 217 217 HOH HOH A . 
B 2 HOH 17 218 218 HOH HOH A . 
B 2 HOH 18 219 219 HOH HOH A . 
B 2 HOH 19 220 220 HOH HOH A . 
B 2 HOH 20 221 221 HOH HOH A . 
B 2 HOH 21 222 222 HOH HOH A . 
B 2 HOH 22 223 223 HOH HOH A . 
B 2 HOH 23 224 224 HOH HOH A . 
B 2 HOH 24 225 225 HOH HOH A . 
B 2 HOH 25 226 226 HOH HOH A . 
B 2 HOH 26 228 228 HOH HOH A . 
B 2 HOH 27 229 229 HOH HOH A . 
B 2 HOH 28 230 230 HOH HOH A . 
B 2 HOH 29 231 231 HOH HOH A . 
B 2 HOH 30 232 232 HOH HOH A . 
B 2 HOH 31 233 233 HOH HOH A . 
B 2 HOH 32 234 234 HOH HOH A . 
B 2 HOH 33 235 235 HOH HOH A . 
B 2 HOH 34 236 236 HOH HOH A . 
B 2 HOH 35 237 237 HOH HOH A . 
B 2 HOH 36 238 238 HOH HOH A . 
B 2 HOH 37 239 239 HOH HOH A . 
B 2 HOH 38 240 240 HOH HOH A . 
B 2 HOH 39 241 241 HOH HOH A . 
B 2 HOH 40 242 242 HOH HOH A . 
B 2 HOH 41 243 243 HOH HOH A . 
B 2 HOH 42 244 244 HOH HOH A . 
B 2 HOH 43 246 246 HOH HOH A . 
B 2 HOH 44 247 247 HOH HOH A . 
B 2 HOH 45 248 248 HOH HOH A . 
B 2 HOH 46 249 249 HOH HOH A . 
B 2 HOH 47 250 250 HOH HOH A . 
B 2 HOH 48 251 251 HOH HOH A . 
B 2 HOH 49 252 252 HOH HOH A . 
B 2 HOH 50 254 254 HOH HOH A . 
B 2 HOH 51 255 255 HOH HOH A . 
B 2 HOH 52 256 256 HOH HOH A . 
B 2 HOH 53 257 257 HOH HOH A . 
B 2 HOH 54 258 258 HOH HOH A . 
B 2 HOH 55 259 259 HOH HOH A . 
B 2 HOH 56 260 260 HOH HOH A . 
B 2 HOH 57 261 261 HOH HOH A . 
B 2 HOH 58 262 262 HOH HOH A . 
B 2 HOH 59 265 265 HOH HOH A . 
B 2 HOH 60 266 266 HOH HOH A . 
B 2 HOH 61 267 267 HOH HOH A . 
B 2 HOH 62 269 269 HOH HOH A . 
B 2 HOH 63 270 270 HOH HOH A . 
B 2 HOH 64 271 271 HOH HOH A . 
B 2 HOH 65 272 272 HOH HOH A . 
B 2 HOH 66 273 273 HOH HOH A . 
B 2 HOH 67 274 274 HOH HOH A . 
B 2 HOH 68 275 275 HOH HOH A . 
B 2 HOH 69 276 276 HOH HOH A . 
B 2 HOH 70 277 277 HOH HOH A . 
B 2 HOH 71 301 301 HOH HOH A . 
B 2 HOH 72 302 302 HOH HOH A . 
B 2 HOH 73 304 304 HOH HOH A . 
B 2 HOH 74 305 305 HOH HOH A . 
B 2 HOH 75 306 306 HOH HOH A . 
B 2 HOH 76 307 307 HOH HOH A . 
B 2 HOH 77 308 308 HOH HOH A . 
B 2 HOH 78 309 309 HOH HOH A . 
B 2 HOH 79 310 310 HOH HOH A . 
# 
loop_
_software.name 
_software.classification 
_software.version 
_software.citation_id 
_software.pdbx_ordinal 
CNS       refinement       1.1 ? 1 
HKL-2000  'data reduction' .   ? 2 
SCALEPACK 'data scaling'   .   ? 3 
SOLVE     phasing          .   ? 4 
# 
_cell.entry_id           1SBX 
_cell.length_a           25.927 
_cell.length_b           46.633 
_cell.length_c           35.729 
_cell.angle_alpha        90.00 
_cell.angle_beta         93.97 
_cell.angle_gamma        90.00 
_cell.Z_PDB              2 
_cell.pdbx_unique_axis   ? 
# 
_symmetry.entry_id                         1SBX 
_symmetry.space_group_name_H-M             'P 1 21 1' 
_symmetry.pdbx_full_space_group_name_H-M   ? 
_symmetry.cell_setting                     ? 
_symmetry.Int_Tables_number                4 
# 
_exptl.entry_id          1SBX 
_exptl.method            'X-RAY DIFFRACTION' 
_exptl.crystals_number   1 
# 
_exptl_crystal.id                    1 
_exptl_crystal.density_meas          ? 
_exptl_crystal.density_percent_sol   32.23 
_exptl_crystal.description           ? 
_exptl_crystal.density_Matthews      1.82 
# 
_exptl_crystal_grow.crystal_id      1 
_exptl_crystal_grow.method          'VAPOR DIFFUSION' 
_exptl_crystal_grow.temp            298 
_exptl_crystal_grow.temp_details    ? 
_exptl_crystal_grow.pH              5.5 
_exptl_crystal_grow.pdbx_details    'PEG 3350, pH 5.5, VAPOR DIFFUSION, temperature 298K' 
_exptl_crystal_grow.pdbx_pH_range   . 
# 
_diffrn.id                     1 
_diffrn.ambient_temp           100 
_diffrn.ambient_temp_details   ? 
_diffrn.crystal_id             1 
# 
_diffrn_detector.diffrn_id              1 
_diffrn_detector.detector               CCD 
_diffrn_detector.type                   CUSTOM-MADE 
_diffrn_detector.pdbx_collection_date   2003-11-03 
_diffrn_detector.details                ? 
# 
_diffrn_radiation.diffrn_id                        1 
_diffrn_radiation.wavelength_id                    1 
_diffrn_radiation.pdbx_monochromatic_or_laue_m_l   M 
_diffrn_radiation.monochromator                    ? 
_diffrn_radiation.pdbx_diffrn_protocol             MAD 
_diffrn_radiation.pdbx_scattering_type             x-ray 
# 
loop_
_diffrn_radiation_wavelength.id 
_diffrn_radiation_wavelength.wavelength 
_diffrn_radiation_wavelength.wt 
1 0.97834 1.0 
2 0.97852 1.0 
3 0.95372 1.0 
# 
_diffrn_source.diffrn_id                   1 
_diffrn_source.source                      SYNCHROTRON 
_diffrn_source.type                        'APS BEAMLINE 19-ID' 
_diffrn_source.pdbx_synchrotron_site       APS 
_diffrn_source.pdbx_synchrotron_beamline   19-ID 
_diffrn_source.pdbx_wavelength             ? 
_diffrn_source.pdbx_wavelength_list        '0.97834, 0.97852, 0.95372' 
# 
_reflns.entry_id                     1SBX 
_reflns.observed_criterion_sigma_I   1. 
_reflns.observed_criterion_sigma_F   1. 
_reflns.d_resolution_low             50. 
_reflns.d_resolution_high            1.5 
_reflns.number_obs                   19541 
_reflns.number_all                   20103 
_reflns.percent_possible_obs         95.5 
_reflns.pdbx_Rmerge_I_obs            ? 
_reflns.pdbx_Rsym_value              0.107 
_reflns.pdbx_netI_over_sigmaI        ? 
_reflns.B_iso_Wilson_estimate        9.8 
_reflns.pdbx_redundancy              ? 
_reflns.R_free_details               ? 
_reflns.limit_h_max                  ? 
_reflns.limit_h_min                  ? 
_reflns.limit_k_max                  ? 
_reflns.limit_k_min                  ? 
_reflns.limit_l_max                  ? 
_reflns.limit_l_min                  ? 
_reflns.observed_criterion_F_max     ? 
_reflns.observed_criterion_F_min     ? 
_reflns.pdbx_diffrn_id               1 
_reflns.pdbx_ordinal                 1 
# 
_reflns_shell.d_res_high             1.5 
_reflns_shell.d_res_low              1.55 
_reflns_shell.percent_possible_all   67.6 
_reflns_shell.Rmerge_I_obs           ? 
_reflns_shell.pdbx_Rsym_value        ? 
_reflns_shell.meanI_over_sigI_obs    ? 
_reflns_shell.pdbx_redundancy        ? 
_reflns_shell.percent_possible_obs   ? 
_reflns_shell.number_unique_all      ? 
_reflns_shell.pdbx_diffrn_id         ? 
_reflns_shell.pdbx_ordinal           1 
# 
_refine.entry_id                                 1SBX 
_refine.ls_number_reflns_obs                     19541 
_refine.ls_number_reflns_all                     20103 
_refine.pdbx_ls_sigma_I                          ? 
_refine.pdbx_ls_sigma_F                          0.0 
_refine.pdbx_data_cutoff_high_absF               547143.35 
_refine.pdbx_data_cutoff_low_absF                0.000000 
_refine.pdbx_data_cutoff_high_rms_absF           547143.35 
_refine.ls_d_res_low                             22.62 
_refine.ls_d_res_high                            1.65 
_refine.ls_percent_reflns_obs                    97.2 
_refine.ls_R_factor_obs                          0.184 
_refine.ls_R_factor_all                          0.184 
_refine.ls_R_factor_R_work                       0.17 
_refine.ls_R_factor_R_free                       0.206 
_refine.ls_R_factor_R_free_error                 0.005 
_refine.ls_R_factor_R_free_error_details         ? 
_refine.ls_percent_reflns_R_free                 9.3 
_refine.ls_number_reflns_R_free                  1817 
_refine.ls_number_parameters                     ? 
_refine.ls_number_restraints                     ? 
_refine.occupancy_min                            ? 
_refine.occupancy_max                            ? 
_refine.correlation_coeff_Fo_to_Fc               ? 
_refine.correlation_coeff_Fo_to_Fc_free          ? 
_refine.B_iso_mean                               9.0 
_refine.aniso_B[1][1]                            0.68 
_refine.aniso_B[2][2]                            0.58 
_refine.aniso_B[3][3]                            -1.25 
_refine.aniso_B[1][2]                            0.00 
_refine.aniso_B[1][3]                            -0.23 
_refine.aniso_B[2][3]                            0.00 
_refine.solvent_model_details                    'FLAT MODEL' 
_refine.solvent_model_param_ksol                 0.387636 
_refine.solvent_model_param_bsol                 40.9922 
_refine.pdbx_solvent_vdw_probe_radii             ? 
_refine.pdbx_solvent_ion_probe_radii             ? 
_refine.pdbx_solvent_shrinkage_radii             ? 
_refine.pdbx_ls_cross_valid_method               THROUGHOUT 
_refine.details                                  ? 
_refine.pdbx_starting_model                      ? 
_refine.pdbx_method_to_determine_struct          MAD 
_refine.pdbx_isotropic_thermal_model             RESTRAINED 
_refine.pdbx_stereochemistry_target_values       'Engh & Huber' 
_refine.pdbx_stereochem_target_val_spec_case     ? 
_refine.pdbx_R_Free_selection_details            RANDOM 
_refine.pdbx_overall_ESU_R                       ? 
_refine.pdbx_overall_ESU_R_Free                  ? 
_refine.overall_SU_ML                            ? 
_refine.overall_SU_B                             ? 
_refine.ls_redundancy_reflns_obs                 ? 
_refine.B_iso_min                                ? 
_refine.B_iso_max                                ? 
_refine.overall_SU_R_Cruickshank_DPI             ? 
_refine.overall_SU_R_free                        ? 
_refine.pdbx_refine_id                           'X-RAY DIFFRACTION' 
_refine.pdbx_diffrn_id                           1 
_refine.pdbx_TLS_residual_ADP_flag               ? 
_refine.pdbx_overall_phase_error                 ? 
_refine.pdbx_overall_SU_R_free_Cruickshank_DPI   ? 
_refine.pdbx_overall_SU_R_Blow_DPI               ? 
_refine.pdbx_overall_SU_R_free_Blow_DPI          ? 
# 
_refine_analyze.entry_id                        1SBX 
_refine_analyze.Luzzati_coordinate_error_obs    0.17 
_refine_analyze.Luzzati_sigma_a_obs             0.09 
_refine_analyze.Luzzati_d_res_low_obs           5.00 
_refine_analyze.Luzzati_coordinate_error_free   0.20 
_refine_analyze.Luzzati_sigma_a_free            0.11 
_refine_analyze.Luzzati_d_res_low_free          ? 
_refine_analyze.number_disordered_residues      ? 
_refine_analyze.occupancy_sum_hydrogen          ? 
_refine_analyze.occupancy_sum_non_hydrogen      ? 
_refine_analyze.pdbx_Luzzati_d_res_high_obs     ? 
_refine_analyze.pdbx_refine_id                  'X-RAY DIFFRACTION' 
# 
_refine_hist.pdbx_refine_id                   'X-RAY DIFFRACTION' 
_refine_hist.cycle_id                         LAST 
_refine_hist.pdbx_number_atoms_protein        865 
_refine_hist.pdbx_number_atoms_nucleic_acid   0 
_refine_hist.pdbx_number_atoms_ligand         0 
_refine_hist.number_atoms_solvent             79 
_refine_hist.number_atoms_total               944 
_refine_hist.d_res_high                       1.65 
_refine_hist.d_res_low                        22.62 
# 
loop_
_refine_ls_restr.type 
_refine_ls_restr.dev_ideal 
_refine_ls_restr.dev_ideal_target 
_refine_ls_restr.weight 
_refine_ls_restr.number 
_refine_ls_restr.pdbx_refine_id 
_refine_ls_restr.pdbx_restraint_function 
c_bond_d                0.004 ?    ? ? 'X-RAY DIFFRACTION' ? 
c_bond_d_na             ?     ?    ? ? 'X-RAY DIFFRACTION' ? 
c_bond_d_prot           ?     ?    ? ? 'X-RAY DIFFRACTION' ? 
c_angle_d               ?     ?    ? ? 'X-RAY DIFFRACTION' ? 
c_angle_d_na            ?     ?    ? ? 'X-RAY DIFFRACTION' ? 
c_angle_d_prot          ?     ?    ? ? 'X-RAY DIFFRACTION' ? 
c_angle_deg             1.1   ?    ? ? 'X-RAY DIFFRACTION' ? 
c_angle_deg_na          ?     ?    ? ? 'X-RAY DIFFRACTION' ? 
c_angle_deg_prot        ?     ?    ? ? 'X-RAY DIFFRACTION' ? 
c_dihedral_angle_d      22.1  ?    ? ? 'X-RAY DIFFRACTION' ? 
c_dihedral_angle_d_na   ?     ?    ? ? 'X-RAY DIFFRACTION' ? 
c_dihedral_angle_d_prot ?     ?    ? ? 'X-RAY DIFFRACTION' ? 
c_improper_angle_d      0.64  ?    ? ? 'X-RAY DIFFRACTION' ? 
c_improper_angle_d_na   ?     ?    ? ? 'X-RAY DIFFRACTION' ? 
c_improper_angle_d_prot ?     ?    ? ? 'X-RAY DIFFRACTION' ? 
c_mcbond_it             1.08  1.50 ? ? 'X-RAY DIFFRACTION' ? 
c_mcangle_it            1.57  2.00 ? ? 'X-RAY DIFFRACTION' ? 
c_scbond_it             1.95  2.00 ? ? 'X-RAY DIFFRACTION' ? 
c_scangle_it            2.81  2.50 ? ? 'X-RAY DIFFRACTION' ? 
# 
_refine_ls_shell.pdbx_total_number_of_bins_used   6 
_refine_ls_shell.d_res_high                       1.65 
_refine_ls_shell.d_res_low                        1.75 
_refine_ls_shell.number_reflns_R_work             2873 
_refine_ls_shell.R_factor_R_work                  0.202 
_refine_ls_shell.percent_reflns_obs               93.7 
_refine_ls_shell.R_factor_R_free                  0.214 
_refine_ls_shell.R_factor_R_free_error            0.013 
_refine_ls_shell.percent_reflns_R_free            8.9 
_refine_ls_shell.number_reflns_R_free             281 
_refine_ls_shell.number_reflns_obs                ? 
_refine_ls_shell.redundancy_reflns_obs            ? 
_refine_ls_shell.number_reflns_all                ? 
_refine_ls_shell.pdbx_refine_id                   'X-RAY DIFFRACTION' 
_refine_ls_shell.R_factor_all                     ? 
# 
loop_
_pdbx_xplor_file.serial_no 
_pdbx_xplor_file.param_file 
_pdbx_xplor_file.topol_file 
_pdbx_xplor_file.pdbx_refine_id 
1 PROTEIN_REP.PARAM PROTEIN.TOP 'X-RAY DIFFRACTION' 
2 WATER_REP.PARAM   WATER.TOP   'X-RAY DIFFRACTION' 
# 
_struct.entry_id                  1SBX 
_struct.title                     'Crystal structure of the Dachshund-homology domain of human SKI' 
_struct.pdbx_model_details        ? 
_struct.pdbx_CASP_flag            ? 
_struct.pdbx_model_type_details   ? 
# 
_struct_keywords.entry_id        1SBX 
_struct_keywords.pdbx_keywords   ONCOPROTEIN 
_struct_keywords.text            'winged helix, forkhead, ONCOPROTEIN' 
# 
loop_
_struct_asym.id 
_struct_asym.pdbx_blank_PDB_chainid_flag 
_struct_asym.pdbx_modified 
_struct_asym.entity_id 
_struct_asym.details 
A N N 1 ? 
B N N 2 ? 
# 
_struct_ref.id                         1 
_struct_ref.db_name                    UNP 
_struct_ref.db_code                    SKI_HUMAN 
_struct_ref.pdbx_db_accession          P12755 
_struct_ref.entity_id                  1 
_struct_ref.pdbx_seq_one_letter_code   
;FMPSDRSTERCETVLEGETISCFVVGGEKRLCLPQILNSVLRDFSLQQINAVCDELHIYCSRCTADQLEILKVMGILPFS
APSCGLITKTDAERLCNALLYG
;
_struct_ref.pdbx_align_begin           91 
_struct_ref.pdbx_db_isoform            ? 
# 
_struct_ref_seq.align_id                      1 
_struct_ref_seq.ref_id                        1 
_struct_ref_seq.pdbx_PDB_id_code              1SBX 
_struct_ref_seq.pdbx_strand_id                A 
_struct_ref_seq.seq_align_beg                 5 
_struct_ref_seq.pdbx_seq_align_beg_ins_code   ? 
_struct_ref_seq.seq_align_end                 106 
_struct_ref_seq.pdbx_seq_align_end_ins_code   ? 
_struct_ref_seq.pdbx_db_accession             P12755 
_struct_ref_seq.db_align_beg                  91 
_struct_ref_seq.pdbx_db_align_beg_ins_code    ? 
_struct_ref_seq.db_align_end                  192 
_struct_ref_seq.pdbx_db_align_end_ins_code    ? 
_struct_ref_seq.pdbx_auth_seq_align_beg       91 
_struct_ref_seq.pdbx_auth_seq_align_end       192 
# 
loop_
_struct_ref_seq_dif.align_id 
_struct_ref_seq_dif.pdbx_pdb_id_code 
_struct_ref_seq_dif.mon_id 
_struct_ref_seq_dif.pdbx_pdb_strand_id 
_struct_ref_seq_dif.seq_num 
_struct_ref_seq_dif.pdbx_pdb_ins_code 
_struct_ref_seq_dif.pdbx_seq_db_name 
_struct_ref_seq_dif.pdbx_seq_db_accession_code 
_struct_ref_seq_dif.db_mon_id 
_struct_ref_seq_dif.pdbx_seq_db_seq_num 
_struct_ref_seq_dif.details 
_struct_ref_seq_dif.pdbx_auth_seq_num 
_struct_ref_seq_dif.pdbx_ordinal 
1 1SBX GLY A 1  ? UNP P12755 ?   ?   'cloning artifact' 87  1 
1 1SBX SER A 2  ? UNP P12755 ?   ?   'cloning artifact' 88  2 
1 1SBX HIS A 3  ? UNP P12755 ?   ?   'cloning artifact' 89  3 
1 1SBX MSE A 4  ? UNP P12755 ?   ?   'modified residue' 90  4 
1 1SBX MSE A 6  ? UNP P12755 MET 92  'modified residue' 92  5 
1 1SBX MSE A 78 ? UNP P12755 MET 164 'modified residue' 164 6 
# 
_pdbx_struct_assembly.id                   1 
_pdbx_struct_assembly.details              author_defined_assembly 
_pdbx_struct_assembly.method_details       ? 
_pdbx_struct_assembly.oligomeric_details   monomeric 
_pdbx_struct_assembly.oligomeric_count     1 
# 
_pdbx_struct_assembly_gen.assembly_id       1 
_pdbx_struct_assembly_gen.oper_expression   1 
_pdbx_struct_assembly_gen.asym_id_list      A,B 
# 
_pdbx_struct_oper_list.id                   1 
_pdbx_struct_oper_list.type                 'identity operation' 
_pdbx_struct_oper_list.name                 1_555 
_pdbx_struct_oper_list.symmetry_operation   x,y,z 
_pdbx_struct_oper_list.matrix[1][1]         1.0000000000 
_pdbx_struct_oper_list.matrix[1][2]         0.0000000000 
_pdbx_struct_oper_list.matrix[1][3]         0.0000000000 
_pdbx_struct_oper_list.vector[1]            0.0000000000 
_pdbx_struct_oper_list.matrix[2][1]         0.0000000000 
_pdbx_struct_oper_list.matrix[2][2]         1.0000000000 
_pdbx_struct_oper_list.matrix[2][3]         0.0000000000 
_pdbx_struct_oper_list.vector[2]            0.0000000000 
_pdbx_struct_oper_list.matrix[3][1]         0.0000000000 
_pdbx_struct_oper_list.matrix[3][2]         0.0000000000 
_pdbx_struct_oper_list.matrix[3][3]         1.0000000000 
_pdbx_struct_oper_list.vector[3]            0.0000000000 
# 
_struct_biol.id                    1 
_struct_biol.pdbx_parent_biol_id   ? 
_struct_biol.details               ? 
# 
loop_
_struct_conf.conf_type_id 
_struct_conf.id 
_struct_conf.pdbx_PDB_helix_id 
_struct_conf.beg_label_comp_id 
_struct_conf.beg_label_asym_id 
_struct_conf.beg_label_seq_id 
_struct_conf.pdbx_beg_PDB_ins_code 
_struct_conf.end_label_comp_id 
_struct_conf.end_label_asym_id 
_struct_conf.end_label_seq_id 
_struct_conf.pdbx_end_PDB_ins_code 
_struct_conf.beg_auth_comp_id 
_struct_conf.beg_auth_asym_id 
_struct_conf.beg_auth_seq_id 
_struct_conf.end_auth_comp_id 
_struct_conf.end_auth_asym_id 
_struct_conf.end_auth_seq_id 
_struct_conf.pdbx_PDB_helix_class 
_struct_conf.details 
_struct_conf.pdbx_PDB_helix_length 
HELX_P HELX_P1 1 SER A 2  ? MSE A 6   ? SER A 88  MSE A 92  5 ? 5  
HELX_P HELX_P2 2 LEU A 37 ? ASN A 42  ? LEU A 123 ASN A 128 1 ? 6  
HELX_P HELX_P3 3 SER A 49 ? LEU A 60  ? SER A 135 LEU A 146 1 ? 12 
HELX_P HELX_P4 4 THR A 68 ? MSE A 78  ? THR A 154 MSE A 164 1 ? 11 
HELX_P HELX_P5 5 LYS A 93 ? TYR A 105 ? LYS A 179 TYR A 191 1 ? 13 
# 
_struct_conf_type.id          HELX_P 
_struct_conf_type.criteria    ? 
_struct_conf_type.reference   ? 
# 
loop_
_struct_conn.id 
_struct_conn.conn_type_id 
_struct_conn.pdbx_leaving_atom_flag 
_struct_conn.pdbx_PDB_id 
_struct_conn.ptnr1_label_asym_id 
_struct_conn.ptnr1_label_comp_id 
_struct_conn.ptnr1_label_seq_id 
_struct_conn.ptnr1_label_atom_id 
_struct_conn.pdbx_ptnr1_label_alt_id 
_struct_conn.pdbx_ptnr1_PDB_ins_code 
_struct_conn.pdbx_ptnr1_standard_comp_id 
_struct_conn.ptnr1_symmetry 
_struct_conn.ptnr2_label_asym_id 
_struct_conn.ptnr2_label_comp_id 
_struct_conn.ptnr2_label_seq_id 
_struct_conn.ptnr2_label_atom_id 
_struct_conn.pdbx_ptnr2_label_alt_id 
_struct_conn.pdbx_ptnr2_PDB_ins_code 
_struct_conn.ptnr1_auth_asym_id 
_struct_conn.ptnr1_auth_comp_id 
_struct_conn.ptnr1_auth_seq_id 
_struct_conn.ptnr2_auth_asym_id 
_struct_conn.ptnr2_auth_comp_id 
_struct_conn.ptnr2_auth_seq_id 
_struct_conn.ptnr2_symmetry 
_struct_conn.pdbx_ptnr3_label_atom_id 
_struct_conn.pdbx_ptnr3_label_seq_id 
_struct_conn.pdbx_ptnr3_label_comp_id 
_struct_conn.pdbx_ptnr3_label_asym_id 
_struct_conn.pdbx_ptnr3_label_alt_id 
_struct_conn.pdbx_ptnr3_PDB_ins_code 
_struct_conn.details 
_struct_conn.pdbx_dist_value 
_struct_conn.pdbx_value_order 
_struct_conn.pdbx_role 
covale1 covale both ? A HIS 3  C ? ? ? 1_555 A MSE 4  N ? ? A HIS 89  A MSE 90  1_555 ? ? ? ? ? ? ? 1.330 ? ? 
covale2 covale both ? A MSE 4  C ? ? ? 1_555 A PHE 5  N ? ? A MSE 90  A PHE 91  1_555 ? ? ? ? ? ? ? 1.329 ? ? 
covale3 covale both ? A PHE 5  C ? ? ? 1_555 A MSE 6  N ? ? A PHE 91  A MSE 92  1_555 ? ? ? ? ? ? ? 1.331 ? ? 
covale4 covale both ? A MSE 6  C ? ? ? 1_555 A PRO 7  N ? ? A MSE 92  A PRO 93  1_555 ? ? ? ? ? ? ? 1.338 ? ? 
covale5 covale both ? A VAL 77 C ? ? ? 1_555 A MSE 78 N ? ? A VAL 163 A MSE 164 1_555 ? ? ? ? ? ? ? 1.330 ? ? 
covale6 covale both ? A MSE 78 C ? ? ? 1_555 A GLY 79 N ? ? A MSE 164 A GLY 165 1_555 ? ? ? ? ? ? ? 1.331 ? ? 
# 
_struct_conn_type.id          covale 
_struct_conn_type.criteria    ? 
_struct_conn_type.reference   ? 
# 
loop_
_pdbx_modification_feature.ordinal 
_pdbx_modification_feature.label_comp_id 
_pdbx_modification_feature.label_asym_id 
_pdbx_modification_feature.label_seq_id 
_pdbx_modification_feature.label_alt_id 
_pdbx_modification_feature.modified_residue_label_comp_id 
_pdbx_modification_feature.modified_residue_label_asym_id 
_pdbx_modification_feature.modified_residue_label_seq_id 
_pdbx_modification_feature.modified_residue_label_alt_id 
_pdbx_modification_feature.auth_comp_id 
_pdbx_modification_feature.auth_asym_id 
_pdbx_modification_feature.auth_seq_id 
_pdbx_modification_feature.PDB_ins_code 
_pdbx_modification_feature.symmetry 
_pdbx_modification_feature.modified_residue_auth_comp_id 
_pdbx_modification_feature.modified_residue_auth_asym_id 
_pdbx_modification_feature.modified_residue_auth_seq_id 
_pdbx_modification_feature.modified_residue_PDB_ins_code 
_pdbx_modification_feature.modified_residue_symmetry 
_pdbx_modification_feature.comp_id_linking_atom 
_pdbx_modification_feature.modified_residue_id_linking_atom 
_pdbx_modification_feature.modified_residue_id 
_pdbx_modification_feature.ref_pcm_id 
_pdbx_modification_feature.ref_comp_id 
_pdbx_modification_feature.type 
_pdbx_modification_feature.category 
1 MSE A 4  ? . . . . MSE A 90  ? 1_555 . . . . . . . MET 1 MSE Selenomethionine 'Named protein modification' 
2 MSE A 6  ? . . . . MSE A 92  ? 1_555 . . . . . . . MET 1 MSE Selenomethionine 'Named protein modification' 
3 MSE A 78 ? . . . . MSE A 164 ? 1_555 . . . . . . . MET 1 MSE Selenomethionine 'Named protein modification' 
# 
_struct_sheet.id               A 
_struct_sheet.type             ? 
_struct_sheet.number_strands   5 
_struct_sheet.details          ? 
# 
loop_
_struct_sheet_order.sheet_id 
_struct_sheet_order.range_id_1 
_struct_sheet_order.range_id_2 
_struct_sheet_order.offset 
_struct_sheet_order.sense 
A 1 2 ? anti-parallel 
A 2 3 ? anti-parallel 
A 3 4 ? anti-parallel 
A 4 5 ? anti-parallel 
# 
loop_
_struct_sheet_range.sheet_id 
_struct_sheet_range.id 
_struct_sheet_range.beg_label_comp_id 
_struct_sheet_range.beg_label_asym_id 
_struct_sheet_range.beg_label_seq_id 
_struct_sheet_range.pdbx_beg_PDB_ins_code 
_struct_sheet_range.end_label_comp_id 
_struct_sheet_range.end_label_asym_id 
_struct_sheet_range.end_label_seq_id 
_struct_sheet_range.pdbx_end_PDB_ins_code 
_struct_sheet_range.beg_auth_comp_id 
_struct_sheet_range.beg_auth_asym_id 
_struct_sheet_range.beg_auth_seq_id 
_struct_sheet_range.end_auth_comp_id 
_struct_sheet_range.end_auth_asym_id 
_struct_sheet_range.end_auth_seq_id 
A 1 CYS A 15 ? LEU A 19 ? CYS A 101 LEU A 105 
A 2 GLU A 22 ? VAL A 29 ? GLU A 108 VAL A 115 
A 3 GLU A 32 ? CYS A 36 ? GLU A 118 CYS A 122 
A 4 GLY A 89 ? THR A 92 ? GLY A 175 THR A 178 
A 5 SER A 65 ? ARG A 66 ? SER A 151 ARG A 152 
# 
loop_
_pdbx_struct_sheet_hbond.sheet_id 
_pdbx_struct_sheet_hbond.range_id_1 
_pdbx_struct_sheet_hbond.range_id_2 
_pdbx_struct_sheet_hbond.range_1_label_atom_id 
_pdbx_struct_sheet_hbond.range_1_label_comp_id 
_pdbx_struct_sheet_hbond.range_1_label_asym_id 
_pdbx_struct_sheet_hbond.range_1_label_seq_id 
_pdbx_struct_sheet_hbond.range_1_PDB_ins_code 
_pdbx_struct_sheet_hbond.range_1_auth_atom_id 
_pdbx_struct_sheet_hbond.range_1_auth_comp_id 
_pdbx_struct_sheet_hbond.range_1_auth_asym_id 
_pdbx_struct_sheet_hbond.range_1_auth_seq_id 
_pdbx_struct_sheet_hbond.range_2_label_atom_id 
_pdbx_struct_sheet_hbond.range_2_label_comp_id 
_pdbx_struct_sheet_hbond.range_2_label_asym_id 
_pdbx_struct_sheet_hbond.range_2_label_seq_id 
_pdbx_struct_sheet_hbond.range_2_PDB_ins_code 
_pdbx_struct_sheet_hbond.range_2_auth_atom_id 
_pdbx_struct_sheet_hbond.range_2_auth_comp_id 
_pdbx_struct_sheet_hbond.range_2_auth_asym_id 
_pdbx_struct_sheet_hbond.range_2_auth_seq_id 
A 1 2 N LEU A 19 ? N LEU A 105 O GLU A 22 ? O GLU A 108 
A 2 3 N VAL A 29 ? N VAL A 115 O GLU A 32 ? O GLU A 118 
A 3 4 N LEU A 35 ? N LEU A 121 O ILE A 91 ? O ILE A 177 
A 4 5 O LEU A 90 ? O LEU A 176 N SER A 65 ? N SER A 151 
# 
_pdbx_entry_details.entry_id                   1SBX 
_pdbx_entry_details.compound_details           ? 
_pdbx_entry_details.source_details             ? 
_pdbx_entry_details.nonpolymer_details         ? 
_pdbx_entry_details.sequence_details           ? 
_pdbx_entry_details.has_ligand_of_interest     ? 
_pdbx_entry_details.has_protein_modification   Y 
# 
loop_
_pdbx_validate_torsion.id 
_pdbx_validate_torsion.PDB_model_num 
_pdbx_validate_torsion.auth_comp_id 
_pdbx_validate_torsion.auth_asym_id 
_pdbx_validate_torsion.auth_seq_id 
_pdbx_validate_torsion.PDB_ins_code 
_pdbx_validate_torsion.label_alt_id 
_pdbx_validate_torsion.phi 
_pdbx_validate_torsion.psi 
1 1 SER A 129 ? ? -127.62 -90.01 
2 1 SER A 129 ? ? -127.62 -88.65 
# 
loop_
_pdbx_struct_mod_residue.id 
_pdbx_struct_mod_residue.label_asym_id 
_pdbx_struct_mod_residue.label_comp_id 
_pdbx_struct_mod_residue.label_seq_id 
_pdbx_struct_mod_residue.auth_asym_id 
_pdbx_struct_mod_residue.auth_comp_id 
_pdbx_struct_mod_residue.auth_seq_id 
_pdbx_struct_mod_residue.PDB_ins_code 
_pdbx_struct_mod_residue.parent_comp_id 
_pdbx_struct_mod_residue.details 
1 A MSE 4  A MSE 90  ? MET SELENOMETHIONINE 
2 A MSE 6  A MSE 92  ? MET SELENOMETHIONINE 
3 A MSE 78 A MSE 164 ? MET SELENOMETHIONINE 
# 
loop_
_chem_comp_atom.comp_id 
_chem_comp_atom.atom_id 
_chem_comp_atom.type_symbol 
_chem_comp_atom.pdbx_aromatic_flag 
_chem_comp_atom.pdbx_stereo_config 
_chem_comp_atom.pdbx_ordinal 
ALA N    N  N N 1   
ALA CA   C  N S 2   
ALA C    C  N N 3   
ALA O    O  N N 4   
ALA CB   C  N N 5   
ALA OXT  O  N N 6   
ALA H    H  N N 7   
ALA H2   H  N N 8   
ALA HA   H  N N 9   
ALA HB1  H  N N 10  
ALA HB2  H  N N 11  
ALA HB3  H  N N 12  
ALA HXT  H  N N 13  
ARG N    N  N N 14  
ARG CA   C  N S 15  
ARG C    C  N N 16  
ARG O    O  N N 17  
ARG CB   C  N N 18  
ARG CG   C  N N 19  
ARG CD   C  N N 20  
ARG NE   N  N N 21  
ARG CZ   C  N N 22  
ARG NH1  N  N N 23  
ARG NH2  N  N N 24  
ARG OXT  O  N N 25  
ARG H    H  N N 26  
ARG H2   H  N N 27  
ARG HA   H  N N 28  
ARG HB2  H  N N 29  
ARG HB3  H  N N 30  
ARG HG2  H  N N 31  
ARG HG3  H  N N 32  
ARG HD2  H  N N 33  
ARG HD3  H  N N 34  
ARG HE   H  N N 35  
ARG HH11 H  N N 36  
ARG HH12 H  N N 37  
ARG HH21 H  N N 38  
ARG HH22 H  N N 39  
ARG HXT  H  N N 40  
ASN N    N  N N 41  
ASN CA   C  N S 42  
ASN C    C  N N 43  
ASN O    O  N N 44  
ASN CB   C  N N 45  
ASN CG   C  N N 46  
ASN OD1  O  N N 47  
ASN ND2  N  N N 48  
ASN OXT  O  N N 49  
ASN H    H  N N 50  
ASN H2   H  N N 51  
ASN HA   H  N N 52  
ASN HB2  H  N N 53  
ASN HB3  H  N N 54  
ASN HD21 H  N N 55  
ASN HD22 H  N N 56  
ASN HXT  H  N N 57  
ASP N    N  N N 58  
ASP CA   C  N S 59  
ASP C    C  N N 60  
ASP O    O  N N 61  
ASP CB   C  N N 62  
ASP CG   C  N N 63  
ASP OD1  O  N N 64  
ASP OD2  O  N N 65  
ASP OXT  O  N N 66  
ASP H    H  N N 67  
ASP H2   H  N N 68  
ASP HA   H  N N 69  
ASP HB2  H  N N 70  
ASP HB3  H  N N 71  
ASP HD2  H  N N 72  
ASP HXT  H  N N 73  
CYS N    N  N N 74  
CYS CA   C  N R 75  
CYS C    C  N N 76  
CYS O    O  N N 77  
CYS CB   C  N N 78  
CYS SG   S  N N 79  
CYS OXT  O  N N 80  
CYS H    H  N N 81  
CYS H2   H  N N 82  
CYS HA   H  N N 83  
CYS HB2  H  N N 84  
CYS HB3  H  N N 85  
CYS HG   H  N N 86  
CYS HXT  H  N N 87  
GLN N    N  N N 88  
GLN CA   C  N S 89  
GLN C    C  N N 90  
GLN O    O  N N 91  
GLN CB   C  N N 92  
GLN CG   C  N N 93  
GLN CD   C  N N 94  
GLN OE1  O  N N 95  
GLN NE2  N  N N 96  
GLN OXT  O  N N 97  
GLN H    H  N N 98  
GLN H2   H  N N 99  
GLN HA   H  N N 100 
GLN HB2  H  N N 101 
GLN HB3  H  N N 102 
GLN HG2  H  N N 103 
GLN HG3  H  N N 104 
GLN HE21 H  N N 105 
GLN HE22 H  N N 106 
GLN HXT  H  N N 107 
GLU N    N  N N 108 
GLU CA   C  N S 109 
GLU C    C  N N 110 
GLU O    O  N N 111 
GLU CB   C  N N 112 
GLU CG   C  N N 113 
GLU CD   C  N N 114 
GLU OE1  O  N N 115 
GLU OE2  O  N N 116 
GLU OXT  O  N N 117 
GLU H    H  N N 118 
GLU H2   H  N N 119 
GLU HA   H  N N 120 
GLU HB2  H  N N 121 
GLU HB3  H  N N 122 
GLU HG2  H  N N 123 
GLU HG3  H  N N 124 
GLU HE2  H  N N 125 
GLU HXT  H  N N 126 
GLY N    N  N N 127 
GLY CA   C  N N 128 
GLY C    C  N N 129 
GLY O    O  N N 130 
GLY OXT  O  N N 131 
GLY H    H  N N 132 
GLY H2   H  N N 133 
GLY HA2  H  N N 134 
GLY HA3  H  N N 135 
GLY HXT  H  N N 136 
HIS N    N  N N 137 
HIS CA   C  N S 138 
HIS C    C  N N 139 
HIS O    O  N N 140 
HIS CB   C  N N 141 
HIS CG   C  Y N 142 
HIS ND1  N  Y N 143 
HIS CD2  C  Y N 144 
HIS CE1  C  Y N 145 
HIS NE2  N  Y N 146 
HIS OXT  O  N N 147 
HIS H    H  N N 148 
HIS H2   H  N N 149 
HIS HA   H  N N 150 
HIS HB2  H  N N 151 
HIS HB3  H  N N 152 
HIS HD1  H  N N 153 
HIS HD2  H  N N 154 
HIS HE1  H  N N 155 
HIS HE2  H  N N 156 
HIS HXT  H  N N 157 
HOH O    O  N N 158 
HOH H1   H  N N 159 
HOH H2   H  N N 160 
ILE N    N  N N 161 
ILE CA   C  N S 162 
ILE C    C  N N 163 
ILE O    O  N N 164 
ILE CB   C  N S 165 
ILE CG1  C  N N 166 
ILE CG2  C  N N 167 
ILE CD1  C  N N 168 
ILE OXT  O  N N 169 
ILE H    H  N N 170 
ILE H2   H  N N 171 
ILE HA   H  N N 172 
ILE HB   H  N N 173 
ILE HG12 H  N N 174 
ILE HG13 H  N N 175 
ILE HG21 H  N N 176 
ILE HG22 H  N N 177 
ILE HG23 H  N N 178 
ILE HD11 H  N N 179 
ILE HD12 H  N N 180 
ILE HD13 H  N N 181 
ILE HXT  H  N N 182 
LEU N    N  N N 183 
LEU CA   C  N S 184 
LEU C    C  N N 185 
LEU O    O  N N 186 
LEU CB   C  N N 187 
LEU CG   C  N N 188 
LEU CD1  C  N N 189 
LEU CD2  C  N N 190 
LEU OXT  O  N N 191 
LEU H    H  N N 192 
LEU H2   H  N N 193 
LEU HA   H  N N 194 
LEU HB2  H  N N 195 
LEU HB3  H  N N 196 
LEU HG   H  N N 197 
LEU HD11 H  N N 198 
LEU HD12 H  N N 199 
LEU HD13 H  N N 200 
LEU HD21 H  N N 201 
LEU HD22 H  N N 202 
LEU HD23 H  N N 203 
LEU HXT  H  N N 204 
LYS N    N  N N 205 
LYS CA   C  N S 206 
LYS C    C  N N 207 
LYS O    O  N N 208 
LYS CB   C  N N 209 
LYS CG   C  N N 210 
LYS CD   C  N N 211 
LYS CE   C  N N 212 
LYS NZ   N  N N 213 
LYS OXT  O  N N 214 
LYS H    H  N N 215 
LYS H2   H  N N 216 
LYS HA   H  N N 217 
LYS HB2  H  N N 218 
LYS HB3  H  N N 219 
LYS HG2  H  N N 220 
LYS HG3  H  N N 221 
LYS HD2  H  N N 222 
LYS HD3  H  N N 223 
LYS HE2  H  N N 224 
LYS HE3  H  N N 225 
LYS HZ1  H  N N 226 
LYS HZ2  H  N N 227 
LYS HZ3  H  N N 228 
LYS HXT  H  N N 229 
MET N    N  N N 230 
MET CA   C  N S 231 
MET C    C  N N 232 
MET O    O  N N 233 
MET CB   C  N N 234 
MET CG   C  N N 235 
MET SD   S  N N 236 
MET CE   C  N N 237 
MET OXT  O  N N 238 
MET H    H  N N 239 
MET H2   H  N N 240 
MET HA   H  N N 241 
MET HB2  H  N N 242 
MET HB3  H  N N 243 
MET HG2  H  N N 244 
MET HG3  H  N N 245 
MET HE1  H  N N 246 
MET HE2  H  N N 247 
MET HE3  H  N N 248 
MET HXT  H  N N 249 
MSE N    N  N N 250 
MSE CA   C  N S 251 
MSE C    C  N N 252 
MSE O    O  N N 253 
MSE OXT  O  N N 254 
MSE CB   C  N N 255 
MSE CG   C  N N 256 
MSE SE   SE N N 257 
MSE CE   C  N N 258 
MSE H    H  N N 259 
MSE H2   H  N N 260 
MSE HA   H  N N 261 
MSE HXT  H  N N 262 
MSE HB2  H  N N 263 
MSE HB3  H  N N 264 
MSE HG2  H  N N 265 
MSE HG3  H  N N 266 
MSE HE1  H  N N 267 
MSE HE2  H  N N 268 
MSE HE3  H  N N 269 
PHE N    N  N N 270 
PHE CA   C  N S 271 
PHE C    C  N N 272 
PHE O    O  N N 273 
PHE CB   C  N N 274 
PHE CG   C  Y N 275 
PHE CD1  C  Y N 276 
PHE CD2  C  Y N 277 
PHE CE1  C  Y N 278 
PHE CE2  C  Y N 279 
PHE CZ   C  Y N 280 
PHE OXT  O  N N 281 
PHE H    H  N N 282 
PHE H2   H  N N 283 
PHE HA   H  N N 284 
PHE HB2  H  N N 285 
PHE HB3  H  N N 286 
PHE HD1  H  N N 287 
PHE HD2  H  N N 288 
PHE HE1  H  N N 289 
PHE HE2  H  N N 290 
PHE HZ   H  N N 291 
PHE HXT  H  N N 292 
PRO N    N  N N 293 
PRO CA   C  N S 294 
PRO C    C  N N 295 
PRO O    O  N N 296 
PRO CB   C  N N 297 
PRO CG   C  N N 298 
PRO CD   C  N N 299 
PRO OXT  O  N N 300 
PRO H    H  N N 301 
PRO HA   H  N N 302 
PRO HB2  H  N N 303 
PRO HB3  H  N N 304 
PRO HG2  H  N N 305 
PRO HG3  H  N N 306 
PRO HD2  H  N N 307 
PRO HD3  H  N N 308 
PRO HXT  H  N N 309 
SER N    N  N N 310 
SER CA   C  N S 311 
SER C    C  N N 312 
SER O    O  N N 313 
SER CB   C  N N 314 
SER OG   O  N N 315 
SER OXT  O  N N 316 
SER H    H  N N 317 
SER H2   H  N N 318 
SER HA   H  N N 319 
SER HB2  H  N N 320 
SER HB3  H  N N 321 
SER HG   H  N N 322 
SER HXT  H  N N 323 
THR N    N  N N 324 
THR CA   C  N S 325 
THR C    C  N N 326 
THR O    O  N N 327 
THR CB   C  N R 328 
THR OG1  O  N N 329 
THR CG2  C  N N 330 
THR OXT  O  N N 331 
THR H    H  N N 332 
THR H2   H  N N 333 
THR HA   H  N N 334 
THR HB   H  N N 335 
THR HG1  H  N N 336 
THR HG21 H  N N 337 
THR HG22 H  N N 338 
THR HG23 H  N N 339 
THR HXT  H  N N 340 
TYR N    N  N N 341 
TYR CA   C  N S 342 
TYR C    C  N N 343 
TYR O    O  N N 344 
TYR CB   C  N N 345 
TYR CG   C  Y N 346 
TYR CD1  C  Y N 347 
TYR CD2  C  Y N 348 
TYR CE1  C  Y N 349 
TYR CE2  C  Y N 350 
TYR CZ   C  Y N 351 
TYR OH   O  N N 352 
TYR OXT  O  N N 353 
TYR H    H  N N 354 
TYR H2   H  N N 355 
TYR HA   H  N N 356 
TYR HB2  H  N N 357 
TYR HB3  H  N N 358 
TYR HD1  H  N N 359 
TYR HD2  H  N N 360 
TYR HE1  H  N N 361 
TYR HE2  H  N N 362 
TYR HH   H  N N 363 
TYR HXT  H  N N 364 
VAL N    N  N N 365 
VAL CA   C  N S 366 
VAL C    C  N N 367 
VAL O    O  N N 368 
VAL CB   C  N N 369 
VAL CG1  C  N N 370 
VAL CG2  C  N N 371 
VAL OXT  O  N N 372 
VAL H    H  N N 373 
VAL H2   H  N N 374 
VAL HA   H  N N 375 
VAL HB   H  N N 376 
VAL HG11 H  N N 377 
VAL HG12 H  N N 378 
VAL HG13 H  N N 379 
VAL HG21 H  N N 380 
VAL HG22 H  N N 381 
VAL HG23 H  N N 382 
VAL HXT  H  N N 383 
# 
loop_
_chem_comp_bond.comp_id 
_chem_comp_bond.atom_id_1 
_chem_comp_bond.atom_id_2 
_chem_comp_bond.value_order 
_chem_comp_bond.pdbx_aromatic_flag 
_chem_comp_bond.pdbx_stereo_config 
_chem_comp_bond.pdbx_ordinal 
ALA N   CA   sing N N 1   
ALA N   H    sing N N 2   
ALA N   H2   sing N N 3   
ALA CA  C    sing N N 4   
ALA CA  CB   sing N N 5   
ALA CA  HA   sing N N 6   
ALA C   O    doub N N 7   
ALA C   OXT  sing N N 8   
ALA CB  HB1  sing N N 9   
ALA CB  HB2  sing N N 10  
ALA CB  HB3  sing N N 11  
ALA OXT HXT  sing N N 12  
ARG N   CA   sing N N 13  
ARG N   H    sing N N 14  
ARG N   H2   sing N N 15  
ARG CA  C    sing N N 16  
ARG CA  CB   sing N N 17  
ARG CA  HA   sing N N 18  
ARG C   O    doub N N 19  
ARG C   OXT  sing N N 20  
ARG CB  CG   sing N N 21  
ARG CB  HB2  sing N N 22  
ARG CB  HB3  sing N N 23  
ARG CG  CD   sing N N 24  
ARG CG  HG2  sing N N 25  
ARG CG  HG3  sing N N 26  
ARG CD  NE   sing N N 27  
ARG CD  HD2  sing N N 28  
ARG CD  HD3  sing N N 29  
ARG NE  CZ   sing N N 30  
ARG NE  HE   sing N N 31  
ARG CZ  NH1  sing N N 32  
ARG CZ  NH2  doub N N 33  
ARG NH1 HH11 sing N N 34  
ARG NH1 HH12 sing N N 35  
ARG NH2 HH21 sing N N 36  
ARG NH2 HH22 sing N N 37  
ARG OXT HXT  sing N N 38  
ASN N   CA   sing N N 39  
ASN N   H    sing N N 40  
ASN N   H2   sing N N 41  
ASN CA  C    sing N N 42  
ASN CA  CB   sing N N 43  
ASN CA  HA   sing N N 44  
ASN C   O    doub N N 45  
ASN C   OXT  sing N N 46  
ASN CB  CG   sing N N 47  
ASN CB  HB2  sing N N 48  
ASN CB  HB3  sing N N 49  
ASN CG  OD1  doub N N 50  
ASN CG  ND2  sing N N 51  
ASN ND2 HD21 sing N N 52  
ASN ND2 HD22 sing N N 53  
ASN OXT HXT  sing N N 54  
ASP N   CA   sing N N 55  
ASP N   H    sing N N 56  
ASP N   H2   sing N N 57  
ASP CA  C    sing N N 58  
ASP CA  CB   sing N N 59  
ASP CA  HA   sing N N 60  
ASP C   O    doub N N 61  
ASP C   OXT  sing N N 62  
ASP CB  CG   sing N N 63  
ASP CB  HB2  sing N N 64  
ASP CB  HB3  sing N N 65  
ASP CG  OD1  doub N N 66  
ASP CG  OD2  sing N N 67  
ASP OD2 HD2  sing N N 68  
ASP OXT HXT  sing N N 69  
CYS N   CA   sing N N 70  
CYS N   H    sing N N 71  
CYS N   H2   sing N N 72  
CYS CA  C    sing N N 73  
CYS CA  CB   sing N N 74  
CYS CA  HA   sing N N 75  
CYS C   O    doub N N 76  
CYS C   OXT  sing N N 77  
CYS CB  SG   sing N N 78  
CYS CB  HB2  sing N N 79  
CYS CB  HB3  sing N N 80  
CYS SG  HG   sing N N 81  
CYS OXT HXT  sing N N 82  
GLN N   CA   sing N N 83  
GLN N   H    sing N N 84  
GLN N   H2   sing N N 85  
GLN CA  C    sing N N 86  
GLN CA  CB   sing N N 87  
GLN CA  HA   sing N N 88  
GLN C   O    doub N N 89  
GLN C   OXT  sing N N 90  
GLN CB  CG   sing N N 91  
GLN CB  HB2  sing N N 92  
GLN CB  HB3  sing N N 93  
GLN CG  CD   sing N N 94  
GLN CG  HG2  sing N N 95  
GLN CG  HG3  sing N N 96  
GLN CD  OE1  doub N N 97  
GLN CD  NE2  sing N N 98  
GLN NE2 HE21 sing N N 99  
GLN NE2 HE22 sing N N 100 
GLN OXT HXT  sing N N 101 
GLU N   CA   sing N N 102 
GLU N   H    sing N N 103 
GLU N   H2   sing N N 104 
GLU CA  C    sing N N 105 
GLU CA  CB   sing N N 106 
GLU CA  HA   sing N N 107 
GLU C   O    doub N N 108 
GLU C   OXT  sing N N 109 
GLU CB  CG   sing N N 110 
GLU CB  HB2  sing N N 111 
GLU CB  HB3  sing N N 112 
GLU CG  CD   sing N N 113 
GLU CG  HG2  sing N N 114 
GLU CG  HG3  sing N N 115 
GLU CD  OE1  doub N N 116 
GLU CD  OE2  sing N N 117 
GLU OE2 HE2  sing N N 118 
GLU OXT HXT  sing N N 119 
GLY N   CA   sing N N 120 
GLY N   H    sing N N 121 
GLY N   H2   sing N N 122 
GLY CA  C    sing N N 123 
GLY CA  HA2  sing N N 124 
GLY CA  HA3  sing N N 125 
GLY C   O    doub N N 126 
GLY C   OXT  sing N N 127 
GLY OXT HXT  sing N N 128 
HIS N   CA   sing N N 129 
HIS N   H    sing N N 130 
HIS N   H2   sing N N 131 
HIS CA  C    sing N N 132 
HIS CA  CB   sing N N 133 
HIS CA  HA   sing N N 134 
HIS C   O    doub N N 135 
HIS C   OXT  sing N N 136 
HIS CB  CG   sing N N 137 
HIS CB  HB2  sing N N 138 
HIS CB  HB3  sing N N 139 
HIS CG  ND1  sing Y N 140 
HIS CG  CD2  doub Y N 141 
HIS ND1 CE1  doub Y N 142 
HIS ND1 HD1  sing N N 143 
HIS CD2 NE2  sing Y N 144 
HIS CD2 HD2  sing N N 145 
HIS CE1 NE2  sing Y N 146 
HIS CE1 HE1  sing N N 147 
HIS NE2 HE2  sing N N 148 
HIS OXT HXT  sing N N 149 
HOH O   H1   sing N N 150 
HOH O   H2   sing N N 151 
ILE N   CA   sing N N 152 
ILE N   H    sing N N 153 
ILE N   H2   sing N N 154 
ILE CA  C    sing N N 155 
ILE CA  CB   sing N N 156 
ILE CA  HA   sing N N 157 
ILE C   O    doub N N 158 
ILE C   OXT  sing N N 159 
ILE CB  CG1  sing N N 160 
ILE CB  CG2  sing N N 161 
ILE CB  HB   sing N N 162 
ILE CG1 CD1  sing N N 163 
ILE CG1 HG12 sing N N 164 
ILE CG1 HG13 sing N N 165 
ILE CG2 HG21 sing N N 166 
ILE CG2 HG22 sing N N 167 
ILE CG2 HG23 sing N N 168 
ILE CD1 HD11 sing N N 169 
ILE CD1 HD12 sing N N 170 
ILE CD1 HD13 sing N N 171 
ILE OXT HXT  sing N N 172 
LEU N   CA   sing N N 173 
LEU N   H    sing N N 174 
LEU N   H2   sing N N 175 
LEU CA  C    sing N N 176 
LEU CA  CB   sing N N 177 
LEU CA  HA   sing N N 178 
LEU C   O    doub N N 179 
LEU C   OXT  sing N N 180 
LEU CB  CG   sing N N 181 
LEU CB  HB2  sing N N 182 
LEU CB  HB3  sing N N 183 
LEU CG  CD1  sing N N 184 
LEU CG  CD2  sing N N 185 
LEU CG  HG   sing N N 186 
LEU CD1 HD11 sing N N 187 
LEU CD1 HD12 sing N N 188 
LEU CD1 HD13 sing N N 189 
LEU CD2 HD21 sing N N 190 
LEU CD2 HD22 sing N N 191 
LEU CD2 HD23 sing N N 192 
LEU OXT HXT  sing N N 193 
LYS N   CA   sing N N 194 
LYS N   H    sing N N 195 
LYS N   H2   sing N N 196 
LYS CA  C    sing N N 197 
LYS CA  CB   sing N N 198 
LYS CA  HA   sing N N 199 
LYS C   O    doub N N 200 
LYS C   OXT  sing N N 201 
LYS CB  CG   sing N N 202 
LYS CB  HB2  sing N N 203 
LYS CB  HB3  sing N N 204 
LYS CG  CD   sing N N 205 
LYS CG  HG2  sing N N 206 
LYS CG  HG3  sing N N 207 
LYS CD  CE   sing N N 208 
LYS CD  HD2  sing N N 209 
LYS CD  HD3  sing N N 210 
LYS CE  NZ   sing N N 211 
LYS CE  HE2  sing N N 212 
LYS CE  HE3  sing N N 213 
LYS NZ  HZ1  sing N N 214 
LYS NZ  HZ2  sing N N 215 
LYS NZ  HZ3  sing N N 216 
LYS OXT HXT  sing N N 217 
MET N   CA   sing N N 218 
MET N   H    sing N N 219 
MET N   H2   sing N N 220 
MET CA  C    sing N N 221 
MET CA  CB   sing N N 222 
MET CA  HA   sing N N 223 
MET C   O    doub N N 224 
MET C   OXT  sing N N 225 
MET CB  CG   sing N N 226 
MET CB  HB2  sing N N 227 
MET CB  HB3  sing N N 228 
MET CG  SD   sing N N 229 
MET CG  HG2  sing N N 230 
MET CG  HG3  sing N N 231 
MET SD  CE   sing N N 232 
MET CE  HE1  sing N N 233 
MET CE  HE2  sing N N 234 
MET CE  HE3  sing N N 235 
MET OXT HXT  sing N N 236 
MSE N   CA   sing N N 237 
MSE N   H    sing N N 238 
MSE N   H2   sing N N 239 
MSE CA  C    sing N N 240 
MSE CA  CB   sing N N 241 
MSE CA  HA   sing N N 242 
MSE C   O    doub N N 243 
MSE C   OXT  sing N N 244 
MSE OXT HXT  sing N N 245 
MSE CB  CG   sing N N 246 
MSE CB  HB2  sing N N 247 
MSE CB  HB3  sing N N 248 
MSE CG  SE   sing N N 249 
MSE CG  HG2  sing N N 250 
MSE CG  HG3  sing N N 251 
MSE SE  CE   sing N N 252 
MSE CE  HE1  sing N N 253 
MSE CE  HE2  sing N N 254 
MSE CE  HE3  sing N N 255 
PHE N   CA   sing N N 256 
PHE N   H    sing N N 257 
PHE N   H2   sing N N 258 
PHE CA  C    sing N N 259 
PHE CA  CB   sing N N 260 
PHE CA  HA   sing N N 261 
PHE C   O    doub N N 262 
PHE C   OXT  sing N N 263 
PHE CB  CG   sing N N 264 
PHE CB  HB2  sing N N 265 
PHE CB  HB3  sing N N 266 
PHE CG  CD1  doub Y N 267 
PHE CG  CD2  sing Y N 268 
PHE CD1 CE1  sing Y N 269 
PHE CD1 HD1  sing N N 270 
PHE CD2 CE2  doub Y N 271 
PHE CD2 HD2  sing N N 272 
PHE CE1 CZ   doub Y N 273 
PHE CE1 HE1  sing N N 274 
PHE CE2 CZ   sing Y N 275 
PHE CE2 HE2  sing N N 276 
PHE CZ  HZ   sing N N 277 
PHE OXT HXT  sing N N 278 
PRO N   CA   sing N N 279 
PRO N   CD   sing N N 280 
PRO N   H    sing N N 281 
PRO CA  C    sing N N 282 
PRO CA  CB   sing N N 283 
PRO CA  HA   sing N N 284 
PRO C   O    doub N N 285 
PRO C   OXT  sing N N 286 
PRO CB  CG   sing N N 287 
PRO CB  HB2  sing N N 288 
PRO CB  HB3  sing N N 289 
PRO CG  CD   sing N N 290 
PRO CG  HG2  sing N N 291 
PRO CG  HG3  sing N N 292 
PRO CD  HD2  sing N N 293 
PRO CD  HD3  sing N N 294 
PRO OXT HXT  sing N N 295 
SER N   CA   sing N N 296 
SER N   H    sing N N 297 
SER N   H2   sing N N 298 
SER CA  C    sing N N 299 
SER CA  CB   sing N N 300 
SER CA  HA   sing N N 301 
SER C   O    doub N N 302 
SER C   OXT  sing N N 303 
SER CB  OG   sing N N 304 
SER CB  HB2  sing N N 305 
SER CB  HB3  sing N N 306 
SER OG  HG   sing N N 307 
SER OXT HXT  sing N N 308 
THR N   CA   sing N N 309 
THR N   H    sing N N 310 
THR N   H2   sing N N 311 
THR CA  C    sing N N 312 
THR CA  CB   sing N N 313 
THR CA  HA   sing N N 314 
THR C   O    doub N N 315 
THR C   OXT  sing N N 316 
THR CB  OG1  sing N N 317 
THR CB  CG2  sing N N 318 
THR CB  HB   sing N N 319 
THR OG1 HG1  sing N N 320 
THR CG2 HG21 sing N N 321 
THR CG2 HG22 sing N N 322 
THR CG2 HG23 sing N N 323 
THR OXT HXT  sing N N 324 
TYR N   CA   sing N N 325 
TYR N   H    sing N N 326 
TYR N   H2   sing N N 327 
TYR CA  C    sing N N 328 
TYR CA  CB   sing N N 329 
TYR CA  HA   sing N N 330 
TYR C   O    doub N N 331 
TYR C   OXT  sing N N 332 
TYR CB  CG   sing N N 333 
TYR CB  HB2  sing N N 334 
TYR CB  HB3  sing N N 335 
TYR CG  CD1  doub Y N 336 
TYR CG  CD2  sing Y N 337 
TYR CD1 CE1  sing Y N 338 
TYR CD1 HD1  sing N N 339 
TYR CD2 CE2  doub Y N 340 
TYR CD2 HD2  sing N N 341 
TYR CE1 CZ   doub Y N 342 
TYR CE1 HE1  sing N N 343 
TYR CE2 CZ   sing Y N 344 
TYR CE2 HE2  sing N N 345 
TYR CZ  OH   sing N N 346 
TYR OH  HH   sing N N 347 
TYR OXT HXT  sing N N 348 
VAL N   CA   sing N N 349 
VAL N   H    sing N N 350 
VAL N   H2   sing N N 351 
VAL CA  C    sing N N 352 
VAL CA  CB   sing N N 353 
VAL CA  HA   sing N N 354 
VAL C   O    doub N N 355 
VAL C   OXT  sing N N 356 
VAL CB  CG1  sing N N 357 
VAL CB  CG2  sing N N 358 
VAL CB  HB   sing N N 359 
VAL CG1 HG11 sing N N 360 
VAL CG1 HG12 sing N N 361 
VAL CG1 HG13 sing N N 362 
VAL CG2 HG21 sing N N 363 
VAL CG2 HG22 sing N N 364 
VAL CG2 HG23 sing N N 365 
VAL OXT HXT  sing N N 366 
# 
_atom_sites.entry_id                    1SBX 
_atom_sites.fract_transf_matrix[1][1]   -0.02945618 
_atom_sites.fract_transf_matrix[1][2]   0.02249526 
_atom_sites.fract_transf_matrix[1][3]   -0.01100491 
_atom_sites.fract_transf_matrix[2][1]   0.00753880 
_atom_sites.fract_transf_matrix[2][2]   0.01587992 
_atom_sites.fract_transf_matrix[2][3]   0.01228169 
_atom_sites.fract_transf_matrix[3][1]   0.01374632 
_atom_sites.fract_transf_matrix[3][2]   0.01054240 
_atom_sites.fract_transf_matrix[3][3]   -0.02206888 
_atom_sites.fract_transf_vector[1]      0.548943 
_atom_sites.fract_transf_vector[2]      0.659828 
_atom_sites.fract_transf_vector[3]      0.184447 
# 
loop_
_atom_type.symbol 
C  
N  
O  
S  
SE 
# 
loop_
_atom_site.group_PDB 
_atom_site.id 
_atom_site.type_symbol 
_atom_site.label_atom_id 
_atom_site.label_alt_id 
_atom_site.label_comp_id 
_atom_site.label_asym_id 
_atom_site.label_entity_id 
_atom_site.label_seq_id 
_atom_site.pdbx_PDB_ins_code 
_atom_site.Cartn_x 
_atom_site.Cartn_y 
_atom_site.Cartn_z 
_atom_site.occupancy 
_atom_site.B_iso_or_equiv 
_atom_site.pdbx_formal_charge 
_atom_site.auth_seq_id 
_atom_site.auth_comp_id 
_atom_site.auth_asym_id 
_atom_site.auth_atom_id 
_atom_site.pdbx_PDB_model_num 
ATOM   1   N  N   . GLY A 1 1   ? 10.019  -11.761 25.808  1.00 20.40 ? 87  GLY A N   1 
ATOM   2   C  CA  . GLY A 1 1   ? 10.159  -10.354 25.324  1.00 18.19 ? 87  GLY A CA  1 
ATOM   3   C  C   . GLY A 1 1   ? 11.075  -10.258 24.120  1.00 17.17 ? 87  GLY A C   1 
ATOM   4   O  O   . GLY A 1 1   ? 12.036  -11.016 24.003  1.00 17.24 ? 87  GLY A O   1 
ATOM   5   N  N   . SER A 1 2   ? 10.779  -9.328  23.218  1.00 16.14 ? 88  SER A N   1 
ATOM   6   C  CA  . SER A 1 2   ? 11.599  -9.159  22.025  1.00 14.72 ? 88  SER A CA  1 
ATOM   7   C  C   . SER A 1 2   ? 12.453  -7.903  22.120  1.00 14.62 ? 88  SER A C   1 
ATOM   8   O  O   . SER A 1 2   ? 13.472  -7.782  21.439  1.00 13.13 ? 88  SER A O   1 
ATOM   9   C  CB  . SER A 1 2   ? 10.714  -9.072  20.777  1.00 16.51 ? 88  SER A CB  1 
ATOM   10  O  OG  . SER A 1 2   ? 9.962   -7.869  20.767  1.00 17.51 ? 88  SER A OG  1 
ATOM   11  N  N   . HIS A 1 3   ? 12.050  -6.976  22.980  1.00 12.39 ? 89  HIS A N   1 
ATOM   12  C  CA  . HIS A 1 3   ? 12.776  -5.724  23.121  1.00 13.23 ? 89  HIS A CA  1 
ATOM   13  C  C   . HIS A 1 3   ? 14.260  -5.866  23.456  1.00 11.92 ? 89  HIS A C   1 
ATOM   14  O  O   . HIS A 1 3   ? 15.079  -5.093  22.965  1.00 10.40 ? 89  HIS A O   1 
ATOM   15  C  CB  . HIS A 1 3   ? 12.102  -4.829  24.166  1.00 14.14 ? 89  HIS A CB  1 
ATOM   16  C  CG  . HIS A 1 3   ? 12.696  -3.457  24.248  1.00 15.60 ? 89  HIS A CG  1 
ATOM   17  N  ND1 . HIS A 1 3   ? 12.592  -2.538  23.225  1.00 17.59 ? 89  HIS A ND1 1 
ATOM   18  C  CD2 . HIS A 1 3   ? 13.443  -2.865  25.209  1.00 17.04 ? 89  HIS A CD2 1 
ATOM   19  C  CE1 . HIS A 1 3   ? 13.251  -1.441  23.551  1.00 16.97 ? 89  HIS A CE1 1 
ATOM   20  N  NE2 . HIS A 1 3   ? 13.778  -1.614  24.751  1.00 17.84 ? 89  HIS A NE2 1 
HETATM 21  N  N   . MSE A 1 4   ? 14.619  -6.846  24.282  1.00 11.22 ? 90  MSE A N   1 
HETATM 22  C  CA  . MSE A 1 4   ? 16.020  -7.009  24.650  1.00 11.28 ? 90  MSE A CA  1 
HETATM 23  C  C   . MSE A 1 4   ? 16.923  -7.374  23.473  1.00 10.97 ? 90  MSE A C   1 
HETATM 24  O  O   . MSE A 1 4   ? 18.147  -7.348  23.596  1.00 8.65  ? 90  MSE A O   1 
HETATM 25  C  CB  . MSE A 1 4   ? 16.178  -8.050  25.765  1.00 13.74 ? 90  MSE A CB  1 
HETATM 26  C  CG  . MSE A 1 4   ? 15.878  -9.480  25.371  1.00 15.42 ? 90  MSE A CG  1 
HETATM 27  SE SE  . MSE A 1 4   ? 16.215  -10.688 26.852  1.00 22.00 ? 90  MSE A SE  1 
HETATM 28  C  CE  . MSE A 1 4   ? 18.022  -11.174 26.431  1.00 19.40 ? 90  MSE A CE  1 
ATOM   29  N  N   . PHE A 1 5   ? 16.323  -7.703  22.333  1.00 9.79  ? 91  PHE A N   1 
ATOM   30  C  CA  . PHE A 1 5   ? 17.101  -8.060  21.153  1.00 9.72  ? 91  PHE A CA  1 
ATOM   31  C  C   . PHE A 1 5   ? 17.178  -6.920  20.144  1.00 9.80  ? 91  PHE A C   1 
ATOM   32  O  O   . PHE A 1 5   ? 17.541  -7.117  18.980  1.00 8.49  ? 91  PHE A O   1 
ATOM   33  C  CB  . PHE A 1 5   ? 16.519  -9.325  20.523  1.00 10.07 ? 91  PHE A CB  1 
ATOM   34  C  CG  . PHE A 1 5   ? 16.638  -10.532 21.408  1.00 11.09 ? 91  PHE A CG  1 
ATOM   35  C  CD1 . PHE A 1 5   ? 15.586  -11.430 21.529  1.00 12.39 ? 91  PHE A CD1 1 
ATOM   36  C  CD2 . PHE A 1 5   ? 17.799  -10.755 22.145  1.00 10.87 ? 91  PHE A CD2 1 
ATOM   37  C  CE1 . PHE A 1 5   ? 15.685  -12.536 22.373  1.00 14.33 ? 91  PHE A CE1 1 
ATOM   38  C  CE2 . PHE A 1 5   ? 17.911  -11.853 22.992  1.00 12.07 ? 91  PHE A CE2 1 
ATOM   39  C  CZ  . PHE A 1 5   ? 16.848  -12.748 23.107  1.00 12.20 ? 91  PHE A CZ  1 
HETATM 40  N  N   . MSE A 1 6   ? 16.835  -5.725  20.619  1.00 9.74  ? 92  MSE A N   1 
HETATM 41  C  CA  . MSE A 1 6   ? 16.880  -4.497  19.830  1.00 10.62 ? 92  MSE A CA  1 
HETATM 42  C  C   . MSE A 1 6   ? 16.019  -4.490  18.571  1.00 11.62 ? 92  MSE A C   1 
HETATM 43  O  O   . MSE A 1 6   ? 16.527  -4.352  17.458  1.00 11.09 ? 92  MSE A O   1 
HETATM 44  C  CB  . MSE A 1 6   ? 18.332  -4.180  19.458  1.00 11.05 ? 92  MSE A CB  1 
HETATM 45  C  CG  . MSE A 1 6   ? 19.291  -4.135  20.647  1.00 12.79 ? 92  MSE A CG  1 
HETATM 46  SE SE  . MSE A 1 6   ? 18.918  -2.715  21.921  1.00 15.96 ? 92  MSE A SE  1 
HETATM 47  C  CE  . MSE A 1 6   ? 18.093  -3.749  23.325  1.00 14.59 ? 92  MSE A CE  1 
ATOM   48  N  N   . PRO A 1 7   ? 14.698  -4.632  18.730  1.00 11.92 ? 93  PRO A N   1 
ATOM   49  C  CA  . PRO A 1 7   ? 13.825  -4.626  17.556  1.00 11.25 ? 93  PRO A CA  1 
ATOM   50  C  C   . PRO A 1 7   ? 13.729  -3.217  16.978  1.00 11.08 ? 93  PRO A C   1 
ATOM   51  O  O   . PRO A 1 7   ? 14.028  -2.235  17.658  1.00 12.27 ? 93  PRO A O   1 
ATOM   52  C  CB  . PRO A 1 7   ? 12.492  -5.103  18.123  1.00 11.84 ? 93  PRO A CB  1 
ATOM   53  C  CG  . PRO A 1 7   ? 12.508  -4.522  19.502  1.00 12.54 ? 93  PRO A CG  1 
ATOM   54  C  CD  . PRO A 1 7   ? 13.917  -4.822  19.966  1.00 12.25 ? 93  PRO A CD  1 
ATOM   55  N  N   A SER A 1 8   ? 13.323  -3.123  15.718  0.50 10.17 ? 94  SER A N   1 
ATOM   56  N  N   B SER A 1 8   ? 13.319  -3.126  15.719  0.50 10.18 ? 94  SER A N   1 
ATOM   57  C  CA  A SER A 1 8   ? 13.173  -1.829  15.070  0.50 9.54  ? 94  SER A CA  1 
ATOM   58  C  CA  B SER A 1 8   ? 13.170  -1.835  15.063  0.50 9.72  ? 94  SER A CA  1 
ATOM   59  C  C   A SER A 1 8   ? 11.795  -1.282  15.412  0.50 8.97  ? 94  SER A C   1 
ATOM   60  C  C   B SER A 1 8   ? 11.792  -1.284  15.409  0.50 8.98  ? 94  SER A C   1 
ATOM   61  O  O   A SER A 1 8   ? 10.922  -2.024  15.862  0.50 8.27  ? 94  SER A O   1 
ATOM   62  O  O   B SER A 1 8   ? 10.919  -2.024  15.859  0.50 8.25  ? 94  SER A O   1 
ATOM   63  C  CB  A SER A 1 8   ? 13.316  -1.967  13.553  0.50 9.70  ? 94  SER A CB  1 
ATOM   64  C  CB  B SER A 1 8   ? 13.300  -1.990  13.546  0.50 10.18 ? 94  SER A CB  1 
ATOM   65  O  OG  A SER A 1 8   ? 14.627  -2.375  13.201  0.50 11.00 ? 94  SER A OG  1 
ATOM   66  O  OG  B SER A 1 8   ? 12.315  -2.872  13.038  0.50 12.64 ? 94  SER A OG  1 
ATOM   67  N  N   . ASP A 1 9   ? 11.605  0.015   15.205  1.00 9.55  ? 95  ASP A N   1 
ATOM   68  C  CA  . ASP A 1 9   ? 10.330  0.652   15.498  1.00 9.72  ? 95  ASP A CA  1 
ATOM   69  C  C   . ASP A 1 9   ? 9.228   0.102   14.607  1.00 8.67  ? 95  ASP A C   1 
ATOM   70  O  O   . ASP A 1 9   ? 9.468   -0.265  13.457  1.00 9.28  ? 95  ASP A O   1 
ATOM   71  C  CB  . ASP A 1 9   ? 10.429  2.164   15.285  1.00 12.62 ? 95  ASP A CB  1 
ATOM   72  C  CG  . ASP A 1 9   ? 11.288  2.848   16.328  1.00 17.25 ? 95  ASP A CG  1 
ATOM   73  O  OD1 . ASP A 1 9   ? 11.508  4.069   16.197  1.00 21.98 ? 95  ASP A OD1 1 
ATOM   74  O  OD2 . ASP A 1 9   ? 11.735  2.171   17.279  1.00 18.80 ? 95  ASP A OD2 1 
ATOM   75  N  N   . ARG A 1 10  ? 8.017   0.033   15.142  1.00 7.88  ? 96  ARG A N   1 
ATOM   76  C  CA  . ARG A 1 10  ? 6.897   -0.441  14.347  1.00 7.39  ? 96  ARG A CA  1 
ATOM   77  C  C   . ARG A 1 10  ? 6.075   0.768   13.933  1.00 7.63  ? 96  ARG A C   1 
ATOM   78  O  O   . ARG A 1 10  ? 6.325   1.876   14.402  1.00 7.53  ? 96  ARG A O   1 
ATOM   79  C  CB  . ARG A 1 10  ? 6.027   -1.401  15.154  1.00 11.12 ? 96  ARG A CB  1 
ATOM   80  C  CG  . ARG A 1 10  ? 5.592   -0.860  16.493  1.00 10.51 ? 96  ARG A CG  1 
ATOM   81  C  CD  . ARG A 1 10  ? 4.536   -1.761  17.101  1.00 13.17 ? 96  ARG A CD  1 
ATOM   82  N  NE  . ARG A 1 10  ? 4.444   -1.593  18.542  1.00 11.74 ? 96  ARG A NE  1 
ATOM   83  C  CZ  . ARG A 1 10  ? 3.624   -2.289  19.318  1.00 9.79  ? 96  ARG A CZ  1 
ATOM   84  N  NH1 . ARG A 1 10  ? 3.614   -2.073  20.625  1.00 6.16  ? 96  ARG A NH1 1 
ATOM   85  N  NH2 . ARG A 1 10  ? 2.804   -3.190  18.787  1.00 9.73  ? 96  ARG A NH2 1 
ATOM   86  N  N   . SER A 1 11  ? 5.112   0.563   13.040  1.00 6.77  ? 97  SER A N   1 
ATOM   87  C  CA  . SER A 1 11  ? 4.253   1.659   12.609  1.00 8.18  ? 97  SER A CA  1 
ATOM   88  C  C   . SER A 1 11  ? 3.283   1.941   13.743  1.00 8.47  ? 97  SER A C   1 
ATOM   89  O  O   . SER A 1 11  ? 2.678   1.022   14.299  1.00 10.26 ? 97  SER A O   1 
ATOM   90  C  CB  . SER A 1 11  ? 3.483   1.289   11.344  1.00 9.36  ? 97  SER A CB  1 
ATOM   91  O  OG  . SER A 1 11  ? 4.341   1.295   10.219  1.00 8.55  ? 97  SER A OG  1 
ATOM   92  N  N   . THR A 1 12  ? 3.131   3.216   14.078  1.00 7.53  ? 98  THR A N   1 
ATOM   93  C  CA  . THR A 1 12  ? 2.259   3.611   15.174  1.00 9.00  ? 98  THR A CA  1 
ATOM   94  C  C   . THR A 1 12  ? 1.150   4.575   14.771  1.00 9.21  ? 98  THR A C   1 
ATOM   95  O  O   . THR A 1 12  ? 0.307   4.937   15.589  1.00 9.80  ? 98  THR A O   1 
ATOM   96  C  CB  . THR A 1 12  ? 3.085   4.236   16.311  1.00 8.07  ? 98  THR A CB  1 
ATOM   97  O  OG1 . THR A 1 12  ? 4.006   5.186   15.760  1.00 11.15 ? 98  THR A OG1 1 
ATOM   98  C  CG2 . THR A 1 12  ? 3.863   3.160   17.056  1.00 13.34 ? 98  THR A CG2 1 
ATOM   99  N  N   . GLU A 1 13  ? 1.156   4.996   13.512  1.00 8.71  ? 99  GLU A N   1 
ATOM   100 C  CA  . GLU A 1 13  ? 0.124   5.895   13.018  1.00 7.12  ? 99  GLU A CA  1 
ATOM   101 C  C   . GLU A 1 13  ? 0.053   5.834   11.502  1.00 6.58  ? 99  GLU A C   1 
ATOM   102 O  O   . GLU A 1 13  ? 1.001   5.419   10.839  1.00 5.33  ? 99  GLU A O   1 
ATOM   103 C  CB  . GLU A 1 13  ? 0.384   7.340   13.465  1.00 10.40 ? 99  GLU A CB  1 
ATOM   104 C  CG  . GLU A 1 13  ? 1.661   7.961   12.930  1.00 12.35 ? 99  GLU A CG  1 
ATOM   105 C  CD  . GLU A 1 13  ? 2.896   7.408   13.602  1.00 15.24 ? 99  GLU A CD  1 
ATOM   106 O  OE1 . GLU A 1 13  ? 2.974   7.476   14.848  1.00 15.61 ? 99  GLU A OE1 1 
ATOM   107 O  OE2 . GLU A 1 13  ? 3.787   6.908   12.886  1.00 18.43 ? 99  GLU A OE2 1 
ATOM   108 N  N   . ARG A 1 14  ? -1.086  6.230   10.954  1.00 5.27  ? 100 ARG A N   1 
ATOM   109 C  CA  . ARG A 1 14  ? -1.260  6.221   9.512   1.00 4.64  ? 100 ARG A CA  1 
ATOM   110 C  C   . ARG A 1 14  ? -1.326  7.645   8.989   1.00 4.53  ? 100 ARG A C   1 
ATOM   111 O  O   . ARG A 1 14  ? -1.399  8.599   9.759   1.00 5.19  ? 100 ARG A O   1 
ATOM   112 C  CB  . ARG A 1 14  ? -2.542  5.461   9.139   1.00 6.10  ? 100 ARG A CB  1 
ATOM   113 C  CG  . ARG A 1 14  ? -3.762  5.785   10.011  1.00 4.80  ? 100 ARG A CG  1 
ATOM   114 C  CD  . ARG A 1 14  ? -4.258  7.218   9.818   1.00 8.78  ? 100 ARG A CD  1 
ATOM   115 N  NE  . ARG A 1 14  ? -4.870  7.410   8.506   1.00 9.41  ? 100 ARG A NE  1 
ATOM   116 C  CZ  . ARG A 1 14  ? -5.064  8.595   7.935   1.00 10.18 ? 100 ARG A CZ  1 
ATOM   117 N  NH1 . ARG A 1 14  ? -4.694  9.707   8.557   1.00 10.54 ? 100 ARG A NH1 1 
ATOM   118 N  NH2 . ARG A 1 14  ? -5.633  8.668   6.737   1.00 11.86 ? 100 ARG A NH2 1 
ATOM   119 N  N   . CYS A 1 15  ? -1.267  7.778   7.671   1.00 3.62  ? 101 CYS A N   1 
ATOM   120 C  CA  . CYS A 1 15  ? -1.373  9.072   7.015   1.00 4.35  ? 101 CYS A CA  1 
ATOM   121 C  C   . CYS A 1 15  ? -2.052  8.787   5.689   1.00 5.93  ? 101 CYS A C   1 
ATOM   122 O  O   . CYS A 1 15  ? -2.532  7.675   5.469   1.00 4.87  ? 101 CYS A O   1 
ATOM   123 C  CB  . CYS A 1 15  ? 0.006   9.721   6.811   1.00 6.63  ? 101 CYS A CB  1 
ATOM   124 S  SG  . CYS A 1 15  ? 1.272   8.681   6.068   1.00 8.79  ? 101 CYS A SG  1 
ATOM   125 N  N   . GLU A 1 16  ? -2.114  9.775   4.809   1.00 5.89  ? 102 GLU A N   1 
ATOM   126 C  CA  . GLU A 1 16  ? -2.769  9.549   3.531   1.00 6.75  ? 102 GLU A CA  1 
ATOM   127 C  C   . GLU A 1 16  ? -2.185  10.400  2.424   1.00 6.38  ? 102 GLU A C   1 
ATOM   128 O  O   . GLU A 1 16  ? -1.380  11.303  2.665   1.00 7.79  ? 102 GLU A O   1 
ATOM   129 C  CB  . GLU A 1 16  ? -4.268  9.825   3.661   1.00 8.07  ? 102 GLU A CB  1 
ATOM   130 C  CG  . GLU A 1 16  ? -4.585  11.205  4.210   1.00 12.34 ? 102 GLU A CG  1 
ATOM   131 C  CD  . GLU A 1 16  ? -6.068  11.415  4.444   1.00 13.02 ? 102 GLU A CD  1 
ATOM   132 O  OE1 . GLU A 1 16  ? -6.708  10.524  5.044   1.00 15.49 ? 102 GLU A OE1 1 
ATOM   133 O  OE2 . GLU A 1 16  ? -6.593  12.475  4.039   1.00 14.84 ? 102 GLU A OE2 1 
ATOM   134 N  N   . THR A 1 17  ? -2.597  10.102  1.200   1.00 6.54  ? 103 THR A N   1 
ATOM   135 C  CA  . THR A 1 17  ? -2.122  10.842  0.045   1.00 6.29  ? 103 THR A CA  1 
ATOM   136 C  C   . THR A 1 17  ? -3.163  10.703  -1.046  1.00 7.28  ? 103 THR A C   1 
ATOM   137 O  O   . THR A 1 17  ? -3.932  9.745   -1.056  1.00 6.64  ? 103 THR A O   1 
ATOM   138 C  CB  . THR A 1 17  ? -0.763  10.291  -0.453  1.00 8.83  ? 103 THR A CB  1 
ATOM   139 O  OG1 . THR A 1 17  ? -0.199  11.198  -1.408  1.00 12.40 ? 103 THR A OG1 1 
ATOM   140 C  CG2 . THR A 1 17  ? -0.935  8.932   -1.103  1.00 7.04  ? 103 THR A CG2 1 
ATOM   141 N  N   . VAL A 1 18  ? -3.205  11.665  -1.958  1.00 6.59  ? 104 VAL A N   1 
ATOM   142 C  CA  . VAL A 1 18  ? -4.172  11.606  -3.041  1.00 8.25  ? 104 VAL A CA  1 
ATOM   143 C  C   . VAL A 1 18  ? -3.555  10.968  -4.279  1.00 8.71  ? 104 VAL A C   1 
ATOM   144 O  O   . VAL A 1 18  ? -2.524  11.421  -4.785  1.00 10.93 ? 104 VAL A O   1 
ATOM   145 C  CB  . VAL A 1 18  ? -4.703  13.011  -3.394  1.00 9.18  ? 104 VAL A CB  1 
ATOM   146 C  CG1 . VAL A 1 18  ? -5.673  12.918  -4.560  1.00 10.26 ? 104 VAL A CG1 1 
ATOM   147 C  CG2 . VAL A 1 18  ? -5.397  13.625  -2.178  1.00 8.54  ? 104 VAL A CG2 1 
ATOM   148 N  N   . LEU A 1 19  ? -4.193  9.903   -4.757  1.00 9.25  ? 105 LEU A N   1 
ATOM   149 C  CA  . LEU A 1 19  ? -3.734  9.181   -5.938  1.00 7.16  ? 105 LEU A CA  1 
ATOM   150 C  C   . LEU A 1 19  ? -4.814  9.206   -7.011  1.00 7.53  ? 105 LEU A C   1 
ATOM   151 O  O   . LEU A 1 19  ? -5.865  8.595   -6.849  1.00 7.66  ? 105 LEU A O   1 
ATOM   152 C  CB  . LEU A 1 19  ? -3.413  7.727   -5.579  1.00 6.65  ? 105 LEU A CB  1 
ATOM   153 C  CG  . LEU A 1 19  ? -2.897  6.829   -6.710  1.00 5.66  ? 105 LEU A CG  1 
ATOM   154 C  CD1 . LEU A 1 19  ? -1.523  7.313   -7.167  1.00 4.68  ? 105 LEU A CD1 1 
ATOM   155 C  CD2 . LEU A 1 19  ? -2.814  5.388   -6.222  1.00 5.15  ? 105 LEU A CD2 1 
ATOM   156 N  N   . GLU A 1 20  ? -4.552  9.920   -8.100  1.00 7.51  ? 106 GLU A N   1 
ATOM   157 C  CA  . GLU A 1 20  ? -5.506  10.009  -9.202  1.00 9.08  ? 106 GLU A CA  1 
ATOM   158 C  C   . GLU A 1 20  ? -6.930  10.310  -8.736  1.00 9.58  ? 106 GLU A C   1 
ATOM   159 O  O   . GLU A 1 20  ? -7.887  9.703   -9.220  1.00 10.85 ? 106 GLU A O   1 
ATOM   160 C  CB  . GLU A 1 20  ? -5.502  8.703   -10.007 1.00 8.11  ? 106 GLU A CB  1 
ATOM   161 C  CG  . GLU A 1 20  ? -4.165  8.345   -10.641 1.00 8.68  ? 106 GLU A CG  1 
ATOM   162 C  CD  . GLU A 1 20  ? -3.787  9.245   -11.812 1.00 10.54 ? 106 GLU A CD  1 
ATOM   163 O  OE1 . GLU A 1 20  ? -4.615  10.084  -12.226 1.00 12.13 ? 106 GLU A OE1 1 
ATOM   164 O  OE2 . GLU A 1 20  ? -2.657  9.104   -12.326 1.00 11.84 ? 106 GLU A OE2 1 
ATOM   165 N  N   . GLY A 1 21  ? -7.067  11.233  -7.788  1.00 10.21 ? 107 GLY A N   1 
ATOM   166 C  CA  . GLY A 1 21  ? -8.388  11.603  -7.309  1.00 9.90  ? 107 GLY A CA  1 
ATOM   167 C  C   . GLY A 1 21  ? -8.943  10.882  -6.093  1.00 10.64 ? 107 GLY A C   1 
ATOM   168 O  O   . GLY A 1 21  ? -9.987  11.277  -5.573  1.00 12.06 ? 107 GLY A O   1 
ATOM   169 N  N   . GLU A 1 22  ? -8.270  9.831   -5.636  1.00 8.73  ? 108 GLU A N   1 
ATOM   170 C  CA  . GLU A 1 22  ? -8.737  9.082   -4.476  1.00 8.18  ? 108 GLU A CA  1 
ATOM   171 C  C   . GLU A 1 22  ? -7.764  9.219   -3.307  1.00 7.63  ? 108 GLU A C   1 
ATOM   172 O  O   . GLU A 1 22  ? -6.550  9.185   -3.494  1.00 8.97  ? 108 GLU A O   1 
ATOM   173 C  CB  . GLU A 1 22  ? -8.900  7.600   -4.840  1.00 8.19  ? 108 GLU A CB  1 
ATOM   174 C  CG  . GLU A 1 22  ? -9.297  6.697   -3.671  1.00 13.52 ? 108 GLU A CG  1 
ATOM   175 C  CD  . GLU A 1 22  ? -10.766 6.808   -3.285  1.00 14.87 ? 108 GLU A CD  1 
ATOM   176 O  OE1 . GLU A 1 22  ? -11.131 6.305   -2.201  1.00 20.21 ? 108 GLU A OE1 1 
ATOM   177 O  OE2 . GLU A 1 22  ? -11.557 7.380   -4.061  1.00 12.29 ? 108 GLU A OE2 1 
ATOM   178 N  N   . THR A 1 23  ? -8.304  9.376   -2.101  1.00 7.62  ? 109 THR A N   1 
ATOM   179 C  CA  . THR A 1 23  ? -7.477  9.493   -0.906  1.00 6.85  ? 109 THR A CA  1 
ATOM   180 C  C   . THR A 1 23  ? -7.131  8.093   -0.414  1.00 6.60  ? 109 THR A C   1 
ATOM   181 O  O   . THR A 1 23  ? -8.004  7.343   0.028   1.00 8.96  ? 109 THR A O   1 
ATOM   182 C  CB  . THR A 1 23  ? -8.212  10.247  0.202   1.00 6.58  ? 109 THR A CB  1 
ATOM   183 O  OG1 . THR A 1 23  ? -8.582  11.546  -0.279  1.00 8.94  ? 109 THR A OG1 1 
ATOM   184 C  CG2 . THR A 1 23  ? -7.315  10.402  1.420   1.00 8.63  ? 109 THR A CG2 1 
ATOM   185 N  N   . ILE A 1 24  ? -5.849  7.752   -0.488  1.00 5.25  ? 110 ILE A N   1 
ATOM   186 C  CA  . ILE A 1 24  ? -5.371  6.435   -0.086  1.00 4.17  ? 110 ILE A CA  1 
ATOM   187 C  C   . ILE A 1 24  ? -4.621  6.484   1.241   1.00 3.51  ? 110 ILE A C   1 
ATOM   188 O  O   . ILE A 1 24  ? -3.802  7.376   1.465   1.00 3.98  ? 110 ILE A O   1 
ATOM   189 C  CB  . ILE A 1 24  ? -4.426  5.855   -1.162  1.00 2.82  ? 110 ILE A CB  1 
ATOM   190 C  CG1 . ILE A 1 24  ? -5.126  5.825   -2.527  1.00 4.30  ? 110 ILE A CG1 1 
ATOM   191 C  CG2 . ILE A 1 24  ? -3.981  4.449   -0.763  1.00 3.58  ? 110 ILE A CG2 1 
ATOM   192 C  CD1 . ILE A 1 24  ? -6.299  4.850   -2.614  1.00 3.15  ? 110 ILE A CD1 1 
ATOM   193 N  N   . SER A 1 25  ? -4.910  5.525   2.116   1.00 3.28  ? 111 SER A N   1 
ATOM   194 C  CA  . SER A 1 25  ? -4.256  5.447   3.418   1.00 3.78  ? 111 SER A CA  1 
ATOM   195 C  C   . SER A 1 25  ? -2.858  4.877   3.229   1.00 2.33  ? 111 SER A C   1 
ATOM   196 O  O   . SER A 1 25  ? -2.645  4.008   2.382   1.00 3.12  ? 111 SER A O   1 
ATOM   197 C  CB  . SER A 1 25  ? -5.064  4.562   4.366   1.00 4.85  ? 111 SER A CB  1 
ATOM   198 O  OG  . SER A 1 25  ? -6.308  5.176   4.674   1.00 9.28  ? 111 SER A OG  1 
ATOM   199 N  N   A CYS A 1 26  ? -1.905  5.386   4.008   0.80 3.74  ? 112 CYS A N   1 
ATOM   200 N  N   B CYS A 1 26  ? -1.912  5.354   4.027   0.20 2.72  ? 112 CYS A N   1 
ATOM   201 C  CA  A CYS A 1 26  ? -0.509  4.956   3.909   0.80 3.45  ? 112 CYS A CA  1 
ATOM   202 C  CA  B CYS A 1 26  ? -0.543  4.880   3.922   0.20 2.38  ? 112 CYS A CA  1 
ATOM   203 C  C   A CYS A 1 26  ? 0.194   4.930   5.258   0.80 2.90  ? 112 CYS A C   1 
ATOM   204 C  C   B CYS A 1 26  ? 0.203   4.947   5.246   0.20 2.50  ? 112 CYS A C   1 
ATOM   205 O  O   A CYS A 1 26  ? -0.353  5.350   6.278   0.80 3.25  ? 112 CYS A O   1 
ATOM   206 O  O   B CYS A 1 26  ? -0.315  5.440   6.248   0.20 2.60  ? 112 CYS A O   1 
ATOM   207 C  CB  A CYS A 1 26  ? 0.303   5.921   3.038   0.80 5.77  ? 112 CYS A CB  1 
ATOM   208 C  CB  B CYS A 1 26  ? 0.207   5.692   2.866   0.20 3.01  ? 112 CYS A CB  1 
ATOM   209 S  SG  A CYS A 1 26  ? -0.522  6.690   1.639   0.80 8.05  ? 112 CYS A SG  1 
ATOM   210 S  SG  B CYS A 1 26  ? 0.162   7.469   3.140   0.20 1.26  ? 112 CYS A SG  1 
ATOM   211 N  N   . PHE A 1 27  ? 1.430   4.443   5.230   1.00 2.92  ? 113 PHE A N   1 
ATOM   212 C  CA  . PHE A 1 27  ? 2.287   4.412   6.403   1.00 3.07  ? 113 PHE A CA  1 
ATOM   213 C  C   . PHE A 1 27  ? 3.622   4.895   5.871   1.00 3.38  ? 113 PHE A C   1 
ATOM   214 O  O   . PHE A 1 27  ? 4.033   4.496   4.786   1.00 3.53  ? 113 PHE A O   1 
ATOM   215 C  CB  . PHE A 1 27  ? 2.454   2.994   6.943   1.00 3.18  ? 113 PHE A CB  1 
ATOM   216 C  CG  . PHE A 1 27  ? 1.198   2.407   7.504   1.00 4.04  ? 113 PHE A CG  1 
ATOM   217 C  CD1 . PHE A 1 27  ? 0.398   1.573   6.733   1.00 4.76  ? 113 PHE A CD1 1 
ATOM   218 C  CD2 . PHE A 1 27  ? 0.805   2.701   8.806   1.00 4.25  ? 113 PHE A CD2 1 
ATOM   219 C  CE1 . PHE A 1 27  ? -0.777  1.038   7.251   1.00 3.97  ? 113 PHE A CE1 1 
ATOM   220 C  CE2 . PHE A 1 27  ? -0.367  2.172   9.331   1.00 4.63  ? 113 PHE A CE2 1 
ATOM   221 C  CZ  . PHE A 1 27  ? -1.159  1.339   8.554   1.00 4.75  ? 113 PHE A CZ  1 
ATOM   222 N  N   . VAL A 1 28  ? 4.293   5.771   6.606   1.00 3.25  ? 114 VAL A N   1 
ATOM   223 C  CA  . VAL A 1 28  ? 5.588   6.247   6.150   1.00 3.94  ? 114 VAL A CA  1 
ATOM   224 C  C   . VAL A 1 28  ? 6.627   5.229   6.595   1.00 5.04  ? 114 VAL A C   1 
ATOM   225 O  O   . VAL A 1 28  ? 6.750   4.928   7.787   1.00 4.42  ? 114 VAL A O   1 
ATOM   226 C  CB  . VAL A 1 28  ? 5.935   7.620   6.745   1.00 3.44  ? 114 VAL A CB  1 
ATOM   227 C  CG1 . VAL A 1 28  ? 7.324   8.049   6.276   1.00 4.51  ? 114 VAL A CG1 1 
ATOM   228 C  CG2 . VAL A 1 28  ? 4.890   8.646   6.321   1.00 4.11  ? 114 VAL A CG2 1 
ATOM   229 N  N   . VAL A 1 29  ? 7.353   4.683   5.626   1.00 4.47  ? 115 VAL A N   1 
ATOM   230 C  CA  . VAL A 1 29  ? 8.385   3.694   5.897   1.00 5.52  ? 115 VAL A CA  1 
ATOM   231 C  C   . VAL A 1 29  ? 9.621   4.030   5.070   1.00 5.30  ? 115 VAL A C   1 
ATOM   232 O  O   . VAL A 1 29  ? 9.539   4.165   3.852   1.00 6.40  ? 115 VAL A O   1 
ATOM   233 C  CB  . VAL A 1 29  ? 7.902   2.273   5.524   1.00 6.51  ? 115 VAL A CB  1 
ATOM   234 C  CG1 . VAL A 1 29  ? 8.998   1.259   5.822   1.00 9.48  ? 115 VAL A CG1 1 
ATOM   235 C  CG2 . VAL A 1 29  ? 6.635   1.934   6.294   1.00 8.72  ? 115 VAL A CG2 1 
ATOM   236 N  N   . GLY A 1 30  ? 10.760  4.179   5.737   1.00 6.24  ? 116 GLY A N   1 
ATOM   237 C  CA  . GLY A 1 30  ? 11.988  4.485   5.026   1.00 6.92  ? 116 GLY A CA  1 
ATOM   238 C  C   . GLY A 1 30  ? 11.955  5.810   4.293   1.00 6.85  ? 116 GLY A C   1 
ATOM   239 O  O   . GLY A 1 30  ? 12.616  5.977   3.269   1.00 8.04  ? 116 GLY A O   1 
ATOM   240 N  N   . GLY A 1 31  ? 11.174  6.751   4.812   1.00 6.71  ? 117 GLY A N   1 
ATOM   241 C  CA  . GLY A 1 31  ? 11.087  8.060   4.190   1.00 5.68  ? 117 GLY A CA  1 
ATOM   242 C  C   . GLY A 1 31  ? 10.135  8.163   3.011   1.00 5.58  ? 117 GLY A C   1 
ATOM   243 O  O   . GLY A 1 31  ? 10.105  9.182   2.328   1.00 6.42  ? 117 GLY A O   1 
ATOM   244 N  N   . GLU A 1 32  ? 9.355   7.114   2.766   1.00 4.43  ? 118 GLU A N   1 
ATOM   245 C  CA  . GLU A 1 32  ? 8.401   7.114   1.661   1.00 5.14  ? 118 GLU A CA  1 
ATOM   246 C  C   . GLU A 1 32  ? 7.052   6.572   2.106   1.00 3.88  ? 118 GLU A C   1 
ATOM   247 O  O   . GLU A 1 32  ? 6.988   5.619   2.879   1.00 5.23  ? 118 GLU A O   1 
ATOM   248 C  CB  . GLU A 1 32  ? 8.900   6.237   0.508   1.00 3.94  ? 118 GLU A CB  1 
ATOM   249 C  CG  . GLU A 1 32  ? 10.139  6.735   -0.204  1.00 5.86  ? 118 GLU A CG  1 
ATOM   250 C  CD  . GLU A 1 32  ? 10.527  5.832   -1.362  1.00 8.14  ? 118 GLU A CD  1 
ATOM   251 O  OE1 . GLU A 1 32  ? 11.570  5.150   -1.266  1.00 11.10 ? 118 GLU A OE1 1 
ATOM   252 O  OE2 . GLU A 1 32  ? 9.781   5.796   -2.363  1.00 9.89  ? 118 GLU A OE2 1 
ATOM   253 N  N   A LYS A 1 33  ? 5.975   7.180   1.616   0.40 3.68  ? 119 LYS A N   1 
ATOM   254 N  N   B LYS A 1 33  ? 5.974   7.184   1.626   0.60 3.80  ? 119 LYS A N   1 
ATOM   255 C  CA  A LYS A 1 33  ? 4.636   6.720   1.955   0.40 3.31  ? 119 LYS A CA  1 
ATOM   256 C  CA  B LYS A 1 33  ? 4.642   6.715   1.975   0.60 3.69  ? 119 LYS A CA  1 
ATOM   257 C  C   A LYS A 1 33  ? 4.383   5.378   1.279   0.40 3.54  ? 119 LYS A C   1 
ATOM   258 C  C   B LYS A 1 33  ? 4.378   5.386   1.283   0.60 3.68  ? 119 LYS A C   1 
ATOM   259 O  O   A LYS A 1 33  ? 4.690   5.204   0.099   0.40 3.64  ? 119 LYS A O   1 
ATOM   260 O  O   B LYS A 1 33  ? 4.676   5.225   0.099   0.60 3.49  ? 119 LYS A O   1 
ATOM   261 C  CB  A LYS A 1 33  ? 3.575   7.720   1.483   0.40 2.65  ? 119 LYS A CB  1 
ATOM   262 C  CB  B LYS A 1 33  ? 3.581   7.738   1.558   0.60 4.26  ? 119 LYS A CB  1 
ATOM   263 C  CG  A LYS A 1 33  ? 3.445   8.972   2.334   0.40 3.77  ? 119 LYS A CG  1 
ATOM   264 C  CG  B LYS A 1 33  ? 3.536   8.959   2.461   0.60 6.70  ? 119 LYS A CG  1 
ATOM   265 C  CD  A LYS A 1 33  ? 2.220   9.774   1.909   0.40 3.55  ? 119 LYS A CD  1 
ATOM   266 C  CD  B LYS A 1 33  ? 2.433   9.923   2.054   0.60 8.82  ? 119 LYS A CD  1 
ATOM   267 C  CE  A LYS A 1 33  ? 2.013   11.006  2.776   0.40 3.80  ? 119 LYS A CE  1 
ATOM   268 C  CE  B LYS A 1 33  ? 2.375   11.105  3.011   0.60 9.89  ? 119 LYS A CE  1 
ATOM   269 N  NZ  A LYS A 1 33  ? 3.104   12.007  2.606   0.40 3.90  ? 119 LYS A NZ  1 
ATOM   270 N  NZ  B LYS A 1 33  ? 1.300   12.067  2.658   0.60 12.30 ? 119 LYS A NZ  1 
ATOM   271 N  N   . ARG A 1 34  ? 3.833   4.433   2.033   1.00 3.98  ? 120 ARG A N   1 
ATOM   272 C  CA  . ARG A 1 34  ? 3.517   3.109   1.501   1.00 3.51  ? 120 ARG A CA  1 
ATOM   273 C  C   . ARG A 1 34  ? 1.997   3.018   1.484   1.00 3.68  ? 120 ARG A C   1 
ATOM   274 O  O   . ARG A 1 34  ? 1.357   3.004   2.540   1.00 4.42  ? 120 ARG A O   1 
ATOM   275 C  CB  . ARG A 1 34  ? 4.101   2.009   2.396   1.00 3.53  ? 120 ARG A CB  1 
ATOM   276 C  CG  . ARG A 1 34  ? 5.588   2.168   2.688   1.00 4.90  ? 120 ARG A CG  1 
ATOM   277 C  CD  . ARG A 1 34  ? 6.396   2.432   1.424   1.00 5.68  ? 120 ARG A CD  1 
ATOM   278 N  NE  . ARG A 1 34  ? 7.794   2.729   1.743   1.00 6.04  ? 120 ARG A NE  1 
ATOM   279 C  CZ  . ARG A 1 34  ? 8.800   1.879   1.573   1.00 7.55  ? 120 ARG A CZ  1 
ATOM   280 N  NH1 . ARG A 1 34  ? 10.033  2.238   1.901   1.00 8.43  ? 120 ARG A NH1 1 
ATOM   281 N  NH2 . ARG A 1 34  ? 8.577   0.678   1.054   1.00 9.07  ? 120 ARG A NH2 1 
ATOM   282 N  N   . LEU A 1 35  ? 1.433   2.947   0.279   1.00 2.48  ? 121 LEU A N   1 
ATOM   283 C  CA  . LEU A 1 35  ? -0.014  2.909   0.081   1.00 3.50  ? 121 LEU A CA  1 
ATOM   284 C  C   . LEU A 1 35  ? -0.694  1.549   0.173   1.00 2.90  ? 121 LEU A C   1 
ATOM   285 O  O   . LEU A 1 35  ? -0.161  0.535   -0.271  1.00 2.67  ? 121 LEU A O   1 
ATOM   286 C  CB  . LEU A 1 35  ? -0.361  3.528   -1.276  1.00 2.36  ? 121 LEU A CB  1 
ATOM   287 C  CG  . LEU A 1 35  ? -0.195  5.037   -1.468  1.00 3.17  ? 121 LEU A CG  1 
ATOM   288 C  CD1 . LEU A 1 35  ? 1.234   5.463   -1.164  1.00 4.57  ? 121 LEU A CD1 1 
ATOM   289 C  CD2 . LEU A 1 35  ? -0.562  5.395   -2.895  1.00 4.49  ? 121 LEU A CD2 1 
ATOM   290 N  N   . CYS A 1 36  ? -1.896  1.549   0.744   1.00 1.84  ? 122 CYS A N   1 
ATOM   291 C  CA  . CYS A 1 36  ? -2.691  0.332   0.883   1.00 3.28  ? 122 CYS A CA  1 
ATOM   292 C  C   . CYS A 1 36  ? -3.044  -0.148  -0.526  1.00 3.03  ? 122 CYS A C   1 
ATOM   293 O  O   . CYS A 1 36  ? -3.848  0.477   -1.218  1.00 2.86  ? 122 CYS A O   1 
ATOM   294 C  CB  . CYS A 1 36  ? -3.960  0.648   1.673   1.00 4.47  ? 122 CYS A CB  1 
ATOM   295 S  SG  . CYS A 1 36  ? -5.130  -0.706  1.816   1.00 6.07  ? 122 CYS A SG  1 
ATOM   296 N  N   . LEU A 1 37  ? -2.443  -1.252  -0.953  1.00 1.98  ? 123 LEU A N   1 
ATOM   297 C  CA  . LEU A 1 37  ? -2.689  -1.767  -2.298  1.00 3.80  ? 123 LEU A CA  1 
ATOM   298 C  C   . LEU A 1 37  ? -4.150  -2.110  -2.605  1.00 3.70  ? 123 LEU A C   1 
ATOM   299 O  O   . LEU A 1 37  ? -4.688  -1.680  -3.627  1.00 3.72  ? 123 LEU A O   1 
ATOM   300 C  CB  . LEU A 1 37  ? -1.793  -2.980  -2.566  1.00 4.66  ? 123 LEU A CB  1 
ATOM   301 C  CG  . LEU A 1 37  ? -1.856  -3.560  -3.978  1.00 6.59  ? 123 LEU A CG  1 
ATOM   302 C  CD1 . LEU A 1 37  ? -1.531  -2.483  -5.015  1.00 6.97  ? 123 LEU A CD1 1 
ATOM   303 C  CD2 . LEU A 1 37  ? -0.877  -4.720  -4.072  1.00 7.65  ? 123 LEU A CD2 1 
ATOM   304 N  N   . PRO A 1 38  ? -4.813  -2.889  -1.732  1.00 4.07  ? 124 PRO A N   1 
ATOM   305 C  CA  . PRO A 1 38  ? -6.214  -3.241  -1.986  1.00 4.83  ? 124 PRO A CA  1 
ATOM   306 C  C   . PRO A 1 38  ? -7.079  -2.009  -2.241  1.00 5.09  ? 124 PRO A C   1 
ATOM   307 O  O   . PRO A 1 38  ? -7.943  -2.008  -3.119  1.00 5.04  ? 124 PRO A O   1 
ATOM   308 C  CB  . PRO A 1 38  ? -6.619  -3.972  -0.710  1.00 4.37  ? 124 PRO A CB  1 
ATOM   309 C  CG  . PRO A 1 38  ? -5.358  -4.661  -0.319  1.00 6.14  ? 124 PRO A CG  1 
ATOM   310 C  CD  . PRO A 1 38  ? -4.306  -3.591  -0.541  1.00 5.15  ? 124 PRO A CD  1 
ATOM   311 N  N   . GLN A 1 39  ? -6.834  -0.955  -1.474  1.00 4.77  ? 125 GLN A N   1 
ATOM   312 C  CA  . GLN A 1 39  ? -7.598  0.273   -1.620  1.00 5.44  ? 125 GLN A CA  1 
ATOM   313 C  C   . GLN A 1 39  ? -7.452  0.840   -3.031  1.00 4.80  ? 125 GLN A C   1 
ATOM   314 O  O   . GLN A 1 39  ? -8.427  1.301   -3.629  1.00 6.34  ? 125 GLN A O   1 
ATOM   315 C  CB  . GLN A 1 39  ? -7.138  1.284   -0.573  1.00 7.61  ? 125 GLN A CB  1 
ATOM   316 C  CG  . GLN A 1 39  ? -7.975  2.542   -0.511  1.00 9.11  ? 125 GLN A CG  1 
ATOM   317 C  CD  . GLN A 1 39  ? -7.685  3.342   0.741   1.00 6.25  ? 125 GLN A CD  1 
ATOM   318 O  OE1 . GLN A 1 39  ? -6.558  3.349   1.236   1.00 5.44  ? 125 GLN A OE1 1 
ATOM   319 N  NE2 . GLN A 1 39  ? -8.698  4.032   1.253   1.00 9.08  ? 125 GLN A NE2 1 
ATOM   320 N  N   . ILE A 1 40  ? -6.237  0.797   -3.566  1.00 4.73  ? 126 ILE A N   1 
ATOM   321 C  CA  . ILE A 1 40  ? -5.978  1.289   -4.918  1.00 4.20  ? 126 ILE A CA  1 
ATOM   322 C  C   . ILE A 1 40  ? -6.677  0.405   -5.952  1.00 3.98  ? 126 ILE A C   1 
ATOM   323 O  O   . ILE A 1 40  ? -7.349  0.898   -6.860  1.00 4.31  ? 126 ILE A O   1 
ATOM   324 C  CB  . ILE A 1 40  ? -4.466  1.293   -5.226  1.00 4.89  ? 126 ILE A CB  1 
ATOM   325 C  CG1 . ILE A 1 40  ? -3.745  2.259   -4.281  1.00 5.09  ? 126 ILE A CG1 1 
ATOM   326 C  CG2 . ILE A 1 40  ? -4.231  1.684   -6.683  1.00 4.95  ? 126 ILE A CG2 1 
ATOM   327 C  CD1 . ILE A 1 40  ? -2.232  2.255   -4.432  1.00 4.75  ? 126 ILE A CD1 1 
ATOM   328 N  N   . LEU A 1 41  ? -6.510  -0.906  -5.803  1.00 3.59  ? 127 LEU A N   1 
ATOM   329 C  CA  . LEU A 1 41  ? -7.102  -1.879  -6.712  1.00 4.21  ? 127 LEU A CA  1 
ATOM   330 C  C   . LEU A 1 41  ? -8.621  -1.799  -6.742  1.00 5.47  ? 127 LEU A C   1 
ATOM   331 O  O   . LEU A 1 41  ? -9.239  -2.115  -7.760  1.00 4.69  ? 127 LEU A O   1 
ATOM   332 C  CB  . LEU A 1 41  ? -6.683  -3.294  -6.312  1.00 4.73  ? 127 LEU A CB  1 
ATOM   333 C  CG  . LEU A 1 41  ? -5.187  -3.605  -6.383  1.00 7.28  ? 127 LEU A CG  1 
ATOM   334 C  CD1 . LEU A 1 41  ? -4.936  -5.026  -5.900  1.00 7.80  ? 127 LEU A CD1 1 
ATOM   335 C  CD2 . LEU A 1 41  ? -4.692  -3.429  -7.808  1.00 8.03  ? 127 LEU A CD2 1 
ATOM   336 N  N   . ASN A 1 42  ? -9.212  -1.379  -5.628  1.00 4.47  ? 128 ASN A N   1 
ATOM   337 C  CA  . ASN A 1 42  ? -10.665 -1.263  -5.517  1.00 5.45  ? 128 ASN A CA  1 
ATOM   338 C  C   . ASN A 1 42  ? -11.220 0.120   -5.835  1.00 7.88  ? 128 ASN A C   1 
ATOM   339 O  O   . ASN A 1 42  ? -12.431 0.331   -5.769  1.00 10.35 ? 128 ASN A O   1 
ATOM   340 C  CB  . ASN A 1 42  ? -11.125 -1.671  -4.114  1.00 5.77  ? 128 ASN A CB  1 
ATOM   341 C  CG  . ASN A 1 42  ? -11.072 -3.164  -3.901  1.00 6.57  ? 128 ASN A CG  1 
ATOM   342 O  OD1 . ASN A 1 42  ? -11.532 -3.932  -4.742  1.00 11.49 ? 128 ASN A OD1 1 
ATOM   343 N  ND2 . ASN A 1 42  ? -10.520 -3.587  -2.769  1.00 12.38 ? 128 ASN A ND2 1 
ATOM   344 N  N   . SER A 1 43  ? -10.351 1.063   -6.174  1.00 5.78  ? 129 SER A N   1 
ATOM   345 C  CA  . SER A 1 43  ? -10.813 2.406   -6.499  1.00 6.48  ? 129 SER A CA  1 
ATOM   346 C  C   . SER A 1 43  ? -10.293 2.909   -7.844  1.00 5.53  ? 129 SER A C   1 
ATOM   347 O  O   . SER A 1 43  ? -10.933 2.706   -8.877  1.00 6.91  ? 129 SER A O   1 
ATOM   348 C  CB  . SER A 1 43  ? -10.436 3.386   -5.376  1.00 6.84  ? 129 SER A CB  1 
ATOM   349 O  OG  . SER A 1 43  ? -9.044  3.376   -5.106  1.00 8.15  ? 129 SER A OG  1 
ATOM   350 N  N   A VAL A 1 44  ? -9.137  3.565   -7.839  0.40 6.49  ? 130 VAL A N   1 
ATOM   351 N  N   B VAL A 1 44  ? -9.122  3.537   -7.816  0.60 6.55  ? 130 VAL A N   1 
ATOM   352 C  CA  A VAL A 1 44  ? -8.572  4.102   -9.074  0.40 5.92  ? 130 VAL A CA  1 
ATOM   353 C  CA  B VAL A 1 44  ? -8.486  4.091   -9.008  0.60 6.05  ? 130 VAL A CA  1 
ATOM   354 C  C   A VAL A 1 44  ? -8.342  3.062   -10.168 0.40 5.91  ? 130 VAL A C   1 
ATOM   355 C  C   B VAL A 1 44  ? -8.305  3.079   -10.140 0.60 5.84  ? 130 VAL A C   1 
ATOM   356 O  O   A VAL A 1 44  ? -8.477  3.372   -11.350 0.40 6.61  ? 130 VAL A O   1 
ATOM   357 O  O   B VAL A 1 44  ? -8.442  3.422   -11.311 0.60 6.69  ? 130 VAL A O   1 
ATOM   358 C  CB  A VAL A 1 44  ? -7.249  4.849   -8.806  0.40 6.77  ? 130 VAL A CB  1 
ATOM   359 C  CB  B VAL A 1 44  ? -7.096  4.677   -8.661  0.60 6.97  ? 130 VAL A CB  1 
ATOM   360 C  CG1 A VAL A 1 44  ? -7.532  6.161   -8.089  0.40 8.09  ? 130 VAL A CG1 1 
ATOM   361 C  CG1 B VAL A 1 44  ? -6.488  5.337   -9.887  0.60 7.56  ? 130 VAL A CG1 1 
ATOM   362 C  CG2 A VAL A 1 44  ? -6.323  3.986   -7.975  0.40 6.23  ? 130 VAL A CG2 1 
ATOM   363 C  CG2 B VAL A 1 44  ? -7.219  5.671   -7.514  0.60 8.91  ? 130 VAL A CG2 1 
ATOM   364 N  N   . LEU A 1 45  ? -7.998  1.836   -9.787  1.00 5.43  ? 131 LEU A N   1 
ATOM   365 C  CA  . LEU A 1 45  ? -7.773  0.788   -10.784 1.00 5.48  ? 131 LEU A CA  1 
ATOM   366 C  C   . LEU A 1 45  ? -8.856  -0.290  -10.771 1.00 5.87  ? 131 LEU A C   1 
ATOM   367 O  O   . LEU A 1 45  ? -8.637  -1.404  -11.242 1.00 5.89  ? 131 LEU A O   1 
ATOM   368 C  CB  . LEU A 1 45  ? -6.404  0.137   -10.559 1.00 3.96  ? 131 LEU A CB  1 
ATOM   369 C  CG  . LEU A 1 45  ? -5.181  1.054   -10.642 1.00 3.53  ? 131 LEU A CG  1 
ATOM   370 C  CD1 . LEU A 1 45  ? -3.911  0.244   -10.403 1.00 4.65  ? 131 LEU A CD1 1 
ATOM   371 C  CD2 . LEU A 1 45  ? -5.132  1.718   -12.014 1.00 4.16  ? 131 LEU A CD2 1 
ATOM   372 N  N   . ARG A 1 46  ? -10.031 0.055   -10.253 1.00 6.40  ? 132 ARG A N   1 
ATOM   373 C  CA  . ARG A 1 46  ? -11.134 -0.895  -10.159 1.00 9.03  ? 132 ARG A CA  1 
ATOM   374 C  C   . ARG A 1 46  ? -11.489 -1.580  -11.477 1.00 9.10  ? 132 ARG A C   1 
ATOM   375 O  O   . ARG A 1 46  ? -11.823 -2.764  -11.488 1.00 10.10 ? 132 ARG A O   1 
ATOM   376 C  CB  . ARG A 1 46  ? -12.380 -0.201  -9.598  1.00 11.07 ? 132 ARG A CB  1 
ATOM   377 C  CG  . ARG A 1 46  ? -13.509 -1.154  -9.216  1.00 13.14 ? 132 ARG A CG  1 
ATOM   378 C  CD  . ARG A 1 46  ? -13.151 -1.973  -7.978  1.00 15.39 ? 132 ARG A CD  1 
ATOM   379 N  NE  . ARG A 1 46  ? -14.167 -2.978  -7.677  1.00 17.06 ? 132 ARG A NE  1 
ATOM   380 C  CZ  . ARG A 1 46  ? -14.380 -4.065  -8.411  1.00 16.59 ? 132 ARG A CZ  1 
ATOM   381 N  NH1 . ARG A 1 46  ? -13.640 -4.297  -9.488  1.00 17.13 ? 132 ARG A NH1 1 
ATOM   382 N  NH2 . ARG A 1 46  ? -15.340 -4.918  -8.076  1.00 17.79 ? 132 ARG A NH2 1 
ATOM   383 N  N   . ASP A 1 47  ? -11.412 -0.845  -12.584 1.00 10.87 ? 133 ASP A N   1 
ATOM   384 C  CA  . ASP A 1 47  ? -11.762 -1.404  -13.887 1.00 12.00 ? 133 ASP A CA  1 
ATOM   385 C  C   . ASP A 1 47  ? -10.649 -2.089  -14.671 1.00 11.69 ? 133 ASP A C   1 
ATOM   386 O  O   . ASP A 1 47  ? -10.840 -2.449  -15.832 1.00 15.09 ? 133 ASP A O   1 
ATOM   387 C  CB  . ASP A 1 47  ? -12.409 -0.328  -14.760 1.00 14.92 ? 133 ASP A CB  1 
ATOM   388 C  CG  . ASP A 1 47  ? -13.808 0.017   -14.304 1.00 17.96 ? 133 ASP A CG  1 
ATOM   389 O  OD1 . ASP A 1 47  ? -14.604 -0.921  -14.090 1.00 20.31 ? 133 ASP A OD1 1 
ATOM   390 O  OD2 . ASP A 1 47  ? -14.115 1.218   -14.163 1.00 21.08 ? 133 ASP A OD2 1 
ATOM   391 N  N   . PHE A 1 48  ? -9.491  -2.272  -14.046 1.00 8.56  ? 134 PHE A N   1 
ATOM   392 C  CA  . PHE A 1 48  ? -8.378  -2.942  -14.706 1.00 8.27  ? 134 PHE A CA  1 
ATOM   393 C  C   . PHE A 1 48  ? -8.253  -4.358  -14.167 1.00 7.02  ? 134 PHE A C   1 
ATOM   394 O  O   . PHE A 1 48  ? -8.422  -4.592  -12.969 1.00 7.99  ? 134 PHE A O   1 
ATOM   395 C  CB  . PHE A 1 48  ? -7.081  -2.170  -14.470 1.00 6.62  ? 134 PHE A CB  1 
ATOM   396 C  CG  . PHE A 1 48  ? -7.017  -0.872  -15.214 1.00 7.18  ? 134 PHE A CG  1 
ATOM   397 C  CD1 . PHE A 1 48  ? -6.537  -0.827  -16.520 1.00 7.44  ? 134 PHE A CD1 1 
ATOM   398 C  CD2 . PHE A 1 48  ? -7.478  0.299   -14.629 1.00 7.91  ? 134 PHE A CD2 1 
ATOM   399 C  CE1 . PHE A 1 48  ? -6.519  0.369   -17.230 1.00 7.76  ? 134 PHE A CE1 1 
ATOM   400 C  CE2 . PHE A 1 48  ? -7.464  1.498   -15.332 1.00 9.57  ? 134 PHE A CE2 1 
ATOM   401 C  CZ  . PHE A 1 48  ? -6.983  1.533   -16.635 1.00 7.64  ? 134 PHE A CZ  1 
ATOM   402 N  N   . SER A 1 49  ? -7.971  -5.303  -15.057 1.00 5.64  ? 135 SER A N   1 
ATOM   403 C  CA  . SER A 1 49  ? -7.839  -6.699  -14.656 1.00 6.63  ? 135 SER A CA  1 
ATOM   404 C  C   . SER A 1 49  ? -6.594  -6.872  -13.802 1.00 5.92  ? 135 SER A C   1 
ATOM   405 O  O   . SER A 1 49  ? -5.616  -6.143  -13.966 1.00 5.72  ? 135 SER A O   1 
ATOM   406 C  CB  . SER A 1 49  ? -7.743  -7.599  -15.893 1.00 7.42  ? 135 SER A CB  1 
ATOM   407 O  OG  . SER A 1 49  ? -6.480  -7.480  -16.525 1.00 8.44  ? 135 SER A OG  1 
ATOM   408 N  N   . LEU A 1 50  ? -6.628  -7.829  -12.880 1.00 5.61  ? 136 LEU A N   1 
ATOM   409 C  CA  . LEU A 1 50  ? -5.467  -8.066  -12.037 1.00 5.58  ? 136 LEU A CA  1 
ATOM   410 C  C   . LEU A 1 50  ? -4.316  -8.585  -12.895 1.00 6.52  ? 136 LEU A C   1 
ATOM   411 O  O   . LEU A 1 50  ? -3.145  -8.371  -12.573 1.00 7.14  ? 136 LEU A O   1 
ATOM   412 C  CB  . LEU A 1 50  ? -5.796  -9.068  -10.923 1.00 5.40  ? 136 LEU A CB  1 
ATOM   413 C  CG  . LEU A 1 50  ? -6.780  -8.591  -9.850  1.00 5.96  ? 136 LEU A CG  1 
ATOM   414 C  CD1 . LEU A 1 50  ? -6.948  -9.682  -8.797  1.00 7.00  ? 136 LEU A CD1 1 
ATOM   415 C  CD2 . LEU A 1 50  ? -6.273  -7.303  -9.204  1.00 7.56  ? 136 LEU A CD2 1 
ATOM   416 N  N   . GLN A 1 51  ? -4.646  -9.253  -13.997 1.00 7.70  ? 137 GLN A N   1 
ATOM   417 C  CA  . GLN A 1 51  ? -3.608  -9.774  -14.876 1.00 7.26  ? 137 GLN A CA  1 
ATOM   418 C  C   . GLN A 1 51  ? -2.822  -8.623  -15.487 1.00 6.20  ? 137 GLN A C   1 
ATOM   419 O  O   . GLN A 1 51  ? -1.592  -8.660  -15.534 1.00 6.93  ? 137 GLN A O   1 
ATOM   420 C  CB  . GLN A 1 51  ? -4.209  -10.622 -16.002 1.00 10.10 ? 137 GLN A CB  1 
ATOM   421 C  CG  . GLN A 1 51  ? -3.149  -11.214 -16.927 1.00 14.66 ? 137 GLN A CG  1 
ATOM   422 C  CD  . GLN A 1 51  ? -3.741  -11.924 -18.130 1.00 19.07 ? 137 GLN A CD  1 
ATOM   423 O  OE1 . GLN A 1 51  ? -4.624  -12.768 -17.994 1.00 21.61 ? 137 GLN A OE1 1 
ATOM   424 N  NE2 . GLN A 1 51  ? -3.248  -11.586 -19.317 1.00 22.22 ? 137 GLN A NE2 1 
ATOM   425 N  N   . GLN A 1 52  ? -3.529  -7.599  -15.957 1.00 4.93  ? 138 GLN A N   1 
ATOM   426 C  CA  . GLN A 1 52  ? -2.859  -6.452  -16.565 1.00 5.14  ? 138 GLN A CA  1 
ATOM   427 C  C   . GLN A 1 52  ? -2.104  -5.635  -15.522 1.00 5.02  ? 138 GLN A C   1 
ATOM   428 O  O   . GLN A 1 52  ? -0.976  -5.211  -15.757 1.00 5.84  ? 138 GLN A O   1 
ATOM   429 C  CB  . GLN A 1 52  ? -3.864  -5.555  -17.296 1.00 7.32  ? 138 GLN A CB  1 
ATOM   430 C  CG  . GLN A 1 52  ? -3.252  -4.234  -17.754 1.00 9.33  ? 138 GLN A CG  1 
ATOM   431 C  CD  . GLN A 1 52  ? -4.154  -3.452  -18.682 1.00 11.50 ? 138 GLN A CD  1 
ATOM   432 O  OE1 . GLN A 1 52  ? -5.370  -3.416  -18.500 1.00 12.79 ? 138 GLN A OE1 1 
ATOM   433 N  NE2 . GLN A 1 52  ? -3.557  -2.804  -19.679 1.00 9.68  ? 138 GLN A NE2 1 
ATOM   434 N  N   . ILE A 1 53  ? -2.727  -5.419  -14.371 1.00 3.27  ? 139 ILE A N   1 
ATOM   435 C  CA  . ILE A 1 53  ? -2.085  -4.657  -13.304 1.00 4.26  ? 139 ILE A CA  1 
ATOM   436 C  C   . ILE A 1 53  ? -0.781  -5.349  -12.917 1.00 6.16  ? 139 ILE A C   1 
ATOM   437 O  O   . ILE A 1 53  ? 0.276   -4.717  -12.825 1.00 6.02  ? 139 ILE A O   1 
ATOM   438 C  CB  . ILE A 1 53  ? -3.008  -4.559  -12.066 1.00 3.32  ? 139 ILE A CB  1 
ATOM   439 C  CG1 . ILE A 1 53  ? -4.230  -3.702  -12.401 1.00 4.38  ? 139 ILE A CG1 1 
ATOM   440 C  CG2 . ILE A 1 53  ? -2.249  -3.972  -10.883 1.00 4.59  ? 139 ILE A CG2 1 
ATOM   441 C  CD1 . ILE A 1 53  ? -5.321  -3.735  -11.343 1.00 3.82  ? 139 ILE A CD1 1 
ATOM   442 N  N   . ASN A 1 54  ? -0.861  -6.657  -12.704 1.00 3.59  ? 140 ASN A N   1 
ATOM   443 C  CA  . ASN A 1 54  ? 0.305   -7.441  -12.323 1.00 5.64  ? 140 ASN A CA  1 
ATOM   444 C  C   . ASN A 1 54  ? 1.385   -7.372  -13.406 1.00 5.84  ? 140 ASN A C   1 
ATOM   445 O  O   . ASN A 1 54  ? 2.564   -7.175  -13.109 1.00 5.81  ? 140 ASN A O   1 
ATOM   446 C  CB  . ASN A 1 54  ? -0.124  -8.892  -12.064 1.00 7.94  ? 140 ASN A CB  1 
ATOM   447 C  CG  . ASN A 1 54  ? 1.009   -9.758  -11.552 1.00 12.33 ? 140 ASN A CG  1 
ATOM   448 O  OD1 . ASN A 1 54  ? 1.860   -9.303  -10.793 1.00 14.51 ? 140 ASN A OD1 1 
ATOM   449 N  ND2 . ASN A 1 54  ? 1.011   -11.025 -11.954 1.00 17.40 ? 140 ASN A ND2 1 
ATOM   450 N  N   . ALA A 1 55  ? 0.973   -7.512  -14.662 1.00 5.53  ? 141 ALA A N   1 
ATOM   451 C  CA  . ALA A 1 55  ? 1.906   -7.470  -15.784 1.00 6.30  ? 141 ALA A CA  1 
ATOM   452 C  C   . ALA A 1 55  ? 2.674   -6.151  -15.843 1.00 6.05  ? 141 ALA A C   1 
ATOM   453 O  O   . ALA A 1 55  ? 3.888   -6.137  -16.065 1.00 6.17  ? 141 ALA A O   1 
ATOM   454 C  CB  . ALA A 1 55  ? 1.153   -7.695  -17.094 1.00 6.35  ? 141 ALA A CB  1 
ATOM   455 N  N   . VAL A 1 56  ? 1.965   -5.043  -15.648 1.00 4.29  ? 142 VAL A N   1 
ATOM   456 C  CA  . VAL A 1 56  ? 2.596   -3.726  -15.688 1.00 5.45  ? 142 VAL A CA  1 
ATOM   457 C  C   . VAL A 1 56  ? 3.485   -3.504  -14.466 1.00 5.68  ? 142 VAL A C   1 
ATOM   458 O  O   . VAL A 1 56  ? 4.534   -2.862  -14.559 1.00 5.96  ? 142 VAL A O   1 
ATOM   459 C  CB  . VAL A 1 56  ? 1.533   -2.608  -15.775 1.00 5.45  ? 142 VAL A CB  1 
ATOM   460 C  CG1 . VAL A 1 56  ? 2.204   -1.238  -15.777 1.00 7.93  ? 142 VAL A CG1 1 
ATOM   461 C  CG2 . VAL A 1 56  ? 0.712   -2.783  -17.038 1.00 6.50  ? 142 VAL A CG2 1 
ATOM   462 N  N   . CYS A 1 57  ? 3.073   -4.032  -13.316 1.00 5.47  ? 143 CYS A N   1 
ATOM   463 C  CA  . CYS A 1 57  ? 3.880   -3.895  -12.104 1.00 6.28  ? 143 CYS A CA  1 
ATOM   464 C  C   . CYS A 1 57  ? 5.232   -4.560  -12.323 1.00 6.34  ? 143 CYS A C   1 
ATOM   465 O  O   . CYS A 1 57  ? 6.273   -4.019  -11.955 1.00 6.79  ? 143 CYS A O   1 
ATOM   466 C  CB  . CYS A 1 57  ? 3.194   -4.561  -10.913 1.00 7.18  ? 143 CYS A CB  1 
ATOM   467 S  SG  . CYS A 1 57  ? 1.976   -3.540  -10.085 1.00 9.91  ? 143 CYS A SG  1 
ATOM   468 N  N   . ASP A 1 58  ? 5.212   -5.746  -12.915 1.00 7.07  ? 144 ASP A N   1 
ATOM   469 C  CA  . ASP A 1 58  ? 6.448   -6.468  -13.181 1.00 9.25  ? 144 ASP A CA  1 
ATOM   470 C  C   . ASP A 1 58  ? 7.353   -5.667  -14.113 1.00 7.85  ? 144 ASP A C   1 
ATOM   471 O  O   . ASP A 1 58  ? 8.553   -5.545  -13.877 1.00 6.59  ? 144 ASP A O   1 
ATOM   472 C  CB  . ASP A 1 58  ? 6.140   -7.832  -13.802 1.00 11.26 ? 144 ASP A CB  1 
ATOM   473 C  CG  . ASP A 1 58  ? 5.726   -8.866  -12.770 1.00 13.81 ? 144 ASP A CG  1 
ATOM   474 O  OD1 . ASP A 1 58  ? 5.280   -9.957  -13.180 1.00 16.51 ? 144 ASP A OD1 1 
ATOM   475 O  OD2 . ASP A 1 58  ? 5.854   -8.596  -11.554 1.00 15.54 ? 144 ASP A OD2 1 
ATOM   476 N  N   . GLU A 1 59  ? 6.770   -5.117  -15.171 1.00 6.88  ? 145 GLU A N   1 
ATOM   477 C  CA  . GLU A 1 59  ? 7.539   -4.343  -16.137 1.00 7.93  ? 145 GLU A CA  1 
ATOM   478 C  C   . GLU A 1 59  ? 8.157   -3.101  -15.501 1.00 6.68  ? 145 GLU A C   1 
ATOM   479 O  O   . GLU A 1 59  ? 9.245   -2.672  -15.889 1.00 7.80  ? 145 GLU A O   1 
ATOM   480 C  CB  . GLU A 1 59  ? 6.646   -3.940  -17.311 1.00 8.98  ? 145 GLU A CB  1 
ATOM   481 C  CG  . GLU A 1 59  ? 7.405   -3.440  -18.528 1.00 11.79 ? 145 GLU A CG  1 
ATOM   482 C  CD  . GLU A 1 59  ? 8.520   -4.381  -18.955 1.00 13.72 ? 145 GLU A CD  1 
ATOM   483 O  OE1 . GLU A 1 59  ? 8.354   -5.615  -18.839 1.00 16.00 ? 145 GLU A OE1 1 
ATOM   484 O  OE2 . GLU A 1 59  ? 9.566   -3.885  -19.421 1.00 15.12 ? 145 GLU A OE2 1 
ATOM   485 N  N   . LEU A 1 60  ? 7.461   -2.533  -14.522 1.00 4.71  ? 146 LEU A N   1 
ATOM   486 C  CA  . LEU A 1 60  ? 7.935   -1.339  -13.826 1.00 4.59  ? 146 LEU A CA  1 
ATOM   487 C  C   . LEU A 1 60  ? 8.791   -1.690  -12.612 1.00 5.40  ? 146 LEU A C   1 
ATOM   488 O  O   . LEU A 1 60  ? 9.191   -0.805  -11.851 1.00 6.30  ? 146 LEU A O   1 
ATOM   489 C  CB  . LEU A 1 60  ? 6.745   -0.481  -13.382 1.00 5.61  ? 146 LEU A CB  1 
ATOM   490 C  CG  . LEU A 1 60  ? 5.955   0.224   -14.491 1.00 4.32  ? 146 LEU A CG  1 
ATOM   491 C  CD1 . LEU A 1 60  ? 4.698   0.851   -13.912 1.00 6.36  ? 146 LEU A CD1 1 
ATOM   492 C  CD2 . LEU A 1 60  ? 6.832   1.286   -15.138 1.00 6.86  ? 146 LEU A CD2 1 
ATOM   493 N  N   . HIS A 1 61  ? 9.068   -2.980  -12.437 1.00 5.46  ? 147 HIS A N   1 
ATOM   494 C  CA  . HIS A 1 61  ? 9.879   -3.446  -11.312 1.00 7.14  ? 147 HIS A CA  1 
ATOM   495 C  C   . HIS A 1 61  ? 9.325   -2.950  -9.986  1.00 7.13  ? 147 HIS A C   1 
ATOM   496 O  O   . HIS A 1 61  ? 10.067  -2.499  -9.108  1.00 8.36  ? 147 HIS A O   1 
ATOM   497 C  CB  . HIS A 1 61  ? 11.328  -2.987  -11.477 1.00 10.08 ? 147 HIS A CB  1 
ATOM   498 C  CG  . HIS A 1 61  ? 12.106  -3.793  -12.470 1.00 11.31 ? 147 HIS A CG  1 
ATOM   499 N  ND1 . HIS A 1 61  ? 12.643  -5.028  -12.170 1.00 12.77 ? 147 HIS A ND1 1 
ATOM   500 C  CD2 . HIS A 1 61  ? 12.415  -3.552  -13.767 1.00 13.51 ? 147 HIS A CD2 1 
ATOM   501 C  CE1 . HIS A 1 61  ? 13.250  -5.511  -13.240 1.00 12.06 ? 147 HIS A CE1 1 
ATOM   502 N  NE2 . HIS A 1 61  ? 13.125  -4.637  -14.222 1.00 12.28 ? 147 HIS A NE2 1 
ATOM   503 N  N   . ILE A 1 62  ? 8.009   -3.033  -9.846  1.00 5.27  ? 148 ILE A N   1 
ATOM   504 C  CA  . ILE A 1 62  ? 7.354   -2.601  -8.626  1.00 6.04  ? 148 ILE A CA  1 
ATOM   505 C  C   . ILE A 1 62  ? 7.247   -3.759  -7.647  1.00 7.45  ? 148 ILE A C   1 
ATOM   506 O  O   . ILE A 1 62  ? 6.665   -4.799  -7.963  1.00 8.66  ? 148 ILE A O   1 
ATOM   507 C  CB  . ILE A 1 62  ? 5.937   -2.054  -8.922  1.00 6.14  ? 148 ILE A CB  1 
ATOM   508 C  CG1 . ILE A 1 62  ? 6.048   -0.747  -9.709  1.00 7.01  ? 148 ILE A CG1 1 
ATOM   509 C  CG2 . ILE A 1 62  ? 5.173   -1.828  -7.619  1.00 8.50  ? 148 ILE A CG2 1 
ATOM   510 C  CD1 . ILE A 1 62  ? 4.720   -0.198  -10.192 1.00 7.16  ? 148 ILE A CD1 1 
ATOM   511 N  N   . TYR A 1 63  ? 7.832   -3.582  -6.468  1.00 7.34  ? 149 TYR A N   1 
ATOM   512 C  CA  . TYR A 1 63  ? 7.773   -4.606  -5.438  1.00 7.51  ? 149 TYR A CA  1 
ATOM   513 C  C   . TYR A 1 63  ? 6.727   -4.214  -4.411  1.00 7.19  ? 149 TYR A C   1 
ATOM   514 O  O   . TYR A 1 63  ? 6.778   -3.120  -3.842  1.00 8.52  ? 149 TYR A O   1 
ATOM   515 C  CB  . TYR A 1 63  ? 9.126   -4.771  -4.742  1.00 8.74  ? 149 TYR A CB  1 
ATOM   516 C  CG  . TYR A 1 63  ? 9.057   -5.710  -3.558  1.00 8.81  ? 149 TYR A CG  1 
ATOM   517 C  CD1 . TYR A 1 63  ? 8.990   -5.219  -2.254  1.00 9.21  ? 149 TYR A CD1 1 
ATOM   518 C  CD2 . TYR A 1 63  ? 9.009   -7.091  -3.747  1.00 10.63 ? 149 TYR A CD2 1 
ATOM   519 C  CE1 . TYR A 1 63  ? 8.875   -6.083  -1.166  1.00 10.08 ? 149 TYR A CE1 1 
ATOM   520 C  CE2 . TYR A 1 63  ? 8.893   -7.962  -2.664  1.00 11.00 ? 149 TYR A CE2 1 
ATOM   521 C  CZ  . TYR A 1 63  ? 8.826   -7.450  -1.380  1.00 12.16 ? 149 TYR A CZ  1 
ATOM   522 O  OH  . TYR A 1 63  ? 8.701   -8.308  -0.312  1.00 12.79 ? 149 TYR A OH  1 
ATOM   523 N  N   A CYS A 1 64  ? 5.766   -5.098  -4.174  0.70 6.99  ? 150 CYS A N   1 
ATOM   524 N  N   B CYS A 1 64  ? 5.782   -5.119  -4.174  0.30 7.12  ? 150 CYS A N   1 
ATOM   525 C  CA  A CYS A 1 64  ? 4.726   -4.811  -3.204  0.70 8.04  ? 150 CYS A CA  1 
ATOM   526 C  CA  B CYS A 1 64  ? 4.707   -4.900  -3.215  0.30 7.56  ? 150 CYS A CA  1 
ATOM   527 C  C   A CYS A 1 64  ? 5.033   -5.517  -1.893  0.70 8.17  ? 150 CYS A C   1 
ATOM   528 C  C   B CYS A 1 64  ? 5.045   -5.542  -1.877  0.30 7.66  ? 150 CYS A C   1 
ATOM   529 O  O   A CYS A 1 64  ? 5.149   -6.742  -1.839  0.70 8.07  ? 150 CYS A O   1 
ATOM   530 O  O   B CYS A 1 64  ? 5.182   -6.762  -1.787  0.30 7.43  ? 150 CYS A O   1 
ATOM   531 C  CB  A CYS A 1 64  ? 3.362   -5.234  -3.750  0.70 8.60  ? 150 CYS A CB  1 
ATOM   532 C  CB  B CYS A 1 64  ? 3.402   -5.494  -3.752  0.30 7.92  ? 150 CYS A CB  1 
ATOM   533 S  SG  A CYS A 1 64  ? 2.817   -4.251  -5.175  0.70 9.90  ? 150 CYS A SG  1 
ATOM   534 S  SG  B CYS A 1 64  ? 2.060   -5.610  -2.540  0.30 9.17  ? 150 CYS A SG  1 
ATOM   535 N  N   . SER A 1 65  ? 5.183   -4.725  -0.838  1.00 7.15  ? 151 SER A N   1 
ATOM   536 C  CA  . SER A 1 65  ? 5.494   -5.255  0.479   1.00 8.58  ? 151 SER A CA  1 
ATOM   537 C  C   . SER A 1 65  ? 4.221   -5.708  1.181   1.00 8.51  ? 151 SER A C   1 
ATOM   538 O  O   . SER A 1 65  ? 3.113   -5.490  0.690   1.00 8.78  ? 151 SER A O   1 
ATOM   539 C  CB  . SER A 1 65  ? 6.220   -4.201  1.319   1.00 10.22 ? 151 SER A CB  1 
ATOM   540 O  OG  . SER A 1 65  ? 5.466   -3.005  1.395   1.00 13.68 ? 151 SER A OG  1 
ATOM   541 N  N   A ARG A 1 66  ? 4.387   -6.350  2.331   0.30 8.49  ? 152 ARG A N   1 
ATOM   542 N  N   B ARG A 1 66  ? 4.399   -6.333  2.337   0.70 9.39  ? 152 ARG A N   1 
ATOM   543 C  CA  A ARG A 1 66  ? 3.250   -6.836  3.099   0.30 8.06  ? 152 ARG A CA  1 
ATOM   544 C  CA  B ARG A 1 66  ? 3.294   -6.851  3.127   0.70 9.36  ? 152 ARG A CA  1 
ATOM   545 C  C   A ARG A 1 66  ? 3.117   -6.068  4.408   0.30 7.83  ? 152 ARG A C   1 
ATOM   546 C  C   B ARG A 1 66  ? 3.125   -6.045  4.414   0.70 8.92  ? 152 ARG A C   1 
ATOM   547 O  O   A ARG A 1 66  ? 4.113   -5.753  5.061   0.30 7.67  ? 152 ARG A O   1 
ATOM   548 O  O   B ARG A 1 66  ? 4.108   -5.666  5.053   0.70 8.10  ? 152 ARG A O   1 
ATOM   549 C  CB  A ARG A 1 66  ? 3.407   -8.333  3.377   0.30 9.27  ? 152 ARG A CB  1 
ATOM   550 C  CB  B ARG A 1 66  ? 3.573   -8.319  3.462   0.70 12.88 ? 152 ARG A CB  1 
ATOM   551 C  CG  A ARG A 1 66  ? 2.300   -8.933  4.227   0.30 10.29 ? 152 ARG A CG  1 
ATOM   552 C  CG  B ARG A 1 66  ? 2.489   -9.040  4.239   0.70 15.97 ? 152 ARG A CG  1 
ATOM   553 C  CD  A ARG A 1 66  ? 2.386   -10.450 4.239   0.30 10.00 ? 152 ARG A CD  1 
ATOM   554 C  CD  B ARG A 1 66  ? 3.002   -10.390 4.730   0.70 18.00 ? 152 ARG A CD  1 
ATOM   555 N  NE  A ARG A 1 66  ? 1.425   -11.054 5.157   0.30 11.11 ? 152 ARG A NE  1 
ATOM   556 N  NE  B ARG A 1 66  ? 3.452   -11.245 3.633   0.70 21.62 ? 152 ARG A NE  1 
ATOM   557 C  CZ  A ARG A 1 66  ? 1.191   -12.360 5.238   0.30 11.69 ? 152 ARG A CZ  1 
ATOM   558 C  CZ  B ARG A 1 66  ? 2.638   -11.910 2.819   0.70 22.75 ? 152 ARG A CZ  1 
ATOM   559 N  NH1 A ARG A 1 66  ? 1.848   -13.201 4.451   0.30 11.81 ? 152 ARG A NH1 1 
ATOM   560 N  NH1 B ARG A 1 66  ? 1.324   -11.824 2.978   0.70 23.97 ? 152 ARG A NH1 1 
ATOM   561 N  NH2 A ARG A 1 66  ? 0.309   -12.827 6.111   0.30 11.24 ? 152 ARG A NH2 1 
ATOM   562 N  NH2 B ARG A 1 66  ? 3.137   -12.658 1.842   0.70 21.45 ? 152 ARG A NH2 1 
ATOM   563 N  N   . CYS A 1 67  ? 1.879   -5.765  4.781   1.00 6.14  ? 153 CYS A N   1 
ATOM   564 C  CA  . CYS A 1 67  ? 1.606   -5.026  6.009   1.00 6.65  ? 153 CYS A CA  1 
ATOM   565 C  C   . CYS A 1 67  ? 2.106   -5.821  7.204   1.00 4.51  ? 153 CYS A C   1 
ATOM   566 O  O   . CYS A 1 67  ? 1.965   -7.042  7.246   1.00 4.61  ? 153 CYS A O   1 
ATOM   567 C  CB  . CYS A 1 67  ? 0.099   -4.807  6.189   1.00 5.20  ? 153 CYS A CB  1 
ATOM   568 S  SG  . CYS A 1 67  ? -0.585  -3.330  5.430   1.00 7.65  ? 153 CYS A SG  1 
ATOM   569 N  N   . THR A 1 68  ? 2.686   -5.129  8.177   1.00 4.38  ? 154 THR A N   1 
ATOM   570 C  CA  . THR A 1 68  ? 3.134   -5.799  9.391   1.00 4.33  ? 154 THR A CA  1 
ATOM   571 C  C   . THR A 1 68  ? 1.857   -5.973  10.202  1.00 4.41  ? 154 THR A C   1 
ATOM   572 O  O   . THR A 1 68  ? 0.823   -5.405  9.856   1.00 2.78  ? 154 THR A O   1 
ATOM   573 C  CB  . THR A 1 68  ? 4.093   -4.923  10.202  1.00 6.19  ? 154 THR A CB  1 
ATOM   574 O  OG1 . THR A 1 68  ? 3.412   -3.729  10.607  1.00 5.45  ? 154 THR A OG1 1 
ATOM   575 C  CG2 . THR A 1 68  ? 5.312   -4.555  9.372   1.00 6.59  ? 154 THR A CG2 1 
ATOM   576 N  N   . ALA A 1 69  ? 1.922   -6.742  11.281  1.00 4.05  ? 155 ALA A N   1 
ATOM   577 C  CA  . ALA A 1 69  ? 0.745   -6.955  12.114  1.00 5.51  ? 155 ALA A CA  1 
ATOM   578 C  C   . ALA A 1 69  ? 0.185   -5.618  12.593  1.00 5.26  ? 155 ALA A C   1 
ATOM   579 O  O   . ALA A 1 69  ? -1.027  -5.431  12.662  1.00 5.20  ? 155 ALA A O   1 
ATOM   580 C  CB  . ALA A 1 69  ? 1.104   -7.834  13.310  1.00 5.60  ? 155 ALA A CB  1 
ATOM   581 N  N   . ASP A 1 70  ? 1.073   -4.684  12.911  1.00 4.72  ? 156 ASP A N   1 
ATOM   582 C  CA  . ASP A 1 70  ? 0.656   -3.374  13.390  1.00 5.40  ? 156 ASP A CA  1 
ATOM   583 C  C   . ASP A 1 70  ? -0.045  -2.569  12.306  1.00 4.61  ? 156 ASP A C   1 
ATOM   584 O  O   . ASP A 1 70  ? -1.071  -1.936  12.551  1.00 3.43  ? 156 ASP A O   1 
ATOM   585 C  CB  . ASP A 1 70  ? 1.872   -2.605  13.901  1.00 7.94  ? 156 ASP A CB  1 
ATOM   586 C  CG  . ASP A 1 70  ? 2.617   -3.362  14.977  1.00 12.78 ? 156 ASP A CG  1 
ATOM   587 O  OD1 . ASP A 1 70  ? 3.797   -3.709  14.753  1.00 17.75 ? 156 ASP A OD1 1 
ATOM   588 O  OD2 . ASP A 1 70  ? 2.020   -3.624  16.043  1.00 12.01 ? 156 ASP A OD2 1 
ATOM   589 N  N   . GLN A 1 71  ? 0.512   -2.593  11.102  1.00 3.56  ? 157 GLN A N   1 
ATOM   590 C  CA  . GLN A 1 71  ? -0.083  -1.852  10.002  1.00 3.48  ? 157 GLN A CA  1 
ATOM   591 C  C   . GLN A 1 71  ? -1.442  -2.436  9.632   1.00 3.20  ? 157 GLN A C   1 
ATOM   592 O  O   . GLN A 1 71  ? -2.385  -1.698  9.354   1.00 3.39  ? 157 GLN A O   1 
ATOM   593 C  CB  . GLN A 1 71  ? 0.869   -1.860  8.801   1.00 5.02  ? 157 GLN A CB  1 
ATOM   594 C  CG  . GLN A 1 71  ? 2.229   -1.247  9.135   1.00 6.66  ? 157 GLN A CG  1 
ATOM   595 C  CD  . GLN A 1 71  ? 3.239   -1.379  8.016   1.00 6.15  ? 157 GLN A CD  1 
ATOM   596 O  OE1 . GLN A 1 71  ? 3.330   -2.416  7.364   1.00 4.92  ? 157 GLN A OE1 1 
ATOM   597 N  NE2 . GLN A 1 71  ? 4.023   -0.329  7.799   1.00 9.65  ? 157 GLN A NE2 1 
ATOM   598 N  N   . LEU A 1 72  ? -1.549  -3.761  9.634   1.00 2.74  ? 158 LEU A N   1 
ATOM   599 C  CA  . LEU A 1 72  ? -2.817  -4.406  9.305   1.00 3.53  ? 158 LEU A CA  1 
ATOM   600 C  C   . LEU A 1 72  ? -3.885  -3.984  10.316  1.00 3.45  ? 158 LEU A C   1 
ATOM   601 O  O   . LEU A 1 72  ? -5.010  -3.652  9.941   1.00 2.84  ? 158 LEU A O   1 
ATOM   602 C  CB  . LEU A 1 72  ? -2.654  -5.925  9.322   1.00 6.08  ? 158 LEU A CB  1 
ATOM   603 C  CG  . LEU A 1 72  ? -3.884  -6.735  8.905   1.00 8.06  ? 158 LEU A CG  1 
ATOM   604 C  CD1 . LEU A 1 72  ? -4.280  -6.384  7.477   1.00 9.71  ? 158 LEU A CD1 1 
ATOM   605 C  CD2 . LEU A 1 72  ? -3.568  -8.216  9.023   1.00 9.22  ? 158 LEU A CD2 1 
ATOM   606 N  N   . GLU A 1 73  ? -3.525  -3.987  11.598  1.00 3.54  ? 159 GLU A N   1 
ATOM   607 C  CA  . GLU A 1 73  ? -4.454  -3.595  12.653  1.00 4.28  ? 159 GLU A CA  1 
ATOM   608 C  C   . GLU A 1 73  ? -4.919  -2.153  12.480  1.00 4.40  ? 159 GLU A C   1 
ATOM   609 O  O   . GLU A 1 73  ? -6.111  -1.866  12.560  1.00 3.23  ? 159 GLU A O   1 
ATOM   610 C  CB  . GLU A 1 73  ? -3.792  -3.774  14.026  1.00 4.64  ? 159 GLU A CB  1 
ATOM   611 C  CG  . GLU A 1 73  ? -4.550  -3.180  15.216  1.00 6.74  ? 159 GLU A CG  1 
ATOM   612 C  CD  . GLU A 1 73  ? -5.920  -3.802  15.454  1.00 11.10 ? 159 GLU A CD  1 
ATOM   613 O  OE1 . GLU A 1 73  ? -6.267  -4.800  14.787  1.00 12.31 ? 159 GLU A OE1 1 
ATOM   614 O  OE2 . GLU A 1 73  ? -6.655  -3.288  16.326  1.00 10.55 ? 159 GLU A OE2 1 
ATOM   615 N  N   . ILE A 1 74  ? -3.982  -1.243  12.229  1.00 3.37  ? 160 ILE A N   1 
ATOM   616 C  CA  . ILE A 1 74  ? -4.345  0.157   12.057  1.00 3.32  ? 160 ILE A CA  1 
ATOM   617 C  C   . ILE A 1 74  ? -5.330  0.344   10.902  1.00 4.22  ? 160 ILE A C   1 
ATOM   618 O  O   . ILE A 1 74  ? -6.316  1.071   11.035  1.00 4.79  ? 160 ILE A O   1 
ATOM   619 C  CB  . ILE A 1 74  ? -3.089  1.039   11.837  1.00 1.81  ? 160 ILE A CB  1 
ATOM   620 C  CG1 . ILE A 1 74  ? -2.254  1.063   13.126  1.00 2.68  ? 160 ILE A CG1 1 
ATOM   621 C  CG2 . ILE A 1 74  ? -3.504  2.460   11.446  1.00 1.18  ? 160 ILE A CG2 1 
ATOM   622 C  CD1 . ILE A 1 74  ? -0.908  1.787   13.015  1.00 2.22  ? 160 ILE A CD1 1 
ATOM   623 N  N   . LEU A 1 75  ? -5.080  -0.319  9.777   1.00 2.37  ? 161 LEU A N   1 
ATOM   624 C  CA  . LEU A 1 75  ? -5.973  -0.191  8.632   1.00 2.61  ? 161 LEU A CA  1 
ATOM   625 C  C   . LEU A 1 75  ? -7.358  -0.727  8.954   1.00 2.96  ? 161 LEU A C   1 
ATOM   626 O  O   . LEU A 1 75  ? -8.360  -0.215  8.455   1.00 3.69  ? 161 LEU A O   1 
ATOM   627 C  CB  . LEU A 1 75  ? -5.398  -0.908  7.404   1.00 1.92  ? 161 LEU A CB  1 
ATOM   628 C  CG  . LEU A 1 75  ? -4.173  -0.229  6.790   1.00 3.44  ? 161 LEU A CG  1 
ATOM   629 C  CD1 . LEU A 1 75  ? -3.673  -1.037  5.605   1.00 5.40  ? 161 LEU A CD1 1 
ATOM   630 C  CD2 . LEU A 1 75  ? -4.537  1.185   6.344   1.00 6.08  ? 161 LEU A CD2 1 
ATOM   631 N  N   . LYS A 1 76  ? -7.419  -1.756  9.792   1.00 3.48  ? 162 LYS A N   1 
ATOM   632 C  CA  . LYS A 1 76  ? -8.708  -2.328  10.171  1.00 5.02  ? 162 LYS A CA  1 
ATOM   633 C  C   . LYS A 1 76  ? -9.458  -1.348  11.072  1.00 5.77  ? 162 LYS A C   1 
ATOM   634 O  O   . LYS A 1 76  ? -10.653 -1.118  10.893  1.00 5.93  ? 162 LYS A O   1 
ATOM   635 C  CB  . LYS A 1 76  ? -8.503  -3.676  10.877  1.00 4.39  ? 162 LYS A CB  1 
ATOM   636 C  CG  . LYS A 1 76  ? -8.001  -4.776  9.942   1.00 4.27  ? 162 LYS A CG  1 
ATOM   637 C  CD  . LYS A 1 76  ? -7.858  -6.118  10.645  1.00 5.74  ? 162 LYS A CD  1 
ATOM   638 C  CE  . LYS A 1 76  ? -7.434  -7.199  9.660   1.00 7.28  ? 162 LYS A CE  1 
ATOM   639 N  NZ  . LYS A 1 76  ? -7.285  -8.526  10.322  1.00 8.73  ? 162 LYS A NZ  1 
ATOM   640 N  N   . VAL A 1 77  ? -8.746  -0.760  12.029  1.00 6.73  ? 163 VAL A N   1 
ATOM   641 C  CA  . VAL A 1 77  ? -9.346  0.203   12.949  1.00 7.86  ? 163 VAL A CA  1 
ATOM   642 C  C   . VAL A 1 77  ? -9.871  1.418   12.188  1.00 6.93  ? 163 VAL A C   1 
ATOM   643 O  O   . VAL A 1 77  ? -10.860 2.036   12.593  1.00 8.21  ? 163 VAL A O   1 
ATOM   644 C  CB  . VAL A 1 77  ? -8.322  0.669   14.010  1.00 8.03  ? 163 VAL A CB  1 
ATOM   645 C  CG1 . VAL A 1 77  ? -8.880  1.841   14.808  1.00 12.05 ? 163 VAL A CG1 1 
ATOM   646 C  CG2 . VAL A 1 77  ? -7.990  -0.486  14.945  1.00 10.43 ? 163 VAL A CG2 1 
HETATM 647 N  N   . MSE A 1 78  ? -9.207  1.749   11.083  1.00 6.36  ? 164 MSE A N   1 
HETATM 648 C  CA  . MSE A 1 78  ? -9.601  2.883   10.252  1.00 7.76  ? 164 MSE A CA  1 
HETATM 649 C  C   . MSE A 1 78  ? -10.774 2.532   9.339   1.00 7.96  ? 164 MSE A C   1 
HETATM 650 O  O   . MSE A 1 78  ? -11.338 3.408   8.683   1.00 10.62 ? 164 MSE A O   1 
HETATM 651 C  CB  . MSE A 1 78  ? -8.423  3.353   9.393   1.00 8.94  ? 164 MSE A CB  1 
HETATM 652 C  CG  . MSE A 1 78  ? -7.287  4.012   10.157  1.00 10.85 ? 164 MSE A CG  1 
HETATM 653 SE SE  . MSE A 1 78  ? -7.845  5.580   11.146  1.00 15.72 ? 164 MSE A SE  1 
HETATM 654 C  CE  . MSE A 1 78  ? -7.291  5.008   12.893  1.00 17.50 ? 164 MSE A CE  1 
ATOM   655 N  N   . GLY A 1 79  ? -11.136 1.253   9.295   1.00 7.31  ? 165 GLY A N   1 
ATOM   656 C  CA  . GLY A 1 79  ? -12.237 0.827   8.451   1.00 6.21  ? 165 GLY A CA  1 
ATOM   657 C  C   . GLY A 1 79  ? -11.854 0.714   6.987   1.00 7.27  ? 165 GLY A C   1 
ATOM   658 O  O   . GLY A 1 79  ? -12.721 0.640   6.116   1.00 7.22  ? 165 GLY A O   1 
ATOM   659 N  N   . ILE A 1 80  ? -10.554 0.700   6.709   1.00 5.07  ? 166 ILE A N   1 
ATOM   660 C  CA  . ILE A 1 80  ? -10.069 0.597   5.336   1.00 6.30  ? 166 ILE A CA  1 
ATOM   661 C  C   . ILE A 1 80  ? -10.152 -0.845  4.843   1.00 6.49  ? 166 ILE A C   1 
ATOM   662 O  O   . ILE A 1 80  ? -10.401 -1.101  3.660   1.00 7.94  ? 166 ILE A O   1 
ATOM   663 C  CB  . ILE A 1 80  ? -8.605  1.080   5.225   1.00 6.92  ? 166 ILE A CB  1 
ATOM   664 C  CG1 . ILE A 1 80  ? -8.494  2.530   5.704   1.00 7.28  ? 166 ILE A CG1 1 
ATOM   665 C  CG2 . ILE A 1 80  ? -8.122  0.955   3.788   1.00 8.23  ? 166 ILE A CG2 1 
ATOM   666 C  CD1 . ILE A 1 80  ? -9.347  3.512   4.929   1.00 9.02  ? 166 ILE A CD1 1 
ATOM   667 N  N   . LEU A 1 81  ? -9.934  -1.780  5.761   1.00 5.64  ? 167 LEU A N   1 
ATOM   668 C  CA  . LEU A 1 81  ? -9.981  -3.205  5.459   1.00 5.62  ? 167 LEU A CA  1 
ATOM   669 C  C   . LEU A 1 81  ? -10.939 -3.862  6.443   1.00 5.18  ? 167 LEU A C   1 
ATOM   670 O  O   . LEU A 1 81  ? -11.056 -3.422  7.586   1.00 6.12  ? 167 LEU A O   1 
ATOM   671 C  CB  . LEU A 1 81  ? -8.602  -3.841  5.642   1.00 6.39  ? 167 LEU A CB  1 
ATOM   672 C  CG  . LEU A 1 81  ? -7.417  -3.290  4.856   1.00 6.00  ? 167 LEU A CG  1 
ATOM   673 C  CD1 . LEU A 1 81  ? -6.138  -3.942  5.358   1.00 6.98  ? 167 LEU A CD1 1 
ATOM   674 C  CD2 . LEU A 1 81  ? -7.620  -3.546  3.375   1.00 8.55  ? 167 LEU A CD2 1 
ATOM   675 N  N   . PRO A 1 82  ? -11.641 -4.920  6.015   1.00 6.83  ? 168 PRO A N   1 
ATOM   676 C  CA  . PRO A 1 82  ? -12.561 -5.578  6.947   1.00 6.61  ? 168 PRO A CA  1 
ATOM   677 C  C   . PRO A 1 82  ? -11.739 -6.195  8.078   1.00 5.64  ? 168 PRO A C   1 
ATOM   678 O  O   . PRO A 1 82  ? -10.562 -6.503  7.893   1.00 6.11  ? 168 PRO A O   1 
ATOM   679 C  CB  . PRO A 1 82  ? -13.250 -6.625  6.073   1.00 8.52  ? 168 PRO A CB  1 
ATOM   680 C  CG  . PRO A 1 82  ? -12.200 -6.953  5.052   1.00 9.02  ? 168 PRO A CG  1 
ATOM   681 C  CD  . PRO A 1 82  ? -11.649 -5.590  4.703   1.00 6.46  ? 168 PRO A CD  1 
ATOM   682 N  N   . PHE A 1 83  ? -12.348 -6.365  9.247   1.00 5.44  ? 169 PHE A N   1 
ATOM   683 C  CA  . PHE A 1 83  ? -11.628 -6.932  10.380  1.00 5.51  ? 169 PHE A CA  1 
ATOM   684 C  C   . PHE A 1 83  ? -11.108 -8.339  10.134  1.00 5.76  ? 169 PHE A C   1 
ATOM   685 O  O   . PHE A 1 83  ? -10.205 -8.801  10.831  1.00 6.24  ? 169 PHE A O   1 
ATOM   686 C  CB  . PHE A 1 83  ? -12.512 -6.917  11.627  1.00 5.88  ? 169 PHE A CB  1 
ATOM   687 C  CG  . PHE A 1 83  ? -12.730 -5.543  12.189  1.00 7.80  ? 169 PHE A CG  1 
ATOM   688 C  CD1 . PHE A 1 83  ? -13.981 -4.938  12.128  1.00 6.47  ? 169 PHE A CD1 1 
ATOM   689 C  CD2 . PHE A 1 83  ? -11.671 -4.842  12.757  1.00 6.80  ? 169 PHE A CD2 1 
ATOM   690 C  CE1 . PHE A 1 83  ? -14.175 -3.647  12.622  1.00 8.59  ? 169 PHE A CE1 1 
ATOM   691 C  CE2 . PHE A 1 83  ? -11.853 -3.549  13.255  1.00 7.49  ? 169 PHE A CE2 1 
ATOM   692 C  CZ  . PHE A 1 83  ? -13.106 -2.953  13.186  1.00 6.80  ? 169 PHE A CZ  1 
ATOM   693 N  N   . SER A 1 84  ? -11.670 -9.012  9.134   1.00 5.45  ? 170 SER A N   1 
ATOM   694 C  CA  . SER A 1 84  ? -11.270 -10.373 8.805   1.00 6.58  ? 170 SER A CA  1 
ATOM   695 C  C   . SER A 1 84  ? -10.174 -10.473 7.740   1.00 5.12  ? 170 SER A C   1 
ATOM   696 O  O   . SER A 1 84  ? -9.781  -11.575 7.360   1.00 6.63  ? 170 SER A O   1 
ATOM   697 C  CB  . SER A 1 84  ? -12.494 -11.169 8.359   1.00 6.40  ? 170 SER A CB  1 
ATOM   698 O  OG  . SER A 1 84  ? -13.193 -10.467 7.348   1.00 9.50  ? 170 SER A OG  1 
ATOM   699 N  N   . ALA A 1 85  ? -9.683  -9.337  7.257   1.00 5.23  ? 171 ALA A N   1 
ATOM   700 C  CA  . ALA A 1 85  ? -8.626  -9.343  6.246   1.00 5.14  ? 171 ALA A CA  1 
ATOM   701 C  C   . ALA A 1 85  ? -7.433  -10.137 6.771   1.00 6.43  ? 171 ALA A C   1 
ATOM   702 O  O   . ALA A 1 85  ? -6.927  -9.864  7.859   1.00 5.74  ? 171 ALA A O   1 
ATOM   703 C  CB  . ALA A 1 85  ? -8.204  -7.913  5.918   1.00 6.00  ? 171 ALA A CB  1 
ATOM   704 N  N   . PRO A 1 86  ? -6.960  -11.128 5.996   1.00 7.78  ? 172 PRO A N   1 
ATOM   705 C  CA  . PRO A 1 86  ? -5.825  -11.967 6.392   1.00 8.09  ? 172 PRO A CA  1 
ATOM   706 C  C   . PRO A 1 86  ? -4.473  -11.283 6.262   1.00 9.60  ? 172 PRO A C   1 
ATOM   707 O  O   . PRO A 1 86  ? -3.537  -11.581 7.005   1.00 9.45  ? 172 PRO A O   1 
ATOM   708 C  CB  . PRO A 1 86  ? -5.944  -13.155 5.451   1.00 9.44  ? 172 PRO A CB  1 
ATOM   709 C  CG  . PRO A 1 86  ? -6.415  -12.506 4.188   1.00 9.95  ? 172 PRO A CG  1 
ATOM   710 C  CD  . PRO A 1 86  ? -7.490  -11.555 4.688   1.00 9.64  ? 172 PRO A CD  1 
ATOM   711 N  N   . SER A 1 87  ? -4.382  -10.364 5.311   1.00 6.79  ? 173 SER A N   1 
ATOM   712 C  CA  . SER A 1 87  ? -3.137  -9.667  5.045   1.00 6.67  ? 173 SER A CA  1 
ATOM   713 C  C   . SER A 1 87  ? -3.446  -8.479  4.152   1.00 5.60  ? 173 SER A C   1 
ATOM   714 O  O   . SER A 1 87  ? -4.594  -8.270  3.759   1.00 4.62  ? 173 SER A O   1 
ATOM   715 C  CB  . SER A 1 87  ? -2.177  -10.608 4.324   1.00 6.82  ? 173 SER A CB  1 
ATOM   716 O  OG  . SER A 1 87  ? -2.771  -11.071 3.119   1.00 8.66  ? 173 SER A OG  1 
ATOM   717 N  N   . CYS A 1 88  ? -2.415  -7.709  3.825   1.00 5.13  ? 174 CYS A N   1 
ATOM   718 C  CA  . CYS A 1 88  ? -2.595  -6.548  2.977   1.00 5.39  ? 174 CYS A CA  1 
ATOM   719 C  C   . CYS A 1 88  ? -1.268  -6.082  2.396   1.00 5.42  ? 174 CYS A C   1 
ATOM   720 O  O   . CYS A 1 88  ? -0.290  -5.914  3.120   1.00 7.10  ? 174 CYS A O   1 
ATOM   721 C  CB  . CYS A 1 88  ? -3.234  -5.419  3.783   1.00 6.25  ? 174 CYS A CB  1 
ATOM   722 S  SG  . CYS A 1 88  ? -3.525  -3.921  2.845   1.00 8.89  ? 174 CYS A SG  1 
ATOM   723 N  N   . GLY A 1 89  ? -1.243  -5.876  1.085   1.00 4.44  ? 175 GLY A N   1 
ATOM   724 C  CA  . GLY A 1 89  ? -0.024  -5.425  0.439   1.00 3.15  ? 175 GLY A CA  1 
ATOM   725 C  C   . GLY A 1 89  ? 0.130   -3.919  0.466   1.00 3.29  ? 175 GLY A C   1 
ATOM   726 O  O   . GLY A 1 89  ? -0.838  -3.191  0.675   1.00 3.66  ? 175 GLY A O   1 
ATOM   727 N  N   . LEU A 1 90  ? 1.357   -3.455  0.253   1.00 3.14  ? 176 LEU A N   1 
ATOM   728 C  CA  . LEU A 1 90  ? 1.667   -2.030  0.238   1.00 3.60  ? 176 LEU A CA  1 
ATOM   729 C  C   . LEU A 1 90  ? 2.543   -1.730  -0.970  1.00 4.51  ? 176 LEU A C   1 
ATOM   730 O  O   . LEU A 1 90  ? 3.369   -2.553  -1.370  1.00 6.68  ? 176 LEU A O   1 
ATOM   731 C  CB  . LEU A 1 90  ? 2.414   -1.629  1.514   1.00 3.06  ? 176 LEU A CB  1 
ATOM   732 C  CG  . LEU A 1 90  ? 1.690   -1.805  2.850   1.00 3.49  ? 176 LEU A CG  1 
ATOM   733 C  CD1 . LEU A 1 90  ? 2.654   -1.502  3.987   1.00 4.98  ? 176 LEU A CD1 1 
ATOM   734 C  CD2 . LEU A 1 90  ? 0.477   -0.889  2.910   1.00 3.16  ? 176 LEU A CD2 1 
ATOM   735 N  N   . ILE A 1 91  ? 2.362   -0.547  -1.543  1.00 3.06  ? 177 ILE A N   1 
ATOM   736 C  CA  . ILE A 1 91  ? 3.127   -0.113  -2.704  1.00 4.34  ? 177 ILE A CA  1 
ATOM   737 C  C   . ILE A 1 91  ? 3.566   1.332   -2.439  1.00 4.93  ? 177 ILE A C   1 
ATOM   738 O  O   . ILE A 1 91  ? 2.787   2.129   -1.920  1.00 4.54  ? 177 ILE A O   1 
ATOM   739 C  CB  . ILE A 1 91  ? 2.246   -0.215  -3.983  1.00 6.19  ? 177 ILE A CB  1 
ATOM   740 C  CG1 . ILE A 1 91  ? 2.999   0.307   -5.203  1.00 10.49 ? 177 ILE A CG1 1 
ATOM   741 C  CG2 . ILE A 1 91  ? 0.942   0.543   -3.780  1.00 8.06  ? 177 ILE A CG2 1 
ATOM   742 C  CD1 . ILE A 1 91  ? 2.203   0.186   -6.488  1.00 10.30 ? 177 ILE A CD1 1 
ATOM   743 N  N   . THR A 1 92  ? 4.812   1.668   -2.769  1.00 3.03  ? 178 THR A N   1 
ATOM   744 C  CA  . THR A 1 92  ? 5.301   3.023   -2.521  1.00 4.06  ? 178 THR A CA  1 
ATOM   745 C  C   . THR A 1 92  ? 4.535   4.049   -3.338  1.00 4.21  ? 178 THR A C   1 
ATOM   746 O  O   . THR A 1 92  ? 4.008   3.739   -4.405  1.00 4.79  ? 178 THR A O   1 
ATOM   747 C  CB  . THR A 1 92  ? 6.803   3.171   -2.861  1.00 6.54  ? 178 THR A CB  1 
ATOM   748 O  OG1 . THR A 1 92  ? 6.995   3.044   -4.276  1.00 7.63  ? 178 THR A OG1 1 
ATOM   749 C  CG2 . THR A 1 92  ? 7.613   2.105   -2.141  1.00 6.69  ? 178 THR A CG2 1 
ATOM   750 N  N   . LYS A 1 93  ? 4.478   5.277   -2.832  1.00 3.37  ? 179 LYS A N   1 
ATOM   751 C  CA  . LYS A 1 93  ? 3.780   6.351   -3.524  1.00 4.97  ? 179 LYS A CA  1 
ATOM   752 C  C   . LYS A 1 93  ? 4.275   6.518   -4.963  1.00 5.73  ? 179 LYS A C   1 
ATOM   753 O  O   . LYS A 1 93  ? 3.474   6.600   -5.894  1.00 5.80  ? 179 LYS A O   1 
ATOM   754 C  CB  . LYS A 1 93  ? 3.955   7.665   -2.760  1.00 6.47  ? 179 LYS A CB  1 
ATOM   755 C  CG  . LYS A 1 93  ? 3.247   8.859   -3.388  1.00 9.58  ? 179 LYS A CG  1 
ATOM   756 C  CD  . LYS A 1 93  ? 3.444   10.106  -2.534  1.00 13.62 ? 179 LYS A CD  1 
ATOM   757 C  CE  . LYS A 1 93  ? 2.987   11.364  -3.255  1.00 18.11 ? 179 LYS A CE  1 
ATOM   758 N  NZ  . LYS A 1 93  ? 1.538   11.330  -3.588  1.00 21.34 ? 179 LYS A NZ  1 
ATOM   759 N  N   A THR A 1 94  ? 5.592   6.555   -5.135  0.50 5.27  ? 180 THR A N   1 
ATOM   760 N  N   B THR A 1 94  ? 5.590   6.567   -5.148  0.50 5.02  ? 180 THR A N   1 
ATOM   761 C  CA  A THR A 1 94  ? 6.188   6.707   -6.456  0.50 5.40  ? 180 THR A CA  1 
ATOM   762 C  CA  B THR A 1 94  ? 6.142   6.742   -6.486  0.50 5.11  ? 180 THR A CA  1 
ATOM   763 C  C   A THR A 1 94  ? 5.762   5.588   -7.397  0.50 4.52  ? 180 THR A C   1 
ATOM   764 C  C   B THR A 1 94  ? 5.774   5.585   -7.416  0.50 4.26  ? 180 THR A C   1 
ATOM   765 O  O   A THR A 1 94  ? 5.365   5.839   -8.534  0.50 5.25  ? 180 THR A O   1 
ATOM   766 O  O   B THR A 1 94  ? 5.428   5.807   -8.576  0.50 5.07  ? 180 THR A O   1 
ATOM   767 C  CB  A THR A 1 94  ? 7.729   6.710   -6.376  0.50 6.64  ? 180 THR A CB  1 
ATOM   768 C  CB  B THR A 1 94  ? 7.678   6.919   -6.448  0.50 6.30  ? 180 THR A CB  1 
ATOM   769 O  OG1 A THR A 1 94  ? 8.166   7.880   -5.677  0.50 6.12  ? 180 THR A OG1 1 
ATOM   770 O  OG1 B THR A 1 94  ? 8.147   7.291   -7.751  0.50 6.88  ? 180 THR A OG1 1 
ATOM   771 C  CG2 A THR A 1 94  ? 8.341   6.695   -7.774  0.50 6.79  ? 180 THR A CG2 1 
ATOM   772 C  CG2 B THR A 1 94  ? 8.360   5.633   -6.005  0.50 5.30  ? 180 THR A CG2 1 
ATOM   773 N  N   . ASP A 1 95  ? 5.839   4.354   -6.914  1.00 3.27  ? 181 ASP A N   1 
ATOM   774 C  CA  . ASP A 1 95  ? 5.479   3.195   -7.728  1.00 3.82  ? 181 ASP A CA  1 
ATOM   775 C  C   . ASP A 1 95  ? 4.002   3.237   -8.101  1.00 2.89  ? 181 ASP A C   1 
ATOM   776 O  O   . ASP A 1 95  ? 3.630   2.959   -9.248  1.00 2.37  ? 181 ASP A O   1 
ATOM   777 C  CB  . ASP A 1 95  ? 5.775   1.890   -6.985  1.00 5.25  ? 181 ASP A CB  1 
ATOM   778 C  CG  . ASP A 1 95  ? 7.247   1.534   -6.992  1.00 9.50  ? 181 ASP A CG  1 
ATOM   779 O  OD1 . ASP A 1 95  ? 7.999   2.111   -7.806  1.00 10.19 ? 181 ASP A OD1 1 
ATOM   780 O  OD2 . ASP A 1 95  ? 7.650   0.663   -6.193  1.00 12.03 ? 181 ASP A OD2 1 
ATOM   781 N  N   . ALA A 1 96  ? 3.162   3.590   -7.134  1.00 3.60  ? 182 ALA A N   1 
ATOM   782 C  CA  . ALA A 1 96  ? 1.724   3.663   -7.368  1.00 2.92  ? 182 ALA A CA  1 
ATOM   783 C  C   . ALA A 1 96  ? 1.401   4.715   -8.429  1.00 4.28  ? 182 ALA A C   1 
ATOM   784 O  O   . ALA A 1 96  ? 0.568   4.489   -9.306  1.00 5.48  ? 182 ALA A O   1 
ATOM   785 C  CB  . ALA A 1 96  ? 0.995   3.986   -6.065  1.00 5.39  ? 182 ALA A CB  1 
ATOM   786 N  N   . GLU A 1 97  ? 2.065   5.863   -8.354  1.00 2.95  ? 183 GLU A N   1 
ATOM   787 C  CA  . GLU A 1 97  ? 1.830   6.928   -9.321  1.00 4.32  ? 183 GLU A CA  1 
ATOM   788 C  C   . GLU A 1 97  ? 2.226   6.504   -10.731 1.00 3.84  ? 183 GLU A C   1 
ATOM   789 O  O   . GLU A 1 97  ? 1.524   6.803   -11.693 1.00 5.16  ? 183 GLU A O   1 
ATOM   790 C  CB  . GLU A 1 97  ? 2.607   8.186   -8.931  1.00 6.11  ? 183 GLU A CB  1 
ATOM   791 C  CG  . GLU A 1 97  ? 2.223   8.739   -7.573  1.00 12.32 ? 183 GLU A CG  1 
ATOM   792 C  CD  . GLU A 1 97  ? 2.953   10.020  -7.250  1.00 16.46 ? 183 GLU A CD  1 
ATOM   793 O  OE1 . GLU A 1 97  ? 4.145   10.128  -7.611  1.00 19.72 ? 183 GLU A OE1 1 
ATOM   794 O  OE2 . GLU A 1 97  ? 2.340   10.911  -6.624  1.00 19.73 ? 183 GLU A OE2 1 
ATOM   795 N  N   . ARG A 1 98  ? 3.352   5.807   -10.855 1.00 4.46  ? 184 ARG A N   1 
ATOM   796 C  CA  . ARG A 1 98  ? 3.816   5.363   -12.165 1.00 4.69  ? 184 ARG A CA  1 
ATOM   797 C  C   . ARG A 1 98  ? 2.926   4.260   -12.715 1.00 4.12  ? 184 ARG A C   1 
ATOM   798 O  O   . ARG A 1 98  ? 2.638   4.216   -13.913 1.00 4.82  ? 184 ARG A O   1 
ATOM   799 C  CB  . ARG A 1 98  ? 5.269   4.900   -12.070 1.00 5.18  ? 184 ARG A CB  1 
ATOM   800 C  CG  . ARG A 1 98  ? 6.154   6.022   -11.571 1.00 7.09  ? 184 ARG A CG  1 
ATOM   801 C  CD  . ARG A 1 98  ? 7.630   5.737   -11.673 1.00 8.13  ? 184 ARG A CD  1 
ATOM   802 N  NE  . ARG A 1 98  ? 8.372   6.909   -11.226 1.00 10.71 ? 184 ARG A NE  1 
ATOM   803 C  CZ  . ARG A 1 98  ? 9.655   7.129   -11.480 1.00 12.26 ? 184 ARG A CZ  1 
ATOM   804 N  NH1 . ARG A 1 98  ? 10.352  6.252   -12.187 1.00 11.07 ? 184 ARG A NH1 1 
ATOM   805 N  NH2 . ARG A 1 98  ? 10.236  8.235   -11.030 1.00 14.13 ? 184 ARG A NH2 1 
ATOM   806 N  N   . LEU A 1 99  ? 2.478   3.374   -11.832 1.00 4.14  ? 185 LEU A N   1 
ATOM   807 C  CA  . LEU A 1 99  ? 1.597   2.285   -12.232 1.00 4.23  ? 185 LEU A CA  1 
ATOM   808 C  C   . LEU A 1 99  ? 0.280   2.845   -12.767 1.00 4.82  ? 185 LEU A C   1 
ATOM   809 O  O   . LEU A 1 99  ? -0.195  2.439   -13.828 1.00 4.24  ? 185 LEU A O   1 
ATOM   810 C  CB  . LEU A 1 99  ? 1.316   1.373   -11.037 1.00 4.99  ? 185 LEU A CB  1 
ATOM   811 C  CG  . LEU A 1 99  ? 0.254   0.291   -11.256 1.00 4.93  ? 185 LEU A CG  1 
ATOM   812 C  CD1 . LEU A 1 99  ? 0.707   -0.669  -12.353 1.00 3.68  ? 185 LEU A CD1 1 
ATOM   813 C  CD2 . LEU A 1 99  ? 0.013   -0.450  -9.946  1.00 4.65  ? 185 LEU A CD2 1 
ATOM   814 N  N   . CYS A 1 100 ? -0.308  3.782   -12.031 1.00 4.59  ? 186 CYS A N   1 
ATOM   815 C  CA  . CYS A 1 100 ? -1.576  4.376   -12.451 1.00 5.50  ? 186 CYS A CA  1 
ATOM   816 C  C   . CYS A 1 100 ? -1.407  5.183   -13.730 1.00 6.11  ? 186 CYS A C   1 
ATOM   817 O  O   . CYS A 1 100 ? -2.291  5.196   -14.592 1.00 5.64  ? 186 CYS A O   1 
ATOM   818 C  CB  . CYS A 1 100 ? -2.151  5.255   -11.336 1.00 5.30  ? 186 CYS A CB  1 
ATOM   819 S  SG  . CYS A 1 100 ? -2.702  4.317   -9.891  1.00 8.30  ? 186 CYS A SG  1 
ATOM   820 N  N   . ASN A 1 101 ? -0.267  5.854   -13.863 1.00 4.92  ? 187 ASN A N   1 
ATOM   821 C  CA  . ASN A 1 101 ? -0.015  6.639   -15.057 1.00 5.65  ? 187 ASN A CA  1 
ATOM   822 C  C   . ASN A 1 101 ? 0.087   5.724   -16.269 1.00 6.12  ? 187 ASN A C   1 
ATOM   823 O  O   . ASN A 1 101 ? -0.482  6.009   -17.324 1.00 6.65  ? 187 ASN A O   1 
ATOM   824 C  CB  . ASN A 1 101 ? 1.277   7.440   -14.908 1.00 6.92  ? 187 ASN A CB  1 
ATOM   825 C  CG  . ASN A 1 101 ? 1.610   8.226   -16.154 1.00 8.88  ? 187 ASN A CG  1 
ATOM   826 O  OD1 . ASN A 1 101 ? 2.454   7.821   -16.954 1.00 8.66  ? 187 ASN A OD1 1 
ATOM   827 N  ND2 . ASN A 1 101 ? 0.929   9.352   -16.338 1.00 10.44 ? 187 ASN A ND2 1 
ATOM   828 N  N   . ALA A 1 102 ? 0.803   4.616   -16.113 1.00 5.09  ? 188 ALA A N   1 
ATOM   829 C  CA  . ALA A 1 102 ? 0.982   3.669   -17.206 1.00 6.52  ? 188 ALA A CA  1 
ATOM   830 C  C   . ALA A 1 102 ? -0.333  3.038   -17.644 1.00 6.45  ? 188 ALA A C   1 
ATOM   831 O  O   . ALA A 1 102 ? -0.550  2.800   -18.833 1.00 7.43  ? 188 ALA A O   1 
ATOM   832 C  CB  . ALA A 1 102 ? 1.965   2.584   -16.793 1.00 7.45  ? 188 ALA A CB  1 
ATOM   833 N  N   . LEU A 1 103 ? -1.212  2.772   -16.682 1.00 6.05  ? 189 LEU A N   1 
ATOM   834 C  CA  . LEU A 1 103 ? -2.500  2.144   -16.969 1.00 5.39  ? 189 LEU A CA  1 
ATOM   835 C  C   . LEU A 1 103 ? -3.599  3.094   -17.426 1.00 5.95  ? 189 LEU A C   1 
ATOM   836 O  O   . LEU A 1 103 ? -4.295  2.822   -18.411 1.00 7.77  ? 189 LEU A O   1 
ATOM   837 C  CB  . LEU A 1 103 ? -2.994  1.377   -15.739 1.00 4.36  ? 189 LEU A CB  1 
ATOM   838 C  CG  . LEU A 1 103 ? -2.218  0.123   -15.335 1.00 4.30  ? 189 LEU A CG  1 
ATOM   839 C  CD1 . LEU A 1 103 ? -2.766  -0.415  -14.026 1.00 4.57  ? 189 LEU A CD1 1 
ATOM   840 C  CD2 . LEU A 1 103 ? -2.323  -0.929  -16.437 1.00 4.90  ? 189 LEU A CD2 1 
ATOM   841 N  N   . LEU A 1 104 ? -3.761  4.200   -16.707 1.00 8.53  ? 190 LEU A N   1 
ATOM   842 C  CA  . LEU A 1 104 ? -4.801  5.176   -17.019 1.00 10.17 ? 190 LEU A CA  1 
ATOM   843 C  C   . LEU A 1 104 ? -4.531  6.020   -18.258 1.00 12.36 ? 190 LEU A C   1 
ATOM   844 O  O   . LEU A 1 104 ? -5.451  6.320   -19.021 1.00 13.96 ? 190 LEU A O   1 
ATOM   845 C  CB  . LEU A 1 104 ? -5.018  6.099   -15.818 1.00 9.68  ? 190 LEU A CB  1 
ATOM   846 C  CG  . LEU A 1 104 ? -5.510  5.431   -14.533 1.00 10.15 ? 190 LEU A CG  1 
ATOM   847 C  CD1 . LEU A 1 104 ? -5.529  6.447   -13.402 1.00 11.80 ? 190 LEU A CD1 1 
ATOM   848 C  CD2 . LEU A 1 104 ? -6.899  4.849   -14.760 1.00 11.72 ? 190 LEU A CD2 1 
ATOM   849 N  N   . TYR A 1 105 ? -3.275  6.406   -18.449 1.00 14.32 ? 191 TYR A N   1 
ATOM   850 C  CA  . TYR A 1 105 ? -2.891  7.232   -19.587 1.00 18.37 ? 191 TYR A CA  1 
ATOM   851 C  C   . TYR A 1 105 ? -1.849  6.534   -20.457 1.00 22.35 ? 191 TYR A C   1 
ATOM   852 O  O   . TYR A 1 105 ? -1.018  5.776   -19.959 1.00 24.71 ? 191 TYR A O   1 
ATOM   853 C  CB  . TYR A 1 105 ? -2.340  8.576   -19.094 1.00 17.04 ? 191 TYR A CB  1 
ATOM   854 C  CG  . TYR A 1 105 ? -3.273  9.329   -18.166 1.00 17.28 ? 191 TYR A CG  1 
ATOM   855 C  CD1 . TYR A 1 105 ? -3.308  9.055   -16.796 1.00 16.54 ? 191 TYR A CD1 1 
ATOM   856 C  CD2 . TYR A 1 105 ? -4.138  10.303  -18.662 1.00 17.79 ? 191 TYR A CD2 1 
ATOM   857 C  CE1 . TYR A 1 105 ? -4.183  9.737   -15.948 1.00 16.90 ? 191 TYR A CE1 1 
ATOM   858 C  CE2 . TYR A 1 105 ? -5.015  10.986  -17.826 1.00 18.40 ? 191 TYR A CE2 1 
ATOM   859 C  CZ  . TYR A 1 105 ? -5.033  10.700  -16.472 1.00 19.56 ? 191 TYR A CZ  1 
ATOM   860 O  OH  . TYR A 1 105 ? -5.903  11.386  -15.653 1.00 20.69 ? 191 TYR A OH  1 
ATOM   861 N  N   . GLY A 1 106 ? -1.898  6.790   -21.760 1.00 26.35 ? 192 GLY A N   1 
ATOM   862 C  CA  . GLY A 1 106 ? -0.943  6.169   -22.661 1.00 30.42 ? 192 GLY A CA  1 
ATOM   863 C  C   . GLY A 1 106 ? -0.879  4.659   -22.522 1.00 32.90 ? 192 GLY A C   1 
ATOM   864 O  O   . GLY A 1 106 ? -1.746  4.081   -21.830 1.00 34.66 ? 192 GLY A O   1 
ATOM   865 O  OXT . GLY A 1 106 ? 0.038   4.043   -23.109 1.00 34.59 ? 192 GLY A OXT 1 
HETATM 866 O  O   . HOH B 2 .   ? 7.545   7.022   -3.059  1.00 8.53  ? 202 HOH A O   1 
HETATM 867 O  O   . HOH B 2 .   ? -12.672 -2.441  9.551   1.00 9.61  ? 203 HOH A O   1 
HETATM 868 O  O   . HOH B 2 .   ? 6.384   -0.409  -4.047  1.00 7.49  ? 204 HOH A O   1 
HETATM 869 O  O   . HOH B 2 .   ? 13.068  4.662   0.867   1.00 12.61 ? 205 HOH A O   1 
HETATM 870 O  O   . HOH B 2 .   ? -8.039  6.452   2.980   1.00 9.72  ? 206 HOH A O   1 
HETATM 871 O  O   . HOH B 2 .   ? -10.202 1.875   -13.061 1.00 9.58  ? 207 HOH A O   1 
HETATM 872 O  O   . HOH B 2 .   ? 9.399   -1.252  -5.820  1.00 10.85 ? 208 HOH A O   1 
HETATM 873 O  O   . HOH B 2 .   ? -14.495 -10.471 4.924   1.00 12.72 ? 209 HOH A O   1 
HETATM 874 O  O   . HOH B 2 .   ? -0.241  -8.197  5.823   1.00 8.13  ? 210 HOH A O   1 
HETATM 875 O  O   . HOH B 2 .   ? 2.778   6.724   8.949   1.00 9.19  ? 211 HOH A O   1 
HETATM 876 O  O   . HOH B 2 .   ? 8.654   6.194   9.500   1.00 13.78 ? 212 HOH A O   1 
HETATM 877 O  O   . HOH B 2 .   ? 5.188   9.230   14.908  1.00 11.65 ? 213 HOH A O   1 
HETATM 878 O  O   . HOH B 2 .   ? -14.993 -8.796  8.538   1.00 14.05 ? 214 HOH A O   1 
HETATM 879 O  O   . HOH B 2 .   ? 4.986   4.044   9.705   1.00 11.84 ? 215 HOH A O   1 
HETATM 880 O  O   . HOH B 2 .   ? 4.037   5.981   -18.403 1.00 8.64  ? 216 HOH A O   1 
HETATM 881 O  O   . HOH B 2 .   ? -11.132 1.504   -2.367  1.00 12.29 ? 217 HOH A O   1 
HETATM 882 O  O   . HOH B 2 .   ? 4.774   -8.110  -17.826 1.00 17.01 ? 218 HOH A O   1 
HETATM 883 O  O   . HOH B 2 .   ? 6.488   -7.151  -19.715 1.00 12.77 ? 219 HOH A O   1 
HETATM 884 O  O   . HOH B 2 .   ? 1.612   8.535   16.889  1.00 11.31 ? 220 HOH A O   1 
HETATM 885 O  O   . HOH B 2 .   ? -9.755  5.776   -12.175 1.00 12.98 ? 221 HOH A O   1 
HETATM 886 O  O   . HOH B 2 .   ? -0.052  -4.970  16.802  1.00 12.29 ? 222 HOH A O   1 
HETATM 887 O  O   . HOH B 2 .   ? -8.577  8.004   -11.492 1.00 12.41 ? 223 HOH A O   1 
HETATM 888 O  O   . HOH B 2 .   ? 6.447   -1.408  3.308   1.00 19.40 ? 224 HOH A O   1 
HETATM 889 O  O   . HOH B 2 .   ? 11.801  -5.025  14.542  1.00 23.13 ? 225 HOH A O   1 
HETATM 890 O  O   . HOH B 2 .   ? -2.680  -13.859 3.129   1.00 12.67 ? 226 HOH A O   1 
HETATM 891 O  O   . HOH B 2 .   ? 5.690   -7.720  -5.231  1.00 13.17 ? 228 HOH A O   1 
HETATM 892 O  O   . HOH B 2 .   ? 5.133   -1.940  11.757  1.00 17.66 ? 229 HOH A O   1 
HETATM 893 O  O   . HOH B 2 .   ? -0.200  -15.015 3.082   1.00 19.15 ? 230 HOH A O   1 
HETATM 894 O  O   . HOH B 2 .   ? 5.131   4.934   12.261  1.00 17.23 ? 231 HOH A O   1 
HETATM 895 O  O   . HOH B 2 .   ? -9.585  -8.235  13.613  1.00 11.33 ? 232 HOH A O   1 
HETATM 896 O  O   . HOH B 2 .   ? 14.005  1.491   14.332  1.00 19.33 ? 233 HOH A O   1 
HETATM 897 O  O   . HOH B 2 .   ? -7.151  -10.837 -14.192 1.00 13.74 ? 234 HOH A O   1 
HETATM 898 O  O   . HOH B 2 .   ? -6.053  -1.073  17.670  1.00 14.63 ? 235 HOH A O   1 
HETATM 899 O  O   . HOH B 2 .   ? 0.377   10.700  -18.920 1.00 20.39 ? 236 HOH A O   1 
HETATM 900 O  O   . HOH B 2 .   ? -1.665  12.520  5.872   1.00 15.55 ? 237 HOH A O   1 
HETATM 901 O  O   . HOH B 2 .   ? 11.055  4.779   19.230  1.00 18.22 ? 238 HOH A O   1 
HETATM 902 O  O   . HOH B 2 .   ? -10.654 7.150   0.362   1.00 18.48 ? 239 HOH A O   1 
HETATM 903 O  O   . HOH B 2 .   ? -7.546  -4.835  -17.868 1.00 15.62 ? 240 HOH A O   1 
HETATM 904 O  O   . HOH B 2 .   ? -0.465  8.611   -11.010 1.00 16.08 ? 241 HOH A O   1 
HETATM 905 O  O   . HOH B 2 .   ? 11.108  2.994   8.247   1.00 21.93 ? 242 HOH A O   1 
HETATM 906 O  O   . HOH B 2 .   ? -11.583 12.193  -3.046  1.00 20.45 ? 243 HOH A O   1 
HETATM 907 O  O   . HOH B 2 .   ? -1.173  10.200  -14.271 1.00 22.91 ? 244 HOH A O   1 
HETATM 908 O  O   . HOH B 2 .   ? -10.042 -5.877  -1.390  1.00 17.47 ? 246 HOH A O   1 
HETATM 909 O  O   . HOH B 2 .   ? 3.973   -7.958  -9.564  1.00 17.33 ? 247 HOH A O   1 
HETATM 910 O  O   . HOH B 2 .   ? -12.359 -5.003  -12.850 1.00 25.43 ? 248 HOH A O   1 
HETATM 911 O  O   . HOH B 2 .   ? -1.682  14.190  -1.506  1.00 24.07 ? 249 HOH A O   1 
HETATM 912 O  O   . HOH B 2 .   ? -12.103 3.451   -11.346 1.00 19.37 ? 250 HOH A O   1 
HETATM 913 O  O   . HOH B 2 .   ? 6.056   -0.794  -0.079  1.00 20.02 ? 251 HOH A O   1 
HETATM 914 O  O   . HOH B 2 .   ? 2.532   -9.645  8.354   1.00 27.34 ? 252 HOH A O   1 
HETATM 915 O  O   . HOH B 2 .   ? 0.049   6.320   17.900  1.00 15.07 ? 254 HOH A O   1 
HETATM 916 O  O   . HOH B 2 .   ? -6.881  5.620   7.269   1.00 12.62 ? 255 HOH A O   1 
HETATM 917 O  O   . HOH B 2 .   ? -10.058 12.967  1.466   1.00 28.37 ? 256 HOH A O   1 
HETATM 918 O  O   . HOH B 2 .   ? 4.478   -6.414  -7.284  1.00 19.67 ? 257 HOH A O   1 
HETATM 919 O  O   . HOH B 2 .   ? 12.345  4.200   -4.381  1.00 40.44 ? 258 HOH A O   1 
HETATM 920 O  O   . HOH B 2 .   ? 11.018  0.363   11.419  1.00 29.72 ? 259 HOH A O   1 
HETATM 921 O  O   . HOH B 2 .   ? 9.727   3.454   -4.364  1.00 28.17 ? 260 HOH A O   1 
HETATM 922 O  O   . HOH B 2 .   ? 7.199   -0.574  9.780   1.00 19.38 ? 261 HOH A O   1 
HETATM 923 O  O   . HOH B 2 .   ? -7.662  -2.366  -20.034 1.00 28.95 ? 262 HOH A O   1 
HETATM 924 O  O   . HOH B 2 .   ? -11.635 9.860   -1.678  1.00 19.16 ? 265 HOH A O   1 
HETATM 925 O  O   . HOH B 2 .   ? -11.166 3.839   -0.669  1.00 22.81 ? 266 HOH A O   1 
HETATM 926 O  O   . HOH B 2 .   ? -10.236 -9.535  3.156   1.00 13.12 ? 267 HOH A O   1 
HETATM 927 O  O   . HOH B 2 .   ? -1.915  12.541  -15.984 1.00 27.36 ? 269 HOH A O   1 
HETATM 928 O  O   . HOH B 2 .   ? -3.694  12.354  -13.211 1.00 30.07 ? 270 HOH A O   1 
HETATM 929 O  O   . HOH B 2 .   ? 4.139   -8.321  11.705  1.00 21.38 ? 271 HOH A O   1 
HETATM 930 O  O   . HOH B 2 .   ? -9.193  -6.957  2.769   1.00 14.56 ? 272 HOH A O   1 
HETATM 931 O  O   . HOH B 2 .   ? -1.690  -9.991  12.135  1.00 18.35 ? 273 HOH A O   1 
HETATM 932 O  O   . HOH B 2 .   ? -16.281 -8.572  5.252   1.00 20.70 ? 274 HOH A O   1 
HETATM 933 O  O   . HOH B 2 .   ? -8.310  15.652  -1.965  1.00 22.98 ? 275 HOH A O   1 
HETATM 934 O  O   . HOH B 2 .   ? -8.813  8.581   4.700   1.00 21.92 ? 276 HOH A O   1 
HETATM 935 O  O   . HOH B 2 .   ? 13.920  2.397   1.720   1.00 19.68 ? 277 HOH A O   1 
HETATM 936 O  O   . HOH B 2 .   ? -6.968  9.956   -13.435 1.00 27.16 ? 301 HOH A O   1 
HETATM 937 O  O   . HOH B 2 .   ? 6.215   -6.967  6.261   1.00 30.14 ? 302 HOH A O   1 
HETATM 938 O  O   . HOH B 2 .   ? -12.814 12.379  -7.448  1.00 38.61 ? 304 HOH A O   1 
HETATM 939 O  O   . HOH B 2 .   ? 9.344   5.245   11.847  1.00 24.84 ? 305 HOH A O   1 
HETATM 940 O  O   . HOH B 2 .   ? 7.730   -2.053  7.443   1.00 23.93 ? 306 HOH A O   1 
HETATM 941 O  O   . HOH B 2 .   ? -12.285 1.727   14.979  1.00 24.49 ? 307 HOH A O   1 
HETATM 942 O  O   . HOH B 2 .   ? 6.290   8.932   -10.156 1.00 26.15 ? 308 HOH A O   1 
HETATM 943 O  O   . HOH B 2 .   ? -13.755 6.149   -2.899  1.00 41.55 ? 309 HOH A O   1 
HETATM 944 O  O   . HOH B 2 .   ? 5.227   -10.314 -16.006 1.00 29.48 ? 310 HOH A O   1 
# 
